data_5U1R
#
_entry.id   5U1R
#
_cell.length_a   212.571
_cell.length_b   69.650
_cell.length_c   142.850
_cell.angle_alpha   90.000
_cell.angle_beta   103.380
_cell.angle_gamma   90.000
#
_symmetry.space_group_name_H-M   'C 1 2 1'
#
loop_
_entity.id
_entity.type
_entity.pdbx_description
1 polymer 'Major histocompatibility complex class I-related gene protein'
2 polymer 'MAIT T-cell receptor alpha chain'
3 polymer 'MAIT T-cell receptor beta chain'
4 polymer Beta-2-microglobulin
5 non-polymer 'SODIUM ION'
6 non-polymer 'ACETATE ION'
7 non-polymer GLYCEROL
8 non-polymer '2-[2,6-DICHLOROPHENYL)AMINO]BENZENEACETIC ACID'
9 water water
#
loop_
_entity_poly.entity_id
_entity_poly.type
_entity_poly.pdbx_seq_one_letter_code
_entity_poly.pdbx_strand_id
1 'polypeptide(L)'
;MRTHSLRYFRLGVSDPIHGVPEFISVGYVDSHPITTYDSVTRQKEPRAPWMAENLAPDHWERYTQLLRGWQQMFKVELKR
LQRHYNHSGSHTYQRMIGCELLEDGSTTGFLQYAYDGQDFLIFNKDTLSWLAVDNVAHTIKQAWEANQHELLYQKNWLEE
ECIAWLKRFLEYGKDTLQRTEPPLVRVNRKETFPGVTALFCKAHGFYPPEIYMTWMKNGEEIVQEIDYGDILPSGDGTYQ
AWASIELDPQSSNLYSCHVEHSGVHMVLQVP
;
C,A
2 'polypeptide(L)'
;GQNIDQPTEMTATEGAIVQINCTYQTSGFNGLFWYQQHAGEAPTFLSYNVLDGLEEKGRFSSFLSRSKGYSYLLLKELQM
KDSASYLCAVKDSNYQLIWGAGTKLIIKPDIQNPDPAVYQLRDSKSSDKSVCLFTDFDSQTNVSQSKDSDVYITDKCVLD
MRSMDFKSNSAVAWSNKSDFACANAFNNSIIPEDTFFPSPESS
;
D,B
3 'polypeptide(L)'
;NAGVTQTPKFQVLKTGQSMTLQCAQDMNHNSMYWYRQDPGMGLRLIYYSASEGTTDKGEVPNGYNVSRLNKREFSLRLES
AAPSQTSVYFCASSVWTGEGSGELFFGEGSRLTVLEDLKNVFPPEVAVFEPSEAEISHTQKATLVCLATGFYPDHVELSW
WVNGKEVHSGVCTDPQPLKEQPALNDSRYALSSRLRVSATFWQNPRNHFRCQVQFYGLSENDEWTQDRAKPVTQIVSAEA
WGRAD
;
E,G
4 'polypeptide(L)'
;MIQRTPKIQVYSRHPAENGKSNFLNCYVSGFHPSDIEVDLLKNGERIEKVEHSDLSFSKDWSFYLLYYTEFTPTEKDEYA
CRVNHVTLSQPKIVKWDRDM
;
F,H
#
# COMPACT_ATOMS: atom_id res chain seq x y z
N MET A 1 -25.46 59.27 -17.71
CA MET A 1 -26.63 58.40 -17.80
C MET A 1 -27.66 58.75 -16.72
N ARG A 2 -28.75 57.99 -16.71
CA ARG A 2 -29.79 58.14 -15.70
C ARG A 2 -29.40 57.39 -14.44
N THR A 3 -30.39 57.16 -13.59
CA THR A 3 -30.21 56.26 -12.46
C THR A 3 -30.49 54.83 -12.92
N HIS A 4 -29.47 53.97 -12.85
CA HIS A 4 -29.63 52.57 -13.21
C HIS A 4 -29.44 51.69 -11.99
N SER A 5 -30.21 50.60 -11.93
CA SER A 5 -30.11 49.70 -10.79
C SER A 5 -30.01 48.24 -11.22
N LEU A 6 -29.13 47.51 -10.53
CA LEU A 6 -29.08 46.06 -10.63
C LEU A 6 -29.64 45.51 -9.33
N ARG A 7 -30.60 44.59 -9.40
CA ARG A 7 -31.09 43.98 -8.17
C ARG A 7 -31.49 42.52 -8.38
N TYR A 8 -31.00 41.66 -7.48
CA TYR A 8 -31.25 40.23 -7.55
C TYR A 8 -32.17 39.79 -6.41
N PHE A 9 -33.25 39.09 -6.77
CA PHE A 9 -34.23 38.62 -5.79
C PHE A 9 -34.18 37.12 -5.60
N ARG A 10 -34.40 36.68 -4.36
CA ARG A 10 -34.50 35.26 -4.06
C ARG A 10 -35.73 35.01 -3.19
N LEU A 11 -36.54 34.03 -3.59
CA LEU A 11 -37.73 33.68 -2.82
C LEU A 11 -37.69 32.24 -2.33
N GLY A 12 -38.00 32.04 -1.06
CA GLY A 12 -38.09 30.72 -0.49
C GLY A 12 -39.45 30.49 0.14
N VAL A 13 -40.14 29.44 -0.30
CA VAL A 13 -41.42 29.07 0.29
C VAL A 13 -41.35 27.69 0.93
N SER A 14 -41.77 27.62 2.19
CA SER A 14 -41.68 26.38 2.97
C SER A 14 -42.49 25.18 2.43
N ASP A 15 -43.80 25.32 2.29
CA ASP A 15 -44.66 24.25 1.86
C ASP A 15 -45.27 24.67 0.56
N PRO A 16 -44.56 24.53 -0.51
CA PRO A 16 -45.10 24.99 -1.78
C PRO A 16 -46.28 24.12 -2.18
N ILE A 17 -47.39 24.76 -2.54
CA ILE A 17 -48.59 24.04 -2.93
C ILE A 17 -48.52 23.60 -4.40
N HIS A 18 -48.91 22.36 -4.64
CA HIS A 18 -48.98 21.79 -5.98
C HIS A 18 -47.68 21.96 -6.78
N GLY A 19 -47.77 22.66 -7.90
CA GLY A 19 -46.65 22.84 -8.80
C GLY A 19 -45.85 24.11 -8.58
N VAL A 20 -46.06 24.76 -7.44
CA VAL A 20 -45.29 25.95 -7.08
C VAL A 20 -43.90 25.55 -6.61
N PRO A 21 -42.85 26.18 -7.17
CA PRO A 21 -41.47 25.93 -6.74
C PRO A 21 -41.21 26.38 -5.30
N GLU A 22 -40.22 25.79 -4.64
CA GLU A 22 -39.91 26.18 -3.28
C GLU A 22 -38.78 27.22 -3.26
N PHE A 23 -38.09 27.37 -4.39
CA PHE A 23 -37.04 28.36 -4.51
C PHE A 23 -37.03 29.04 -5.89
N ILE A 24 -36.98 30.37 -5.88
CA ILE A 24 -36.91 31.15 -7.11
C ILE A 24 -35.84 32.23 -6.99
N SER A 25 -35.11 32.49 -8.08
CA SER A 25 -34.15 33.58 -8.13
C SER A 25 -34.18 34.29 -9.48
N VAL A 26 -34.43 35.60 -9.45
CA VAL A 26 -34.49 36.39 -10.68
C VAL A 26 -33.62 37.64 -10.55
N GLY A 27 -32.93 37.99 -11.64
CA GLY A 27 -32.13 39.20 -11.68
C GLY A 27 -32.73 40.28 -12.56
N TYR A 28 -32.55 41.54 -12.15
CA TYR A 28 -33.06 42.68 -12.90
C TYR A 28 -32.00 43.74 -13.11
N VAL A 29 -31.90 44.25 -14.34
CA VAL A 29 -31.30 45.55 -14.56
C VAL A 29 -32.45 46.50 -14.83
N ASP A 30 -32.60 47.50 -13.95
CA ASP A 30 -33.76 48.39 -13.96
C ASP A 30 -35.05 47.60 -13.86
N SER A 31 -35.87 47.66 -14.89
CA SER A 31 -37.17 47.00 -14.87
C SER A 31 -37.18 45.74 -15.72
N HIS A 32 -36.01 45.38 -16.26
CA HIS A 32 -35.89 44.23 -17.15
C HIS A 32 -35.35 42.99 -16.45
N PRO A 33 -36.07 41.87 -16.57
CA PRO A 33 -35.53 40.59 -16.10
C PRO A 33 -34.36 40.15 -16.98
N ILE A 34 -33.28 39.66 -16.37
CA ILE A 34 -32.11 39.28 -17.15
C ILE A 34 -31.73 37.81 -16.98
N THR A 35 -31.90 37.29 -15.77
CA THR A 35 -31.55 35.91 -15.45
C THR A 35 -32.61 35.29 -14.55
N THR A 36 -32.87 34.00 -14.71
CA THR A 36 -33.84 33.33 -13.85
C THR A 36 -33.41 31.91 -13.44
N TYR A 37 -33.92 31.49 -12.29
CA TYR A 37 -33.65 30.16 -11.75
C TYR A 37 -34.79 29.77 -10.81
N ASP A 38 -35.31 28.56 -10.97
CA ASP A 38 -36.29 28.04 -10.03
C ASP A 38 -35.90 26.62 -9.59
N SER A 39 -36.58 26.12 -8.57
CA SER A 39 -36.24 24.83 -7.99
C SER A 39 -36.65 23.66 -8.89
N VAL A 40 -37.33 23.96 -9.99
CA VAL A 40 -37.78 22.91 -10.91
C VAL A 40 -36.81 22.73 -12.08
N THR A 41 -36.41 23.83 -12.71
CA THR A 41 -35.45 23.75 -13.81
C THR A 41 -34.06 23.44 -13.28
N ARG A 42 -33.74 24.02 -12.13
CA ARG A 42 -32.41 23.91 -11.51
C ARG A 42 -31.30 24.32 -12.47
N GLN A 43 -31.60 25.30 -13.32
CA GLN A 43 -30.64 25.88 -14.24
C GLN A 43 -30.75 27.40 -14.20
N LYS A 44 -29.65 28.10 -14.45
CA LYS A 44 -29.69 29.56 -14.56
C LYS A 44 -29.77 29.95 -16.03
N GLU A 45 -30.88 30.54 -16.43
CA GLU A 45 -31.15 30.80 -17.84
C GLU A 45 -31.35 32.28 -18.12
N PRO A 46 -30.97 32.74 -19.31
CA PRO A 46 -31.16 34.14 -19.69
C PRO A 46 -32.63 34.49 -19.82
N ARG A 47 -32.99 35.74 -19.53
CA ARG A 47 -34.36 36.20 -19.72
C ARG A 47 -34.36 37.42 -20.65
N ALA A 48 -33.18 37.78 -21.13
CA ALA A 48 -33.03 38.83 -22.13
C ALA A 48 -32.09 38.37 -23.23
N PRO A 49 -32.40 38.70 -24.49
CA PRO A 49 -31.58 38.28 -25.63
C PRO A 49 -30.15 38.78 -25.54
N TRP A 50 -29.95 39.99 -25.02
CA TRP A 50 -28.61 40.56 -24.94
C TRP A 50 -27.80 39.98 -23.76
N MET A 51 -28.46 39.15 -22.95
CA MET A 51 -27.75 38.44 -21.89
C MET A 51 -27.23 37.11 -22.42
N ALA A 52 -28.08 36.40 -23.16
CA ALA A 52 -27.73 35.13 -23.78
C ALA A 52 -26.65 35.34 -24.84
N GLU A 53 -26.65 36.52 -25.44
CA GLU A 53 -25.72 36.85 -26.52
C GLU A 53 -24.30 37.11 -26.02
N ASN A 54 -24.18 37.71 -24.83
CA ASN A 54 -22.89 38.21 -24.36
C ASN A 54 -22.22 37.38 -23.28
N LEU A 55 -22.94 36.42 -22.71
CA LEU A 55 -22.36 35.60 -21.65
C LEU A 55 -22.16 34.15 -22.11
N ALA A 56 -20.90 33.73 -22.11
CA ALA A 56 -20.50 32.40 -22.52
C ALA A 56 -21.14 31.32 -21.65
N PRO A 57 -21.30 30.10 -22.19
CA PRO A 57 -21.86 28.97 -21.43
C PRO A 57 -21.19 28.78 -20.07
N ASP A 58 -19.90 29.12 -19.98
CA ASP A 58 -19.14 29.08 -18.74
C ASP A 58 -19.90 29.78 -17.61
N HIS A 59 -20.41 30.96 -17.91
CA HIS A 59 -21.15 31.77 -16.96
C HIS A 59 -22.39 31.06 -16.43
N TRP A 60 -23.20 30.53 -17.36
CA TRP A 60 -24.45 29.89 -16.99
C TRP A 60 -24.21 28.57 -16.26
N GLU A 61 -23.15 27.87 -16.65
CA GLU A 61 -22.80 26.62 -15.98
C GLU A 61 -22.30 26.87 -14.56
N ARG A 62 -21.55 27.95 -14.39
CA ARG A 62 -20.99 28.30 -13.09
C ARG A 62 -22.06 28.72 -12.09
N TYR A 63 -22.98 29.58 -12.53
CA TYR A 63 -24.00 30.12 -11.64
C TYR A 63 -25.17 29.15 -11.41
N THR A 64 -25.31 28.18 -12.31
CA THR A 64 -26.27 27.10 -12.08
C THR A 64 -25.90 26.33 -10.82
N GLN A 65 -24.62 26.00 -10.69
CA GLN A 65 -24.13 25.27 -9.52
C GLN A 65 -24.35 26.06 -8.23
N LEU A 66 -24.04 27.35 -8.26
CA LEU A 66 -24.14 28.19 -7.07
C LEU A 66 -25.58 28.32 -6.57
N LEU A 67 -26.52 28.41 -7.51
CA LEU A 67 -27.92 28.62 -7.13
C LEU A 67 -28.53 27.35 -6.55
N ARG A 68 -28.04 26.20 -7.00
CA ARG A 68 -28.44 24.91 -6.42
C ARG A 68 -28.06 24.86 -4.94
N GLY A 69 -26.91 25.42 -4.61
CA GLY A 69 -26.47 25.50 -3.23
C GLY A 69 -27.32 26.47 -2.42
N TRP A 70 -27.68 27.59 -3.03
CA TRP A 70 -28.50 28.60 -2.35
C TRP A 70 -29.91 28.09 -2.08
N GLN A 71 -30.44 27.29 -3.01
CA GLN A 71 -31.71 26.60 -2.80
C GLN A 71 -31.67 25.79 -1.51
N GLN A 72 -30.55 25.10 -1.27
CA GLN A 72 -30.35 24.31 -0.06
C GLN A 72 -30.27 25.19 1.17
N MET A 73 -29.40 26.19 1.12
CA MET A 73 -29.14 27.06 2.26
C MET A 73 -30.37 27.83 2.71
N PHE A 74 -31.21 28.20 1.75
CA PHE A 74 -32.42 28.95 2.04
C PHE A 74 -33.49 28.05 2.63
N LYS A 75 -33.54 26.81 2.17
CA LYS A 75 -34.47 25.82 2.69
C LYS A 75 -34.13 25.50 4.14
N VAL A 76 -32.87 25.70 4.51
CA VAL A 76 -32.42 25.37 5.87
C VAL A 76 -32.66 26.51 6.86
N GLU A 77 -32.45 27.75 6.44
CA GLU A 77 -32.62 28.87 7.36
C GLU A 77 -34.07 29.33 7.41
N LEU A 78 -34.86 28.88 6.43
CA LEU A 78 -36.30 29.07 6.50
C LEU A 78 -36.87 28.19 7.61
N LYS A 79 -36.22 27.04 7.82
CA LYS A 79 -36.58 26.06 8.86
C LYS A 79 -36.26 26.69 10.24
N ARG A 80 -35.04 27.23 10.40
CA ARG A 80 -34.59 27.80 11.67
C ARG A 80 -35.42 29.02 12.06
N LEU A 81 -35.76 29.85 11.08
CA LEU A 81 -36.64 30.98 11.32
C LEU A 81 -38.00 30.51 11.81
N GLN A 82 -38.56 29.56 11.08
CA GLN A 82 -39.88 29.02 11.35
C GLN A 82 -39.98 28.29 12.68
N ARG A 83 -38.83 27.92 13.23
CA ARG A 83 -38.81 27.26 14.52
C ARG A 83 -38.74 28.31 15.62
N HIS A 84 -38.01 29.39 15.34
CA HIS A 84 -37.83 30.46 16.32
C HIS A 84 -39.12 31.23 16.52
N TYR A 85 -39.84 31.47 15.42
CA TYR A 85 -41.13 32.13 15.48
C TYR A 85 -42.21 31.21 16.03
N ASN A 86 -41.91 29.91 16.04
CA ASN A 86 -42.90 28.87 16.36
C ASN A 86 -44.06 28.94 15.37
N HIS A 87 -43.72 29.06 14.09
CA HIS A 87 -44.73 29.25 13.05
C HIS A 87 -45.03 27.98 12.30
N SER A 88 -46.30 27.59 12.25
CA SER A 88 -46.73 26.40 11.51
C SER A 88 -47.04 26.73 10.05
N GLY A 89 -47.29 25.70 9.24
CA GLY A 89 -47.77 25.89 7.89
C GLY A 89 -46.84 26.66 6.95
N SER A 90 -47.41 27.59 6.19
CA SER A 90 -46.63 28.28 5.17
C SER A 90 -46.03 29.63 5.50
N HIS A 91 -44.74 29.75 5.26
CA HIS A 91 -44.14 31.07 5.38
C HIS A 91 -43.07 31.25 4.32
N THR A 92 -42.80 32.51 4.04
CA THR A 92 -41.88 32.88 2.97
C THR A 92 -40.64 33.52 3.55
N TYR A 93 -39.59 33.51 2.75
CA TYR A 93 -38.31 34.08 3.12
C TYR A 93 -37.68 34.68 1.88
N GLN A 94 -37.44 35.99 1.91
CA GLN A 94 -36.94 36.67 0.72
C GLN A 94 -35.60 37.36 0.96
N ARG A 95 -34.87 37.56 -0.13
CA ARG A 95 -33.61 38.29 -0.09
C ARG A 95 -33.47 39.21 -1.30
N MET A 96 -33.06 40.45 -1.06
CA MET A 96 -32.80 41.38 -2.13
C MET A 96 -31.42 42.00 -1.96
N ILE A 97 -30.60 41.90 -3.00
CA ILE A 97 -29.28 42.51 -3.01
C ILE A 97 -29.18 43.35 -4.28
N GLY A 98 -28.39 44.42 -4.25
CA GLY A 98 -28.24 45.21 -5.46
C GLY A 98 -27.56 46.56 -5.36
N CYS A 99 -27.45 47.22 -6.51
CA CYS A 99 -26.79 48.51 -6.60
C CYS A 99 -27.70 49.52 -7.28
N GLU A 100 -27.33 50.79 -7.15
CA GLU A 100 -27.88 51.85 -7.98
C GLU A 100 -26.74 52.74 -8.44
N LEU A 101 -26.72 53.05 -9.73
CA LEU A 101 -25.74 53.99 -10.25
C LEU A 101 -26.44 55.30 -10.62
N LEU A 102 -26.31 56.29 -9.75
CA LEU A 102 -27.00 57.56 -9.93
C LEU A 102 -26.34 58.39 -11.04
N GLU A 103 -27.10 59.36 -11.56
CA GLU A 103 -26.64 60.20 -12.65
C GLU A 103 -25.41 61.01 -12.26
N ASP A 104 -25.45 61.58 -11.07
CA ASP A 104 -24.37 62.44 -10.57
C ASP A 104 -23.06 61.71 -10.33
N GLY A 105 -23.09 60.38 -10.41
CA GLY A 105 -21.88 59.58 -10.25
C GLY A 105 -21.81 58.81 -8.95
N SER A 106 -22.70 59.15 -8.03
CA SER A 106 -22.76 58.47 -6.74
C SER A 106 -23.39 57.09 -6.88
N THR A 107 -23.28 56.27 -5.83
CA THR A 107 -23.83 54.93 -5.86
C THR A 107 -24.55 54.60 -4.56
N THR A 108 -25.44 53.63 -4.62
CA THR A 108 -26.06 53.08 -3.42
C THR A 108 -25.96 51.56 -3.45
N GLY A 109 -25.81 50.96 -2.27
CA GLY A 109 -25.78 49.51 -2.15
C GLY A 109 -26.77 49.10 -1.09
N PHE A 110 -27.39 47.94 -1.28
CA PHE A 110 -28.40 47.47 -0.34
C PHE A 110 -28.51 45.96 -0.34
N LEU A 111 -28.66 45.39 0.85
CA LEU A 111 -28.88 43.96 1.02
C LEU A 111 -29.86 43.73 2.15
N GLN A 112 -30.99 43.11 1.85
CA GLN A 112 -32.05 42.93 2.82
C GLN A 112 -32.62 41.52 2.80
N TYR A 113 -33.11 41.08 3.95
CA TYR A 113 -33.81 39.81 4.06
C TYR A 113 -35.21 40.06 4.57
N ALA A 114 -36.16 39.22 4.17
CA ALA A 114 -37.55 39.40 4.56
C ALA A 114 -38.20 38.09 4.99
N TYR A 115 -39.13 38.20 5.93
CA TYR A 115 -39.93 37.07 6.37
C TYR A 115 -41.41 37.39 6.25
N ASP A 116 -42.13 36.58 5.47
CA ASP A 116 -43.56 36.78 5.20
C ASP A 116 -43.85 38.14 4.58
N GLY A 117 -42.92 38.63 3.77
CA GLY A 117 -43.10 39.87 3.05
C GLY A 117 -42.87 41.12 3.89
N GLN A 118 -42.33 40.93 5.09
CA GLN A 118 -42.01 42.05 5.96
C GLN A 118 -40.50 42.14 6.11
N ASP A 119 -40.00 43.36 6.34
CA ASP A 119 -38.58 43.55 6.62
C ASP A 119 -38.15 42.65 7.77
N PHE A 120 -36.96 42.08 7.65
CA PHE A 120 -36.47 41.13 8.64
C PHE A 120 -35.04 41.48 9.06
N LEU A 121 -34.18 41.71 8.07
CA LEU A 121 -32.79 42.11 8.32
C LEU A 121 -32.32 43.04 7.22
N ILE A 122 -31.82 44.20 7.62
CA ILE A 122 -31.33 45.20 6.67
C ILE A 122 -29.86 45.50 6.94
N PHE A 123 -29.03 45.41 5.90
CA PHE A 123 -27.60 45.63 6.04
C PHE A 123 -27.23 47.09 5.86
N ASN A 124 -26.37 47.58 6.74
CA ASN A 124 -25.81 48.92 6.61
C ASN A 124 -24.32 48.84 6.33
N LYS A 125 -23.95 48.97 5.06
CA LYS A 125 -22.56 48.83 4.64
C LYS A 125 -21.69 49.99 5.13
N ASP A 126 -22.33 51.08 5.57
CA ASP A 126 -21.60 52.26 6.02
C ASP A 126 -21.28 52.18 7.51
N THR A 127 -22.01 51.35 8.24
CA THR A 127 -21.73 51.12 9.66
C THR A 127 -21.32 49.68 9.91
N LEU A 128 -21.39 48.86 8.85
CA LEU A 128 -21.05 47.45 8.90
C LEU A 128 -21.86 46.71 9.96
N SER A 129 -23.16 46.99 9.99
CA SER A 129 -24.02 46.38 10.99
C SER A 129 -25.32 45.89 10.37
N TRP A 130 -26.01 45.01 11.09
CA TRP A 130 -27.30 44.51 10.64
C TRP A 130 -28.43 45.02 11.53
N LEU A 131 -29.46 45.58 10.91
CA LEU A 131 -30.63 46.06 11.65
C LEU A 131 -31.67 44.94 11.76
N ALA A 132 -32.12 44.68 12.98
CA ALA A 132 -33.12 43.64 13.21
C ALA A 132 -34.45 44.25 13.58
N VAL A 133 -35.53 43.72 13.00
CA VAL A 133 -36.88 44.24 13.25
C VAL A 133 -37.53 43.55 14.45
N ASP A 134 -37.03 42.36 14.78
CA ASP A 134 -37.52 41.63 15.96
C ASP A 134 -36.39 40.82 16.58
N ASN A 135 -36.72 40.00 17.57
CA ASN A 135 -35.71 39.27 18.33
C ASN A 135 -35.28 37.95 17.67
N VAL A 136 -36.13 37.42 16.82
CA VAL A 136 -35.73 36.29 15.99
C VAL A 136 -34.61 36.74 15.06
N ALA A 137 -34.84 37.90 14.44
CA ALA A 137 -33.85 38.54 13.58
C ALA A 137 -32.62 38.97 14.36
N HIS A 138 -32.84 39.44 15.59
CA HIS A 138 -31.75 39.87 16.46
C HIS A 138 -30.82 38.71 16.79
N THR A 139 -31.39 37.51 16.94
CA THR A 139 -30.60 36.31 17.17
C THR A 139 -29.70 35.99 15.99
N ILE A 140 -30.25 36.08 14.79
CA ILE A 140 -29.47 35.84 13.57
C ILE A 140 -28.39 36.90 13.40
N LYS A 141 -28.76 38.15 13.71
CA LYS A 141 -27.85 39.29 13.64
C LYS A 141 -26.57 39.10 14.45
N GLN A 142 -26.73 38.66 15.70
CA GLN A 142 -25.61 38.49 16.62
C GLN A 142 -24.56 37.51 16.11
N ALA A 143 -25.00 36.51 15.37
CA ALA A 143 -24.09 35.53 14.78
C ALA A 143 -23.37 36.10 13.56
N TRP A 144 -24.14 36.78 12.71
CA TRP A 144 -23.60 37.38 11.50
C TRP A 144 -22.57 38.47 11.77
N GLU A 145 -22.82 39.28 12.80
CA GLU A 145 -21.95 40.41 13.12
C GLU A 145 -20.67 39.97 13.81
N ALA A 146 -20.65 38.74 14.30
CA ALA A 146 -19.47 38.19 14.96
C ALA A 146 -18.43 37.78 13.93
N ASN A 147 -18.87 37.67 12.68
CA ASN A 147 -17.99 37.33 11.56
C ASN A 147 -17.74 38.56 10.69
N GLN A 148 -16.84 39.44 11.14
CA GLN A 148 -16.67 40.72 10.48
C GLN A 148 -15.97 40.59 9.13
N HIS A 149 -15.30 39.46 8.90
CA HIS A 149 -14.75 39.19 7.56
C HIS A 149 -15.90 39.09 6.56
N GLU A 150 -17.00 38.48 7.00
CA GLU A 150 -18.19 38.34 6.16
C GLU A 150 -18.83 39.69 5.88
N LEU A 151 -18.89 40.53 6.91
CA LEU A 151 -19.45 41.87 6.78
C LEU A 151 -18.62 42.72 5.82
N LEU A 152 -17.31 42.71 6.03
CA LEU A 152 -16.39 43.44 5.16
C LEU A 152 -16.51 42.98 3.71
N TYR A 153 -16.76 41.68 3.53
CA TYR A 153 -16.96 41.12 2.20
C TYR A 153 -18.17 41.76 1.52
N GLN A 154 -19.29 41.81 2.24
CA GLN A 154 -20.53 42.35 1.69
C GLN A 154 -20.39 43.83 1.31
N LYS A 155 -19.72 44.60 2.15
CA LYS A 155 -19.46 46.00 1.86
C LYS A 155 -18.70 46.15 0.55
N ASN A 156 -17.63 45.38 0.39
CA ASN A 156 -16.83 45.44 -0.83
C ASN A 156 -17.61 45.02 -2.07
N TRP A 157 -18.47 44.01 -1.92
CA TRP A 157 -19.21 43.52 -3.08
C TRP A 157 -20.25 44.54 -3.54
N LEU A 158 -21.00 45.06 -2.58
CA LEU A 158 -22.04 46.04 -2.87
C LEU A 158 -21.48 47.32 -3.51
N GLU A 159 -20.28 47.72 -3.08
CA GLU A 159 -19.72 49.00 -3.50
C GLU A 159 -18.83 48.93 -4.74
N GLU A 160 -18.29 47.75 -5.03
CA GLU A 160 -17.38 47.62 -6.17
C GLU A 160 -17.86 46.59 -7.19
N GLU A 161 -18.08 45.36 -6.73
CA GLU A 161 -18.39 44.25 -7.61
C GLU A 161 -19.78 44.38 -8.24
N CYS A 162 -20.76 44.75 -7.44
CA CYS A 162 -22.12 44.91 -7.95
C CYS A 162 -22.14 46.03 -9.00
N ILE A 163 -21.55 47.17 -8.66
CA ILE A 163 -21.49 48.31 -9.57
C ILE A 163 -20.81 47.90 -10.88
N ALA A 164 -19.78 47.07 -10.77
CA ALA A 164 -19.04 46.61 -11.93
C ALA A 164 -19.90 45.72 -12.82
N TRP A 165 -20.67 44.84 -12.19
CA TRP A 165 -21.64 44.01 -12.92
C TRP A 165 -22.64 44.89 -13.68
N LEU A 166 -23.14 45.91 -13.00
CA LEU A 166 -24.15 46.79 -13.57
C LEU A 166 -23.66 47.51 -14.81
N LYS A 167 -22.46 48.09 -14.73
CA LYS A 167 -21.86 48.75 -15.88
C LYS A 167 -21.69 47.77 -17.04
N ARG A 168 -21.33 46.54 -16.69
CA ARG A 168 -21.14 45.48 -17.67
C ARG A 168 -22.44 45.16 -18.40
N PHE A 169 -23.54 45.08 -17.66
CA PHE A 169 -24.84 44.74 -18.25
C PHE A 169 -25.45 45.93 -19.00
N LEU A 170 -25.23 47.13 -18.48
CA LEU A 170 -25.73 48.34 -19.13
C LEU A 170 -25.21 48.47 -20.55
N GLU A 171 -24.00 47.94 -20.79
CA GLU A 171 -23.44 48.00 -22.14
C GLU A 171 -23.94 46.84 -22.99
N TYR A 172 -24.19 45.69 -22.36
CA TYR A 172 -24.77 44.54 -23.06
C TYR A 172 -26.15 44.90 -23.61
N GLY A 173 -26.95 45.58 -22.79
CA GLY A 173 -28.29 45.94 -23.18
C GLY A 173 -28.46 47.42 -23.43
N LYS A 174 -27.42 48.05 -23.98
CA LYS A 174 -27.42 49.48 -24.23
C LYS A 174 -28.57 49.93 -25.13
N ASP A 175 -28.81 49.18 -26.20
CA ASP A 175 -29.86 49.49 -27.17
C ASP A 175 -31.26 49.50 -26.55
N THR A 176 -31.38 48.90 -25.36
CA THR A 176 -32.65 48.82 -24.67
C THR A 176 -32.66 49.67 -23.40
N LEU A 177 -31.64 49.50 -22.58
CA LEU A 177 -31.60 50.10 -21.25
C LEU A 177 -31.34 51.60 -21.26
N GLN A 178 -30.70 52.08 -22.33
CA GLN A 178 -30.26 53.48 -22.38
C GLN A 178 -30.91 54.28 -23.50
N ARG A 179 -32.01 53.75 -24.04
CA ARG A 179 -32.75 54.45 -25.07
C ARG A 179 -33.80 55.35 -24.43
N THR A 180 -34.27 56.36 -25.16
CA THR A 180 -35.39 57.16 -24.68
C THR A 180 -36.54 57.13 -25.65
N GLU A 181 -37.72 56.76 -25.17
CA GLU A 181 -38.94 56.93 -25.93
C GLU A 181 -39.84 57.91 -25.19
N PRO A 182 -40.01 59.11 -25.76
CA PRO A 182 -40.82 60.19 -25.17
C PRO A 182 -42.30 59.81 -25.06
N PRO A 183 -42.99 60.33 -24.03
CA PRO A 183 -44.41 60.04 -23.76
C PRO A 183 -45.39 60.79 -24.67
N LEU A 184 -46.52 60.15 -24.94
CA LEU A 184 -47.63 60.79 -25.63
C LEU A 184 -48.68 61.24 -24.63
N VAL A 185 -48.84 62.55 -24.47
CA VAL A 185 -49.71 63.10 -23.44
C VAL A 185 -50.97 63.77 -24.01
N ARG A 186 -52.13 63.43 -23.45
CA ARG A 186 -53.39 64.05 -23.84
C ARG A 186 -54.23 64.36 -22.60
N VAL A 187 -55.26 65.18 -22.78
CA VAL A 187 -56.13 65.53 -21.66
C VAL A 187 -57.59 65.17 -21.93
N ASN A 188 -58.14 64.31 -21.07
CA ASN A 188 -59.54 63.88 -21.18
C ASN A 188 -60.42 64.51 -20.09
N ARG A 189 -61.74 64.42 -20.29
CA ARG A 189 -62.70 65.01 -19.37
C ARG A 189 -63.72 64.02 -18.84
N LYS A 190 -64.06 64.15 -17.56
CA LYS A 190 -65.19 63.43 -16.99
C LYS A 190 -65.76 64.18 -15.77
N ALA A 198 -63.54 65.81 -14.29
CA ALA A 198 -62.17 65.84 -13.82
C ALA A 198 -61.28 65.79 -15.07
N LEU A 199 -60.19 66.54 -15.06
CA LEU A 199 -59.26 66.48 -16.19
C LEU A 199 -58.28 65.33 -16.00
N PHE A 200 -58.32 64.35 -16.89
CA PHE A 200 -57.35 63.26 -16.85
C PHE A 200 -56.19 63.56 -17.76
N CYS A 201 -55.01 63.73 -17.17
CA CYS A 201 -53.79 63.85 -17.97
C CYS A 201 -53.25 62.46 -18.18
N LYS A 202 -53.23 62.00 -19.43
CA LYS A 202 -52.86 60.62 -19.72
C LYS A 202 -51.65 60.51 -20.63
N ALA A 203 -50.64 59.76 -20.18
CA ALA A 203 -49.41 59.57 -20.94
C ALA A 203 -49.21 58.10 -21.25
N HIS A 204 -48.65 57.81 -22.43
CA HIS A 204 -48.36 56.45 -22.83
C HIS A 204 -47.23 56.36 -23.85
N GLY A 205 -46.65 55.17 -23.97
CA GLY A 205 -45.64 54.91 -24.98
C GLY A 205 -44.24 55.39 -24.63
N PHE A 206 -43.98 55.58 -23.34
CA PHE A 206 -42.68 56.10 -22.92
C PHE A 206 -41.77 55.06 -22.27
N TYR A 207 -40.46 55.28 -22.42
CA TYR A 207 -39.43 54.54 -21.69
C TYR A 207 -38.25 55.50 -21.47
N PRO A 208 -37.63 55.46 -20.27
CA PRO A 208 -37.88 54.59 -19.11
C PRO A 208 -39.20 54.89 -18.42
N PRO A 209 -39.65 53.98 -17.52
CA PRO A 209 -40.94 54.17 -16.83
C PRO A 209 -40.94 55.26 -15.77
N GLU A 210 -39.79 55.86 -15.47
CA GLU A 210 -39.75 56.97 -14.51
C GLU A 210 -40.32 58.24 -15.13
N ILE A 211 -41.50 58.64 -14.66
CA ILE A 211 -42.16 59.82 -15.21
C ILE A 211 -42.80 60.65 -14.09
N TYR A 212 -42.87 61.96 -14.30
CA TYR A 212 -43.40 62.88 -13.31
C TYR A 212 -44.62 63.62 -13.86
N MET A 213 -45.77 63.41 -13.26
CA MET A 213 -47.00 64.07 -13.71
C MET A 213 -47.67 64.83 -12.57
N THR A 214 -48.19 66.02 -12.88
CA THR A 214 -48.87 66.81 -11.88
C THR A 214 -49.80 67.85 -12.51
N TRP A 215 -50.78 68.29 -11.74
CA TRP A 215 -51.70 69.34 -12.16
C TRP A 215 -51.42 70.63 -11.42
N MET A 216 -51.47 71.75 -12.13
CA MET A 216 -51.26 73.05 -11.49
C MET A 216 -52.38 74.02 -11.84
N LYS A 217 -52.91 74.71 -10.82
CA LYS A 217 -53.99 75.67 -10.98
C LYS A 217 -53.47 77.09 -10.91
N ASN A 218 -53.65 77.83 -12.02
CA ASN A 218 -53.23 79.23 -12.09
C ASN A 218 -51.75 79.45 -11.80
N GLY A 219 -50.94 78.41 -11.99
CA GLY A 219 -49.51 78.52 -11.79
C GLY A 219 -49.03 77.98 -10.45
N GLU A 220 -49.97 77.57 -9.61
CA GLU A 220 -49.63 76.96 -8.32
C GLU A 220 -50.06 75.49 -8.28
N GLU A 221 -49.21 74.63 -7.75
CA GLU A 221 -49.50 73.21 -7.69
C GLU A 221 -50.69 72.92 -6.76
N ILE A 222 -51.51 71.95 -7.14
CA ILE A 222 -52.63 71.54 -6.30
C ILE A 222 -52.11 70.78 -5.10
N VAL A 223 -52.11 71.43 -3.94
CA VAL A 223 -51.53 70.86 -2.73
C VAL A 223 -52.53 70.80 -1.58
N GLN A 224 -53.34 69.74 -1.50
CA GLN A 224 -53.27 68.62 -2.44
C GLN A 224 -54.59 67.86 -2.54
N GLU A 225 -55.06 67.67 -3.77
CA GLU A 225 -55.92 66.52 -4.07
C GLU A 225 -55.89 66.19 -5.56
N ILE A 226 -54.71 65.76 -6.01
CA ILE A 226 -54.54 65.15 -7.31
C ILE A 226 -54.70 63.64 -7.15
N ASP A 227 -55.34 63.00 -8.11
CA ASP A 227 -55.47 61.54 -8.07
C ASP A 227 -54.53 60.91 -9.08
N TYR A 228 -53.52 60.19 -8.58
CA TYR A 228 -52.51 59.60 -9.44
C TYR A 228 -52.84 58.17 -9.84
N GLY A 229 -52.53 57.82 -11.09
CA GLY A 229 -52.63 56.46 -11.55
C GLY A 229 -51.26 55.79 -11.53
N ASP A 230 -51.25 54.47 -11.33
CA ASP A 230 -50.01 53.71 -11.31
C ASP A 230 -49.33 53.69 -12.67
N ILE A 231 -47.99 53.61 -12.66
CA ILE A 231 -47.25 53.45 -13.90
C ILE A 231 -47.31 51.98 -14.32
N LEU A 232 -47.90 51.72 -15.49
CA LEU A 232 -48.20 50.35 -15.90
C LEU A 232 -47.51 49.99 -17.21
N PRO A 233 -47.14 48.71 -17.36
CA PRO A 233 -46.55 48.22 -18.62
C PRO A 233 -47.60 48.06 -19.71
N SER A 234 -47.29 48.52 -20.92
CA SER A 234 -48.22 48.41 -22.04
C SER A 234 -48.13 47.04 -22.70
N GLY A 235 -46.98 46.39 -22.56
CA GLY A 235 -46.77 45.07 -23.11
C GLY A 235 -45.84 45.06 -24.32
N ASP A 236 -45.39 46.25 -24.72
CA ASP A 236 -44.51 46.36 -25.87
C ASP A 236 -43.16 46.98 -25.52
N GLY A 237 -42.89 47.10 -24.22
CA GLY A 237 -41.64 47.67 -23.76
C GLY A 237 -41.78 49.12 -23.33
N THR A 238 -42.96 49.69 -23.54
CA THR A 238 -43.24 51.05 -23.09
C THR A 238 -44.24 51.03 -21.95
N TYR A 239 -44.44 52.19 -21.32
CA TYR A 239 -45.33 52.27 -20.18
C TYR A 239 -46.39 53.36 -20.33
N GLN A 240 -47.33 53.39 -19.40
CA GLN A 240 -48.41 54.37 -19.43
C GLN A 240 -48.88 54.71 -18.02
N ALA A 241 -49.31 55.95 -17.83
CA ALA A 241 -49.82 56.40 -16.54
C ALA A 241 -50.77 57.60 -16.72
N TRP A 242 -51.40 58.00 -15.62
CA TRP A 242 -52.27 59.17 -15.66
C TRP A 242 -52.43 59.82 -14.29
N ALA A 243 -52.92 61.06 -14.29
CA ALA A 243 -53.22 61.79 -13.07
C ALA A 243 -54.49 62.60 -13.28
N SER A 244 -55.33 62.69 -12.25
CA SER A 244 -56.61 63.38 -12.38
C SER A 244 -56.92 64.32 -11.21
N ILE A 245 -57.63 65.40 -11.52
CA ILE A 245 -58.10 66.39 -10.54
C ILE A 245 -59.53 66.79 -10.88
N GLU A 246 -60.39 66.93 -9.88
CA GLU A 246 -61.77 67.28 -10.17
C GLU A 246 -61.96 68.78 -10.43
N LEU A 247 -62.64 69.10 -11.54
CA LEU A 247 -62.81 70.48 -11.97
C LEU A 247 -63.85 71.22 -11.14
N ASP A 248 -63.50 72.43 -10.72
CA ASP A 248 -64.35 73.27 -9.88
C ASP A 248 -65.32 74.08 -10.73
N PRO A 249 -66.64 73.88 -10.52
CA PRO A 249 -67.64 74.64 -11.29
C PRO A 249 -67.92 76.07 -10.77
N GLN A 250 -67.28 76.51 -9.69
CA GLN A 250 -67.62 77.83 -9.13
C GLN A 250 -66.77 78.92 -9.77
N SER A 251 -65.46 78.68 -9.83
CA SER A 251 -64.51 79.67 -10.31
C SER A 251 -63.86 79.26 -11.61
N SER A 252 -63.56 80.24 -12.46
CA SER A 252 -62.77 79.99 -13.66
C SER A 252 -61.31 79.78 -13.25
N ASN A 253 -60.71 78.71 -13.73
CA ASN A 253 -59.33 78.40 -13.39
C ASN A 253 -58.54 77.89 -14.58
N LEU A 254 -57.31 78.37 -14.72
CA LEU A 254 -56.40 77.85 -15.73
C LEU A 254 -55.71 76.59 -15.19
N TYR A 255 -56.23 75.43 -15.55
CA TYR A 255 -55.62 74.17 -15.18
C TYR A 255 -54.67 73.69 -16.27
N SER A 256 -53.50 73.20 -15.88
CA SER A 256 -52.54 72.68 -16.83
C SER A 256 -51.84 71.43 -16.29
N CYS A 257 -51.60 70.46 -17.16
CA CYS A 257 -50.92 69.25 -16.76
C CYS A 257 -49.42 69.35 -17.04
N HIS A 258 -48.61 69.04 -16.03
CA HIS A 258 -47.16 69.10 -16.16
C HIS A 258 -46.53 67.72 -16.16
N VAL A 259 -45.76 67.42 -17.20
CA VAL A 259 -45.11 66.13 -17.32
C VAL A 259 -43.60 66.30 -17.44
N GLU A 260 -42.84 65.54 -16.66
CA GLU A 260 -41.39 65.51 -16.80
C GLU A 260 -40.92 64.10 -17.07
N HIS A 261 -40.01 63.95 -18.03
CA HIS A 261 -39.55 62.64 -18.45
C HIS A 261 -38.20 62.73 -19.18
N SER A 262 -37.19 62.08 -18.59
CA SER A 262 -35.82 62.08 -19.14
C SER A 262 -35.31 63.49 -19.45
N GLY A 263 -35.43 64.39 -18.47
CA GLY A 263 -34.88 65.72 -18.60
C GLY A 263 -35.70 66.70 -19.44
N VAL A 264 -36.86 66.27 -19.93
CA VAL A 264 -37.70 67.14 -20.74
C VAL A 264 -39.01 67.47 -20.03
N HIS A 265 -39.27 68.75 -19.83
N HIS A 265 -39.27 68.75 -19.83
CA HIS A 265 -40.50 69.20 -19.18
CA HIS A 265 -40.50 69.20 -19.19
C HIS A 265 -41.58 69.51 -20.22
C HIS A 265 -41.57 69.48 -20.24
N MET A 266 -42.82 69.14 -19.90
CA MET A 266 -43.93 69.30 -20.82
C MET A 266 -45.11 69.97 -20.12
N VAL A 267 -45.78 70.88 -20.83
CA VAL A 267 -46.96 71.53 -20.27
C VAL A 267 -48.13 71.48 -21.26
N LEU A 268 -49.28 71.03 -20.77
CA LEU A 268 -50.51 71.04 -21.55
C LEU A 268 -51.55 71.86 -20.81
N GLN A 269 -51.91 73.01 -21.38
CA GLN A 269 -52.91 73.88 -20.77
C GLN A 269 -54.30 73.58 -21.31
N VAL A 270 -55.32 74.00 -20.58
CA VAL A 270 -56.71 73.77 -20.98
C VAL A 270 -57.45 75.09 -21.16
N GLY B 1 -7.13 38.59 -17.50
CA GLY B 1 -6.32 37.75 -16.64
C GLY B 1 -6.37 36.29 -17.06
N GLN B 2 -6.30 35.39 -16.08
CA GLN B 2 -6.14 35.79 -14.68
C GLN B 2 -4.80 35.28 -14.16
N ASN B 3 -4.26 35.97 -13.16
CA ASN B 3 -2.87 35.77 -12.79
C ASN B 3 -2.56 36.20 -11.36
N ILE B 4 -1.87 35.32 -10.64
CA ILE B 4 -1.36 35.65 -9.32
C ILE B 4 0.14 35.38 -9.26
N ASP B 5 0.90 36.37 -8.81
CA ASP B 5 2.34 36.21 -8.74
C ASP B 5 2.88 36.34 -7.32
N GLN B 6 3.85 35.49 -7.03
CA GLN B 6 4.38 35.31 -5.69
C GLN B 6 5.84 34.90 -5.86
N PRO B 7 6.75 35.46 -5.04
CA PRO B 7 8.15 35.03 -5.19
C PRO B 7 8.32 33.55 -4.87
N THR B 8 9.18 32.87 -5.62
CA THR B 8 9.35 31.43 -5.50
C THR B 8 9.89 31.04 -4.13
N GLU B 9 10.81 31.85 -3.61
CA GLU B 9 11.51 31.51 -2.37
C GLU B 9 12.04 32.76 -1.68
N MET B 10 11.93 32.81 -0.36
CA MET B 10 12.49 33.91 0.43
C MET B 10 13.30 33.40 1.62
N THR B 11 14.39 34.10 1.92
CA THR B 11 15.26 33.73 3.03
C THR B 11 15.44 34.89 4.00
N ALA B 12 15.20 34.63 5.28
CA ALA B 12 15.34 35.65 6.30
C ALA B 12 15.91 35.08 7.59
N THR B 13 16.43 35.96 8.44
CA THR B 13 17.10 35.52 9.67
C THR B 13 16.12 35.41 10.83
N GLU B 14 16.39 34.45 11.71
CA GLU B 14 15.62 34.28 12.93
C GLU B 14 15.60 35.58 13.75
N GLY B 15 14.42 35.95 14.24
CA GLY B 15 14.26 37.16 15.03
C GLY B 15 13.94 38.40 14.21
N ALA B 16 14.13 38.30 12.88
CA ALA B 16 13.92 39.45 12.01
C ALA B 16 12.48 39.52 11.50
N ILE B 17 12.27 40.37 10.50
CA ILE B 17 10.96 40.56 9.90
C ILE B 17 11.01 40.27 8.41
N VAL B 18 9.99 39.56 7.90
CA VAL B 18 9.93 39.26 6.47
C VAL B 18 8.57 39.65 5.90
N GLN B 19 8.57 40.09 4.64
CA GLN B 19 7.35 40.53 3.98
C GLN B 19 7.15 39.80 2.66
N ILE B 20 6.17 38.90 2.61
CA ILE B 20 5.93 38.10 1.42
C ILE B 20 4.86 38.74 0.55
N ASN B 21 5.27 39.16 -0.66
CA ASN B 21 4.37 39.89 -1.55
C ASN B 21 3.50 39.01 -2.43
N CYS B 22 2.34 39.54 -2.78
CA CYS B 22 1.40 38.85 -3.65
C CYS B 22 0.70 39.88 -4.55
N THR B 23 1.01 39.87 -5.84
CA THR B 23 0.34 40.76 -6.78
C THR B 23 -0.62 39.95 -7.63
N TYR B 24 -1.84 40.44 -7.79
CA TYR B 24 -2.86 39.72 -8.54
C TYR B 24 -3.46 40.57 -9.65
N GLN B 25 -3.73 39.91 -10.78
CA GLN B 25 -4.46 40.51 -11.88
C GLN B 25 -5.64 39.62 -12.18
N THR B 26 -6.80 39.97 -11.63
CA THR B 26 -7.98 39.12 -11.78
C THR B 26 -9.19 39.83 -12.38
N SER B 27 -10.15 39.03 -12.84
CA SER B 27 -11.46 39.51 -13.25
C SER B 27 -12.33 39.72 -12.02
N GLY B 28 -12.30 40.95 -11.50
CA GLY B 28 -13.00 41.29 -10.27
C GLY B 28 -12.28 40.81 -9.02
N PHE B 29 -12.77 41.24 -7.87
CA PHE B 29 -12.12 40.92 -6.61
C PHE B 29 -13.11 40.69 -5.48
N ASN B 30 -13.08 39.50 -4.90
CA ASN B 30 -13.98 39.17 -3.80
C ASN B 30 -13.26 38.77 -2.52
N GLY B 31 -11.95 39.00 -2.50
CA GLY B 31 -11.16 38.70 -1.31
C GLY B 31 -9.86 37.98 -1.58
N LEU B 32 -8.88 38.21 -0.72
CA LEU B 32 -7.58 37.59 -0.83
C LEU B 32 -7.27 36.77 0.41
N PHE B 33 -6.86 35.52 0.20
CA PHE B 33 -6.56 34.61 1.30
C PHE B 33 -5.07 34.34 1.41
N TRP B 34 -4.58 34.13 2.62
CA TRP B 34 -3.24 33.61 2.83
C TRP B 34 -3.29 32.24 3.48
N TYR B 35 -2.46 31.32 3.03
CA TYR B 35 -2.40 29.99 3.62
C TYR B 35 -0.97 29.63 4.00
N GLN B 36 -0.82 28.88 5.09
CA GLN B 36 0.47 28.34 5.47
C GLN B 36 0.51 26.85 5.20
N GLN B 37 1.57 26.39 4.54
CA GLN B 37 1.74 24.97 4.27
C GLN B 37 3.13 24.50 4.66
N HIS B 38 3.21 23.68 5.71
CA HIS B 38 4.47 23.07 6.08
C HIS B 38 4.75 21.90 5.15
N ALA B 39 6.02 21.66 4.88
CA ALA B 39 6.42 20.61 3.95
C ALA B 39 5.88 19.26 4.39
N GLY B 40 5.11 18.61 3.52
CA GLY B 40 4.51 17.33 3.80
C GLY B 40 3.14 17.44 4.43
N GLU B 41 2.74 18.66 4.78
CA GLU B 41 1.48 18.88 5.47
C GLU B 41 0.43 19.53 4.57
N ALA B 42 -0.74 19.79 5.12
CA ALA B 42 -1.84 20.44 4.39
C ALA B 42 -1.85 21.94 4.67
N PRO B 43 -2.27 22.73 3.67
CA PRO B 43 -2.38 24.19 3.86
C PRO B 43 -3.45 24.54 4.89
N THR B 44 -3.15 25.49 5.77
CA THR B 44 -4.13 25.95 6.75
C THR B 44 -4.30 27.46 6.65
N PHE B 45 -5.53 27.91 6.83
CA PHE B 45 -5.89 29.31 6.71
C PHE B 45 -5.08 30.21 7.64
N LEU B 46 -4.55 31.31 7.08
CA LEU B 46 -3.80 32.28 7.86
C LEU B 46 -4.57 33.58 8.08
N SER B 47 -4.96 34.22 6.99
CA SER B 47 -5.66 35.50 7.07
C SER B 47 -6.51 35.76 5.83
N TYR B 48 -7.38 36.76 5.95
CA TYR B 48 -8.28 37.15 4.87
C TYR B 48 -8.43 38.66 4.78
N ASN B 49 -8.21 39.21 3.59
CA ASN B 49 -8.39 40.64 3.37
C ASN B 49 -9.33 40.90 2.20
N VAL B 50 -10.17 41.91 2.32
CA VAL B 50 -11.08 42.26 1.25
C VAL B 50 -11.18 43.78 1.07
N LEU B 51 -10.96 44.51 2.17
CA LEU B 51 -10.90 45.98 2.10
C LEU B 51 -9.49 46.48 2.38
N ASP B 52 -9.16 47.65 1.84
CA ASP B 52 -7.83 48.23 1.98
C ASP B 52 -7.43 48.41 3.45
N GLY B 53 -6.16 48.19 3.74
CA GLY B 53 -5.65 48.36 5.09
C GLY B 53 -4.83 47.20 5.62
N LEU B 54 -4.42 47.31 6.87
CA LEU B 54 -3.57 46.32 7.51
C LEU B 54 -4.30 45.64 8.66
N GLU B 55 -4.36 44.31 8.63
CA GLU B 55 -5.01 43.56 9.70
C GLU B 55 -3.99 42.68 10.42
N GLU B 56 -3.92 42.81 11.74
CA GLU B 56 -2.91 42.12 12.54
C GLU B 56 -3.48 40.95 13.33
N LYS B 57 -2.77 39.83 13.32
CA LYS B 57 -3.12 38.65 14.11
C LYS B 57 -1.86 38.01 14.70
N GLY B 58 -1.45 38.48 15.87
CA GLY B 58 -0.25 37.98 16.52
C GLY B 58 1.03 38.48 15.87
N ARG B 59 1.97 37.58 15.63
CA ARG B 59 3.22 37.92 14.95
C ARG B 59 2.99 38.16 13.47
N PHE B 60 1.81 37.77 12.98
CA PHE B 60 1.49 37.90 11.56
C PHE B 60 0.58 39.09 11.31
N SER B 61 0.74 39.71 10.16
CA SER B 61 -0.15 40.77 9.71
C SER B 61 -0.36 40.66 8.21
N SER B 62 -1.54 41.04 7.74
CA SER B 62 -1.80 41.01 6.31
C SER B 62 -2.33 42.35 5.82
N PHE B 63 -1.71 42.85 4.76
CA PHE B 63 -2.08 44.15 4.19
C PHE B 63 -2.66 43.96 2.81
N LEU B 64 -3.57 44.86 2.42
CA LEU B 64 -4.18 44.79 1.10
C LEU B 64 -4.35 46.16 0.46
N SER B 65 -3.99 46.27 -0.81
CA SER B 65 -4.30 47.44 -1.61
C SER B 65 -5.06 47.01 -2.85
N ARG B 66 -6.37 47.27 -2.86
CA ARG B 66 -7.23 46.86 -3.96
C ARG B 66 -6.90 47.62 -5.23
N SER B 67 -6.64 48.91 -5.09
CA SER B 67 -6.34 49.77 -6.23
C SER B 67 -5.07 49.33 -6.93
N LYS B 68 -4.03 49.04 -6.14
CA LYS B 68 -2.74 48.65 -6.68
C LYS B 68 -2.69 47.16 -7.00
N GLY B 69 -3.69 46.43 -6.52
CA GLY B 69 -3.79 45.01 -6.79
C GLY B 69 -2.64 44.19 -6.20
N TYR B 70 -2.36 44.41 -4.92
CA TYR B 70 -1.33 43.63 -4.25
C TYR B 70 -1.60 43.47 -2.75
N SER B 71 -1.04 42.42 -2.19
CA SER B 71 -1.15 42.14 -0.77
C SER B 71 0.16 41.59 -0.25
N TYR B 72 0.46 41.83 1.02
CA TYR B 72 1.64 41.20 1.61
C TYR B 72 1.31 40.58 2.96
N LEU B 73 2.02 39.51 3.27
CA LEU B 73 1.92 38.87 4.57
C LEU B 73 3.19 39.18 5.35
N LEU B 74 3.04 39.83 6.51
CA LEU B 74 4.18 40.27 7.30
C LEU B 74 4.37 39.40 8.54
N LEU B 75 5.56 38.83 8.68
CA LEU B 75 5.88 37.98 9.83
C LEU B 75 6.96 38.64 10.68
N LYS B 76 6.58 39.05 11.89
CA LYS B 76 7.51 39.68 12.82
C LYS B 76 8.16 38.67 13.74
N GLU B 77 9.32 39.01 14.28
CA GLU B 77 10.09 38.16 15.19
C GLU B 77 10.08 36.71 14.73
N LEU B 78 10.74 36.46 13.61
CA LEU B 78 10.73 35.15 12.97
C LEU B 78 11.25 34.03 13.86
N GLN B 79 10.59 32.88 13.76
CA GLN B 79 11.03 31.68 14.45
C GLN B 79 11.19 30.54 13.45
N MET B 80 11.99 29.54 13.80
CA MET B 80 12.25 28.43 12.90
C MET B 80 10.98 27.72 12.43
N LYS B 81 9.98 27.66 13.31
CA LYS B 81 8.72 26.99 12.98
C LYS B 81 7.90 27.75 11.94
N ASP B 82 8.35 28.96 11.61
CA ASP B 82 7.72 29.74 10.56
C ASP B 82 8.18 29.26 9.18
N SER B 83 9.14 28.34 9.18
CA SER B 83 9.63 27.76 7.93
C SER B 83 8.55 26.90 7.29
N ALA B 84 7.96 27.43 6.22
CA ALA B 84 6.91 26.74 5.50
C ALA B 84 6.73 27.39 4.14
N SER B 85 5.76 26.90 3.38
CA SER B 85 5.35 27.61 2.18
C SER B 85 4.12 28.45 2.47
N TYR B 86 4.04 29.63 1.86
CA TYR B 86 2.89 30.49 2.06
C TYR B 86 2.16 30.71 0.75
N LEU B 87 0.86 30.44 0.75
CA LEU B 87 0.05 30.49 -0.45
C LEU B 87 -0.90 31.68 -0.46
N CYS B 88 -0.88 32.42 -1.57
CA CYS B 88 -1.83 33.50 -1.79
C CYS B 88 -2.94 33.04 -2.74
N ALA B 89 -4.19 33.34 -2.39
CA ALA B 89 -5.32 32.95 -3.23
C ALA B 89 -6.38 34.05 -3.32
N VAL B 90 -6.72 34.44 -4.54
CA VAL B 90 -7.73 35.48 -4.76
C VAL B 90 -9.03 34.92 -5.32
N LYS B 91 -10.14 35.32 -4.71
CA LYS B 91 -11.47 34.98 -5.19
C LYS B 91 -11.91 35.98 -6.26
N ASP B 92 -12.33 35.50 -7.44
CA ASP B 92 -12.68 36.40 -8.53
C ASP B 92 -14.17 36.76 -8.55
N SER B 93 -14.60 37.39 -9.64
CA SER B 93 -15.98 37.85 -9.78
C SER B 93 -17.00 36.72 -9.68
N ASN B 94 -16.60 35.53 -10.07
CA ASN B 94 -17.48 34.37 -10.01
C ASN B 94 -17.17 33.49 -8.81
N TYR B 95 -16.52 34.08 -7.81
CA TYR B 95 -16.25 33.43 -6.52
C TYR B 95 -15.40 32.17 -6.68
N GLN B 96 -14.57 32.16 -7.73
CA GLN B 96 -13.64 31.08 -7.99
C GLN B 96 -12.25 31.47 -7.51
N LEU B 97 -11.53 30.51 -6.93
CA LEU B 97 -10.20 30.78 -6.39
C LEU B 97 -9.09 30.63 -7.42
N ILE B 98 -8.23 31.64 -7.48
CA ILE B 98 -6.98 31.53 -8.23
C ILE B 98 -5.85 31.42 -7.23
N TRP B 99 -4.99 30.42 -7.39
CA TRP B 99 -3.91 30.18 -6.43
C TRP B 99 -2.56 30.59 -6.98
N GLY B 100 -1.76 31.24 -6.15
CA GLY B 100 -0.38 31.53 -6.49
C GLY B 100 0.44 30.27 -6.34
N ALA B 101 1.66 30.27 -6.88
CA ALA B 101 2.51 29.09 -6.84
C ALA B 101 3.13 28.88 -5.47
N GLY B 102 2.83 29.76 -4.53
CA GLY B 102 3.33 29.64 -3.18
C GLY B 102 4.72 30.21 -3.00
N THR B 103 5.03 30.63 -1.78
CA THR B 103 6.36 31.14 -1.47
C THR B 103 6.97 30.34 -0.34
N LYS B 104 8.15 29.79 -0.58
CA LYS B 104 8.86 29.00 0.41
C LYS B 104 9.72 29.89 1.31
N LEU B 105 9.39 29.91 2.60
CA LEU B 105 10.15 30.71 3.55
C LEU B 105 11.23 29.87 4.25
N ILE B 106 12.49 30.23 4.03
CA ILE B 106 13.60 29.58 4.70
C ILE B 106 14.12 30.48 5.82
N ILE B 107 14.19 29.95 7.03
CA ILE B 107 14.65 30.73 8.17
C ILE B 107 16.05 30.34 8.60
N LYS B 108 17.00 31.27 8.51
CA LYS B 108 18.35 31.02 8.98
C LYS B 108 18.41 31.23 10.49
N PRO B 109 18.82 30.19 11.23
CA PRO B 109 18.92 30.26 12.70
C PRO B 109 20.04 31.17 13.16
N ASP B 110 19.81 31.86 14.28
CA ASP B 110 20.84 32.70 14.87
C ASP B 110 21.77 31.84 15.74
N ILE B 111 22.90 31.44 15.15
CA ILE B 111 23.87 30.62 15.87
C ILE B 111 24.77 31.52 16.71
N GLN B 112 24.60 31.44 18.03
CA GLN B 112 25.34 32.29 18.95
C GLN B 112 26.82 31.96 19.01
N ASN B 113 27.13 30.69 19.25
CA ASN B 113 28.52 30.25 19.37
C ASN B 113 28.89 29.24 18.30
N PRO B 114 29.32 29.71 17.12
CA PRO B 114 29.74 28.81 16.04
C PRO B 114 30.92 27.95 16.45
N ASP B 115 30.98 26.75 15.91
CA ASP B 115 32.09 25.84 16.17
C ASP B 115 32.19 24.82 15.03
N PRO B 116 32.52 25.30 13.82
CA PRO B 116 32.51 24.46 12.61
C PRO B 116 33.47 23.29 12.70
N ALA B 117 33.00 22.11 12.32
CA ALA B 117 33.80 20.89 12.42
C ALA B 117 33.25 19.78 11.52
N VAL B 118 34.16 18.96 10.99
CA VAL B 118 33.74 17.79 10.22
C VAL B 118 34.17 16.52 10.94
N TYR B 119 33.19 15.75 11.40
CA TYR B 119 33.49 14.54 12.16
C TYR B 119 33.32 13.28 11.33
N GLN B 120 34.27 12.34 11.45
CA GLN B 120 34.09 11.01 10.90
C GLN B 120 33.22 10.22 11.85
N LEU B 121 32.12 9.68 11.33
CA LEU B 121 31.23 8.89 12.16
C LEU B 121 31.61 7.41 12.14
N ARG B 122 31.27 6.71 13.22
CA ARG B 122 31.56 5.30 13.35
C ARG B 122 30.88 4.49 12.25
N ASP B 123 31.65 3.62 11.59
CA ASP B 123 31.08 2.75 10.58
C ASP B 123 30.04 1.82 11.20
N SER B 124 29.03 1.47 10.40
CA SER B 124 28.07 0.46 10.80
C SER B 124 28.48 -0.87 10.18
N LYS B 125 28.14 -1.97 10.85
CA LYS B 125 28.50 -3.29 10.37
C LYS B 125 27.49 -3.82 9.36
N SER B 126 26.65 -2.94 8.84
CA SER B 126 25.59 -3.35 7.93
C SER B 126 25.60 -2.50 6.67
N SER B 127 26.66 -1.72 6.50
CA SER B 127 26.79 -0.84 5.35
C SER B 127 28.26 -0.62 5.00
N ASP B 128 28.54 -0.48 3.71
CA ASP B 128 29.90 -0.21 3.24
C ASP B 128 30.19 1.28 3.21
N LYS B 129 29.17 2.08 3.50
CA LYS B 129 29.31 3.54 3.48
C LYS B 129 30.18 4.08 4.61
N SER B 130 31.02 5.05 4.29
CA SER B 130 31.68 5.86 5.30
C SER B 130 30.95 7.19 5.38
N VAL B 131 30.79 7.74 6.58
CA VAL B 131 29.95 8.92 6.77
C VAL B 131 30.64 10.06 7.52
N CYS B 132 30.59 11.24 6.92
CA CYS B 132 31.16 12.44 7.53
C CYS B 132 30.06 13.42 7.89
N LEU B 133 30.29 14.22 8.93
CA LEU B 133 29.29 15.16 9.42
C LEU B 133 29.87 16.55 9.59
N PHE B 134 29.46 17.47 8.72
CA PHE B 134 29.80 18.88 8.86
C PHE B 134 28.78 19.51 9.82
N THR B 135 29.25 20.17 10.87
CA THR B 135 28.31 20.64 11.89
C THR B 135 28.76 21.85 12.71
N ASP B 136 27.79 22.44 13.40
CA ASP B 136 27.97 23.57 14.30
C ASP B 136 28.56 24.80 13.61
N PHE B 137 28.26 24.96 12.32
CA PHE B 137 28.76 26.11 11.58
C PHE B 137 27.75 27.25 11.50
N ASP B 138 28.25 28.42 11.09
CA ASP B 138 27.45 29.64 10.97
C ASP B 138 26.38 29.50 9.89
N SER B 139 25.30 30.27 10.01
CA SER B 139 24.18 30.18 9.08
C SER B 139 24.47 30.75 7.70
N GLN B 140 25.48 31.61 7.60
CA GLN B 140 25.83 32.21 6.32
C GLN B 140 26.67 31.23 5.48
N THR B 141 27.09 30.14 6.11
CA THR B 141 27.78 29.07 5.40
C THR B 141 26.79 28.27 4.55
N ASN B 142 27.10 28.09 3.27
CA ASN B 142 26.28 27.29 2.39
C ASN B 142 26.98 25.98 2.02
N VAL B 143 26.21 24.92 1.84
CA VAL B 143 26.75 23.62 1.48
C VAL B 143 26.44 23.29 0.02
N SER B 144 27.48 22.91 -0.73
CA SER B 144 27.31 22.61 -2.15
C SER B 144 27.28 21.12 -2.45
N GLN B 145 26.89 20.77 -3.66
CA GLN B 145 26.88 19.38 -4.12
C GLN B 145 28.29 18.81 -4.18
N SER B 146 28.38 17.50 -4.35
CA SER B 146 29.65 16.87 -4.68
C SER B 146 29.80 16.84 -6.20
N LYS B 147 31.00 17.13 -6.69
CA LYS B 147 31.29 17.05 -8.11
C LYS B 147 31.72 15.62 -8.49
N ASP B 148 32.01 14.84 -7.45
CA ASP B 148 32.10 13.39 -7.53
C ASP B 148 30.66 12.91 -7.44
N SER B 149 30.27 11.91 -8.23
CA SER B 149 28.95 11.36 -7.94
C SER B 149 29.02 9.87 -7.67
N ASP B 150 29.97 9.52 -6.83
CA ASP B 150 29.82 8.33 -5.98
C ASP B 150 29.81 8.87 -4.55
N VAL B 151 29.95 10.20 -4.44
CA VAL B 151 29.81 10.87 -3.15
C VAL B 151 28.48 11.62 -3.05
N TYR B 152 27.80 11.47 -1.92
CA TYR B 152 26.49 12.11 -1.73
C TYR B 152 26.51 13.08 -0.55
N ILE B 153 26.18 14.34 -0.83
CA ILE B 153 26.15 15.39 0.17
C ILE B 153 24.76 16.01 0.26
N THR B 154 24.27 16.17 1.49
CA THR B 154 22.95 16.74 1.70
C THR B 154 23.03 18.21 2.07
N ASP B 155 21.99 18.96 1.72
CA ASP B 155 21.91 20.37 2.07
C ASP B 155 21.81 20.51 3.59
N LYS B 156 22.24 21.66 4.11
CA LYS B 156 22.25 21.87 5.55
C LYS B 156 20.85 21.79 6.15
N CYS B 157 20.76 21.36 7.40
CA CYS B 157 19.49 21.29 8.09
C CYS B 157 19.66 21.76 9.53
N VAL B 158 18.58 22.27 10.12
CA VAL B 158 18.65 22.83 11.46
C VAL B 158 18.01 21.90 12.48
N LEU B 159 18.78 21.50 13.49
CA LEU B 159 18.22 20.72 14.58
C LEU B 159 18.13 21.57 15.84
N ASP B 160 17.11 21.31 16.64
CA ASP B 160 16.89 22.06 17.87
C ASP B 160 16.83 21.12 19.08
N MET B 161 17.84 21.21 19.93
CA MET B 161 17.82 20.50 21.20
C MET B 161 17.11 21.39 22.21
N ARG B 162 15.80 21.19 22.33
CA ARG B 162 14.93 22.12 23.05
C ARG B 162 15.05 22.00 24.57
N SER B 163 15.84 21.05 25.04
CA SER B 163 16.06 20.90 26.47
C SER B 163 17.32 21.65 26.91
N MET B 164 18.05 22.18 25.94
CA MET B 164 19.25 22.97 26.21
C MET B 164 19.14 24.32 25.51
N ASP B 165 18.00 24.55 24.87
CA ASP B 165 17.78 25.65 23.94
C ASP B 165 19.01 25.85 23.06
N PHE B 166 19.33 24.82 22.28
CA PHE B 166 20.52 24.81 21.45
C PHE B 166 20.15 24.47 20.02
N LYS B 167 20.58 25.31 19.09
CA LYS B 167 20.34 25.05 17.68
C LYS B 167 21.66 24.90 16.95
N SER B 168 21.71 23.98 16.00
CA SER B 168 22.92 23.78 15.21
C SER B 168 22.60 23.45 13.76
N ASN B 169 23.51 23.84 12.86
CA ASN B 169 23.43 23.47 11.47
C ASN B 169 24.27 22.24 11.22
N SER B 170 23.91 21.46 10.20
CA SER B 170 24.67 20.27 9.85
C SER B 170 24.39 19.79 8.43
N ALA B 171 25.44 19.33 7.77
CA ALA B 171 25.31 18.65 6.48
C ALA B 171 26.00 17.30 6.57
N VAL B 172 25.49 16.33 5.82
CA VAL B 172 26.03 14.98 5.88
C VAL B 172 26.60 14.55 4.53
N ALA B 173 27.78 13.96 4.54
CA ALA B 173 28.40 13.42 3.34
C ALA B 173 28.73 11.94 3.53
N TRP B 174 28.60 11.15 2.46
CA TRP B 174 28.90 9.73 2.55
C TRP B 174 29.25 9.10 1.21
N SER B 175 30.00 8.00 1.27
CA SER B 175 30.38 7.25 0.07
C SER B 175 30.95 5.89 0.47
N ASN B 176 31.02 4.97 -0.49
CA ASN B 176 31.62 3.68 -0.26
C ASN B 176 32.95 3.56 -1.00
N LYS B 177 33.17 4.48 -1.95
CA LYS B 177 34.41 4.50 -2.72
C LYS B 177 35.60 4.56 -1.76
N SER B 178 36.64 3.80 -2.07
CA SER B 178 37.72 3.55 -1.12
C SER B 178 38.54 4.79 -0.79
N ASP B 179 38.63 5.73 -1.73
CA ASP B 179 39.39 6.95 -1.50
C ASP B 179 38.49 8.10 -1.01
N PHE B 180 37.79 7.85 0.09
CA PHE B 180 36.89 8.87 0.65
C PHE B 180 37.18 9.14 2.12
N ALA B 181 37.55 10.39 2.42
CA ALA B 181 37.80 10.81 3.79
C ALA B 181 37.03 12.08 4.10
N CYS B 182 36.83 12.34 5.40
CA CYS B 182 36.16 13.56 5.82
C CYS B 182 37.01 14.78 5.53
N ALA B 183 38.33 14.58 5.47
CA ALA B 183 39.27 15.66 5.18
C ALA B 183 38.96 16.30 3.83
N ASN B 184 38.40 15.51 2.91
CA ASN B 184 38.15 15.97 1.55
C ASN B 184 36.67 15.93 1.17
N ALA B 185 35.81 15.70 2.15
CA ALA B 185 34.38 15.51 1.89
C ALA B 185 33.72 16.78 1.37
N PHE B 186 34.08 17.92 1.96
CA PHE B 186 33.43 19.18 1.64
C PHE B 186 34.38 20.18 0.97
N ASN B 187 35.20 19.69 0.06
CA ASN B 187 36.12 20.55 -0.68
C ASN B 187 35.40 21.44 -1.69
N ASN B 188 34.36 20.89 -2.32
CA ASN B 188 33.66 21.60 -3.38
C ASN B 188 32.74 22.69 -2.86
N SER B 189 32.67 22.86 -1.54
CA SER B 189 31.88 23.92 -0.94
C SER B 189 32.76 24.82 -0.07
N ILE B 190 32.22 25.98 0.30
CA ILE B 190 32.97 26.95 1.10
C ILE B 190 32.72 26.76 2.60
N ILE B 191 33.69 26.17 3.28
CA ILE B 191 33.59 25.97 4.73
C ILE B 191 34.42 27.02 5.46
N PRO B 192 34.06 27.34 6.72
CA PRO B 192 34.79 28.33 7.52
C PRO B 192 36.29 28.02 7.63
N GLU B 193 37.08 29.06 7.78
CA GLU B 193 38.53 28.92 7.82
C GLU B 193 39.01 28.29 9.14
N ASP B 194 38.19 28.38 10.18
CA ASP B 194 38.56 27.87 11.49
C ASP B 194 37.90 26.51 11.78
N THR B 195 37.51 25.80 10.74
CA THR B 195 36.82 24.53 10.89
C THR B 195 37.70 23.46 11.54
N PHE B 196 37.14 22.73 12.48
CA PHE B 196 37.87 21.73 13.27
C PHE B 196 37.88 20.37 12.58
N PHE B 197 39.07 19.89 12.24
CA PHE B 197 39.23 18.57 11.63
C PHE B 197 40.04 17.63 12.54
N PRO B 198 39.35 16.79 13.32
CA PRO B 198 40.05 15.80 14.15
C PRO B 198 40.69 14.71 13.28
N SER B 199 41.79 14.14 13.73
CA SER B 199 42.49 13.13 12.95
C SER B 199 41.89 11.74 13.13
N ALA C 2 -10.50 14.43 13.73
CA ALA C 2 -11.68 15.04 13.12
C ALA C 2 -11.26 15.95 11.96
N GLY C 3 -12.21 16.76 11.49
CA GLY C 3 -11.94 17.70 10.42
C GLY C 3 -12.19 17.13 9.04
N VAL C 4 -11.16 17.14 8.19
CA VAL C 4 -11.25 16.55 6.86
C VAL C 4 -10.36 15.32 6.73
N THR C 5 -10.99 14.17 6.48
CA THR C 5 -10.28 12.90 6.41
C THR C 5 -10.16 12.40 4.98
N GLN C 6 -8.95 12.06 4.56
CA GLN C 6 -8.71 11.62 3.19
C GLN C 6 -7.76 10.42 3.15
N THR C 7 -8.09 9.44 2.32
CA THR C 7 -7.29 8.21 2.19
C THR C 7 -7.20 7.78 0.73
N PRO C 8 -6.12 7.09 0.35
CA PRO C 8 -4.94 6.74 1.15
C PRO C 8 -3.94 7.89 1.19
N LYS C 9 -2.94 7.82 2.08
CA LYS C 9 -1.95 8.88 2.14
C LYS C 9 -0.89 8.67 1.06
N PHE C 10 -0.66 7.40 0.71
CA PHE C 10 0.27 7.07 -0.36
C PHE C 10 -0.33 6.05 -1.31
N GLN C 11 0.19 6.00 -2.53
CA GLN C 11 -0.31 5.06 -3.52
C GLN C 11 0.61 4.96 -4.73
N VAL C 12 0.92 3.73 -5.13
CA VAL C 12 1.68 3.49 -6.34
C VAL C 12 0.74 2.84 -7.35
N LEU C 13 0.76 3.34 -8.59
CA LEU C 13 -0.15 2.86 -9.61
C LEU C 13 0.56 2.53 -10.92
N LYS C 14 0.10 1.47 -11.58
CA LYS C 14 0.59 1.16 -12.92
C LYS C 14 -0.26 1.87 -13.97
N THR C 15 0.31 2.02 -15.17
CA THR C 15 -0.43 2.53 -16.32
C THR C 15 -1.15 1.38 -17.02
N GLY C 16 -2.46 1.51 -17.21
CA GLY C 16 -3.27 2.59 -16.68
C GLY C 16 -4.34 2.00 -15.78
N GLN C 17 -4.15 2.18 -14.48
CA GLN C 17 -4.94 1.50 -13.46
C GLN C 17 -6.03 2.39 -12.87
N SER C 18 -7.14 1.77 -12.48
CA SER C 18 -8.23 2.48 -11.81
C SER C 18 -7.83 2.81 -10.38
N MET C 19 -8.42 3.88 -9.84
CA MET C 19 -8.08 4.32 -8.49
C MET C 19 -9.14 5.27 -7.93
N THR C 20 -9.50 5.07 -6.67
CA THR C 20 -10.50 5.92 -6.02
C THR C 20 -9.97 6.53 -4.72
N LEU C 21 -9.92 7.85 -4.66
CA LEU C 21 -9.51 8.54 -3.44
C LEU C 21 -10.75 8.96 -2.64
N GLN C 22 -10.73 8.68 -1.34
CA GLN C 22 -11.87 8.97 -0.48
C GLN C 22 -11.65 10.22 0.35
N CYS C 23 -12.72 10.97 0.59
CA CYS C 23 -12.64 12.15 1.46
C CYS C 23 -13.93 12.32 2.26
N ALA C 24 -13.77 12.57 3.55
CA ALA C 24 -14.90 12.79 4.43
C ALA C 24 -14.67 14.01 5.33
N GLN C 25 -15.73 14.75 5.60
CA GLN C 25 -15.66 15.90 6.51
C GLN C 25 -16.79 15.86 7.53
N ASP C 26 -16.45 16.12 8.79
CA ASP C 26 -17.44 16.07 9.87
C ASP C 26 -17.77 17.48 10.38
N MET C 27 -17.48 18.49 9.58
CA MET C 27 -17.73 19.86 9.97
C MET C 27 -19.06 20.38 9.42
N ASN C 28 -19.85 19.47 8.84
CA ASN C 28 -21.16 19.82 8.27
C ASN C 28 -21.04 20.88 7.17
N HIS C 29 -19.97 20.79 6.39
CA HIS C 29 -19.75 21.72 5.28
C HIS C 29 -20.54 21.33 4.04
N ASN C 30 -20.99 22.33 3.29
CA ASN C 30 -21.77 22.10 2.08
C ASN C 30 -20.90 21.90 0.84
N SER C 31 -19.84 22.69 0.74
CA SER C 31 -18.97 22.66 -0.44
C SER C 31 -17.71 21.84 -0.21
N MET C 32 -17.41 20.93 -1.13
CA MET C 32 -16.20 20.12 -1.05
C MET C 32 -15.42 20.21 -2.37
N TYR C 33 -14.11 19.97 -2.31
CA TYR C 33 -13.23 20.19 -3.45
C TYR C 33 -12.16 19.11 -3.57
N TRP C 34 -11.67 18.93 -4.80
CA TRP C 34 -10.48 18.12 -5.04
C TRP C 34 -9.42 18.93 -5.79
N TYR C 35 -8.29 19.12 -5.15
CA TYR C 35 -7.17 19.85 -5.74
C TYR C 35 -6.00 18.90 -6.02
N ARG C 36 -5.19 19.24 -7.01
CA ARG C 36 -3.91 18.58 -7.19
C ARG C 36 -2.80 19.60 -7.09
N GLN C 37 -1.72 19.24 -6.38
CA GLN C 37 -0.59 20.14 -6.19
C GLN C 37 0.63 19.62 -6.92
N ASP C 38 1.21 20.48 -7.74
CA ASP C 38 2.39 20.12 -8.52
C ASP C 38 3.47 21.19 -8.36
N PRO C 39 4.73 20.76 -8.32
CA PRO C 39 5.89 21.65 -8.20
C PRO C 39 5.87 22.78 -9.23
N GLY C 40 6.03 24.02 -8.74
CA GLY C 40 6.21 25.16 -9.62
C GLY C 40 4.94 25.89 -9.99
N MET C 41 3.79 25.33 -9.61
CA MET C 41 2.51 25.97 -9.92
C MET C 41 1.54 25.87 -8.75
N GLY C 42 0.57 26.79 -8.72
CA GLY C 42 -0.43 26.82 -7.67
C GLY C 42 -1.43 25.68 -7.78
N LEU C 43 -2.17 25.46 -6.70
CA LEU C 43 -3.20 24.42 -6.68
C LEU C 43 -4.13 24.53 -7.88
N ARG C 44 -4.53 23.38 -8.42
CA ARG C 44 -5.46 23.35 -9.53
C ARG C 44 -6.67 22.51 -9.16
N LEU C 45 -7.85 23.09 -9.32
CA LEU C 45 -9.08 22.39 -9.01
C LEU C 45 -9.39 21.35 -10.10
N ILE C 46 -9.69 20.14 -9.67
CA ILE C 46 -10.05 19.06 -10.59
C ILE C 46 -11.57 19.01 -10.74
N TYR C 47 -12.23 18.82 -9.61
CA TYR C 47 -13.68 18.85 -9.53
C TYR C 47 -14.11 19.49 -8.22
N TYR C 48 -15.32 20.02 -8.17
CA TYR C 48 -15.85 20.54 -6.92
C TYR C 48 -17.34 20.21 -6.79
N SER C 49 -17.84 20.31 -5.57
CA SER C 49 -19.25 20.07 -5.29
C SER C 49 -19.79 21.19 -4.42
N ALA C 50 -20.65 22.03 -4.98
CA ALA C 50 -21.19 23.18 -4.28
C ALA C 50 -22.05 22.76 -3.08
N SER C 51 -22.80 21.66 -3.24
CA SER C 51 -23.65 21.16 -2.17
C SER C 51 -23.97 19.68 -2.32
N GLU C 52 -24.81 19.18 -1.42
CA GLU C 52 -25.05 17.75 -1.25
C GLU C 52 -25.52 17.01 -2.51
N GLY C 53 -26.08 17.75 -3.47
CA GLY C 53 -26.68 17.11 -4.63
C GLY C 53 -26.17 17.52 -6.00
N THR C 54 -24.98 18.11 -6.06
CA THR C 54 -24.45 18.56 -7.34
C THR C 54 -22.92 18.63 -7.36
N THR C 55 -22.34 18.34 -8.51
CA THR C 55 -20.91 18.48 -8.73
C THR C 55 -20.66 19.13 -10.09
N ASP C 56 -19.43 19.56 -10.33
CA ASP C 56 -19.07 20.21 -11.59
C ASP C 56 -17.57 20.18 -11.83
N LYS C 57 -17.17 20.29 -13.09
CA LYS C 57 -15.76 20.27 -13.47
C LYS C 57 -15.00 21.47 -12.95
N GLY C 58 -13.71 21.29 -12.71
CA GLY C 58 -12.84 22.38 -12.29
C GLY C 58 -11.99 22.82 -13.47
N GLU C 59 -10.73 23.14 -13.20
CA GLU C 59 -9.81 23.60 -14.23
C GLU C 59 -9.19 22.44 -15.02
N VAL C 60 -8.92 21.33 -14.33
CA VAL C 60 -8.27 20.17 -14.96
C VAL C 60 -9.04 18.86 -14.74
N PRO C 61 -10.23 18.75 -15.35
CA PRO C 61 -11.09 17.60 -15.05
C PRO C 61 -10.73 16.33 -15.84
N ASN C 62 -9.97 16.47 -16.92
CA ASN C 62 -9.68 15.35 -17.81
C ASN C 62 -8.92 14.21 -17.14
N GLY C 63 -9.44 13.00 -17.28
CA GLY C 63 -8.82 11.82 -16.70
C GLY C 63 -9.36 11.51 -15.32
N TYR C 64 -10.34 12.29 -14.89
CA TYR C 64 -10.93 12.12 -13.57
C TYR C 64 -12.45 12.09 -13.63
N ASN C 65 -13.06 11.70 -12.52
CA ASN C 65 -14.48 11.90 -12.28
C ASN C 65 -14.73 11.79 -10.79
N VAL C 66 -15.85 12.34 -10.33
CA VAL C 66 -16.12 12.36 -8.90
C VAL C 66 -17.55 12.00 -8.56
N SER C 67 -17.78 11.71 -7.28
CA SER C 67 -19.12 11.42 -6.79
C SER C 67 -19.32 12.03 -5.41
N ARG C 68 -20.23 12.98 -5.31
CA ARG C 68 -20.65 13.51 -4.02
C ARG C 68 -21.69 12.54 -3.44
N LEU C 69 -21.21 11.53 -2.73
CA LEU C 69 -22.07 10.45 -2.24
C LEU C 69 -23.14 10.95 -1.27
N ASN C 70 -22.74 11.89 -0.42
CA ASN C 70 -23.65 12.52 0.53
C ASN C 70 -23.08 13.85 0.98
N LYS C 71 -23.56 14.37 2.10
CA LYS C 71 -23.09 15.68 2.55
C LYS C 71 -21.66 15.61 3.09
N ARG C 72 -21.24 14.42 3.49
CA ARG C 72 -19.92 14.26 4.12
C ARG C 72 -18.85 13.76 3.16
N GLU C 73 -19.24 12.96 2.16
CA GLU C 73 -18.26 12.24 1.36
C GLU C 73 -18.20 12.68 -0.11
N PHE C 74 -16.98 12.98 -0.56
CA PHE C 74 -16.72 13.44 -1.93
C PHE C 74 -15.51 12.69 -2.49
N SER C 75 -15.76 11.69 -3.33
CA SER C 75 -14.71 10.80 -3.79
C SER C 75 -14.17 11.15 -5.17
N LEU C 76 -12.85 11.17 -5.31
CA LEU C 76 -12.19 11.40 -6.58
C LEU C 76 -11.79 10.08 -7.21
N ARG C 77 -11.89 9.99 -8.54
CA ARG C 77 -11.67 8.72 -9.22
C ARG C 77 -10.79 8.85 -10.46
N LEU C 78 -9.68 8.12 -10.48
CA LEU C 78 -8.84 8.05 -11.67
C LEU C 78 -9.30 6.91 -12.57
N GLU C 79 -9.78 7.27 -13.75
CA GLU C 79 -10.32 6.30 -14.70
C GLU C 79 -9.23 5.34 -15.18
N SER C 80 -8.21 5.89 -15.82
CA SER C 80 -7.05 5.13 -16.26
C SER C 80 -5.78 5.90 -15.95
N ALA C 81 -4.99 5.39 -15.01
CA ALA C 81 -3.82 6.09 -14.50
C ALA C 81 -2.84 6.47 -15.60
N ALA C 82 -2.21 7.64 -15.45
CA ALA C 82 -1.24 8.14 -16.40
C ALA C 82 -0.12 8.86 -15.66
N PRO C 83 1.12 8.79 -16.20
CA PRO C 83 2.28 9.42 -15.57
C PRO C 83 2.07 10.91 -15.26
N SER C 84 1.27 11.59 -16.08
CA SER C 84 1.00 13.01 -15.86
C SER C 84 0.12 13.23 -14.65
N GLN C 85 -0.52 12.17 -14.18
CA GLN C 85 -1.42 12.27 -13.03
C GLN C 85 -0.67 12.09 -11.72
N THR C 86 0.63 11.82 -11.83
CA THR C 86 1.51 11.77 -10.68
C THR C 86 1.49 13.12 -9.96
N SER C 87 0.99 13.11 -8.72
CA SER C 87 0.83 14.34 -7.96
C SER C 87 0.42 14.09 -6.52
N VAL C 88 0.46 15.15 -5.72
CA VAL C 88 -0.17 15.15 -4.41
C VAL C 88 -1.58 15.69 -4.57
N TYR C 89 -2.57 14.94 -4.08
CA TYR C 89 -3.96 15.37 -4.19
C TYR C 89 -4.49 15.79 -2.84
N PHE C 90 -5.13 16.96 -2.80
CA PHE C 90 -5.71 17.47 -1.56
C PHE C 90 -7.22 17.55 -1.65
N CYS C 91 -7.89 17.03 -0.63
CA CYS C 91 -9.33 17.24 -0.49
C CYS C 91 -9.54 18.48 0.37
N ALA C 92 -10.63 19.21 0.11
CA ALA C 92 -10.92 20.41 0.87
C ALA C 92 -12.42 20.60 1.01
N SER C 93 -12.81 21.36 2.03
CA SER C 93 -14.22 21.69 2.22
C SER C 93 -14.38 23.08 2.82
N SER C 94 -15.49 23.73 2.48
CA SER C 94 -15.84 25.03 3.05
C SER C 94 -17.33 25.08 3.32
N VAL C 95 -17.76 26.03 4.13
CA VAL C 95 -19.16 26.19 4.44
C VAL C 95 -19.99 26.50 3.19
N TRP C 96 -19.43 27.35 2.32
CA TRP C 96 -20.10 27.71 1.07
C TRP C 96 -19.13 28.25 0.01
N THR C 97 -19.22 27.69 -1.19
CA THR C 97 -18.27 28.01 -2.26
C THR C 97 -18.50 29.39 -2.87
N GLY C 98 -19.74 29.88 -2.82
CA GLY C 98 -20.08 31.12 -3.50
C GLY C 98 -19.72 32.36 -2.71
N GLU C 99 -20.74 33.18 -2.43
CA GLU C 99 -20.54 34.43 -1.70
C GLU C 99 -20.07 34.18 -0.28
N GLY C 100 -19.06 34.93 0.16
CA GLY C 100 -18.59 34.82 1.52
C GLY C 100 -17.08 34.92 1.69
N SER C 101 -16.67 35.13 2.94
CA SER C 101 -15.27 35.23 3.29
C SER C 101 -14.74 33.88 3.77
N GLY C 102 -15.55 32.85 3.59
CA GLY C 102 -15.25 31.52 4.11
C GLY C 102 -14.00 30.89 3.53
N GLU C 103 -13.16 30.36 4.41
CA GLU C 103 -11.90 29.76 4.01
C GLU C 103 -12.03 28.27 3.75
N LEU C 104 -10.94 27.65 3.30
CA LEU C 104 -10.91 26.22 3.00
C LEU C 104 -10.29 25.42 4.13
N PHE C 105 -10.83 24.22 4.36
CA PHE C 105 -10.25 23.28 5.30
C PHE C 105 -9.74 22.06 4.52
N PHE C 106 -8.43 21.87 4.52
CA PHE C 106 -7.81 20.83 3.70
C PHE C 106 -7.66 19.47 4.41
N GLY C 107 -7.54 18.41 3.61
CA GLY C 107 -7.24 17.09 4.12
C GLY C 107 -5.73 16.87 4.10
N GLU C 108 -5.27 15.77 4.67
CA GLU C 108 -3.84 15.53 4.85
C GLU C 108 -3.07 15.40 3.54
N GLY C 109 -3.77 15.01 2.48
CA GLY C 109 -3.12 14.84 1.18
C GLY C 109 -2.88 13.40 0.80
N SER C 110 -2.69 13.17 -0.49
CA SER C 110 -2.44 11.82 -1.01
C SER C 110 -1.44 11.87 -2.14
N ARG C 111 -0.29 11.22 -1.97
CA ARG C 111 0.70 11.20 -3.02
C ARG C 111 0.54 9.98 -3.93
N LEU C 112 0.26 10.23 -5.19
CA LEU C 112 0.14 9.18 -6.19
C LEU C 112 1.34 9.24 -7.14
N THR C 113 1.95 8.08 -7.38
CA THR C 113 3.01 8.00 -8.37
C THR C 113 2.61 6.97 -9.41
N VAL C 114 2.57 7.39 -10.68
CA VAL C 114 2.20 6.49 -11.75
C VAL C 114 3.41 6.12 -12.58
N LEU C 115 3.66 4.81 -12.70
CA LEU C 115 4.81 4.30 -13.43
C LEU C 115 4.37 3.40 -14.57
N GLU C 116 5.24 3.28 -15.58
CA GLU C 116 4.99 2.36 -16.69
C GLU C 116 5.03 0.93 -16.19
N ASP C 117 6.00 0.63 -15.33
CA ASP C 117 6.05 -0.63 -14.62
C ASP C 117 6.57 -0.44 -13.20
N LEU C 118 6.41 -1.47 -12.38
CA LEU C 118 6.84 -1.41 -10.99
C LEU C 118 8.27 -1.91 -10.86
N LYS C 119 8.86 -2.21 -12.02
CA LYS C 119 10.21 -2.77 -12.13
C LYS C 119 11.28 -1.87 -11.49
N ASN C 120 10.94 -0.60 -11.27
CA ASN C 120 11.91 0.34 -10.70
C ASN C 120 11.62 0.70 -9.24
N VAL C 121 10.64 0.04 -8.64
CA VAL C 121 10.30 0.29 -7.24
C VAL C 121 11.28 -0.40 -6.29
N PHE C 122 11.81 0.36 -5.34
CA PHE C 122 12.74 -0.17 -4.35
C PHE C 122 12.42 0.33 -2.95
N PRO C 123 12.59 -0.55 -1.94
CA PRO C 123 12.50 -0.12 -0.55
C PRO C 123 13.78 0.60 -0.14
N PRO C 124 13.76 1.32 0.99
CA PRO C 124 14.99 2.00 1.40
C PRO C 124 15.94 1.08 2.16
N GLU C 125 17.23 1.32 1.98
CA GLU C 125 18.25 0.68 2.79
C GLU C 125 18.58 1.62 3.95
N VAL C 126 18.38 1.13 5.17
CA VAL C 126 18.57 1.98 6.35
C VAL C 126 19.76 1.54 7.19
N ALA C 127 20.65 2.49 7.48
CA ALA C 127 21.80 2.26 8.35
C ALA C 127 21.95 3.39 9.35
N VAL C 128 22.38 3.05 10.56
CA VAL C 128 22.61 4.04 11.61
C VAL C 128 24.10 4.16 11.90
N PHE C 129 24.58 5.39 12.06
CA PHE C 129 26.00 5.62 12.31
C PHE C 129 26.22 6.34 13.64
N GLU C 130 26.97 5.69 14.53
CA GLU C 130 27.18 6.19 15.90
C GLU C 130 28.08 7.42 15.94
N PRO C 131 27.94 8.24 17.01
CA PRO C 131 28.65 9.51 17.13
C PRO C 131 30.16 9.42 17.14
N SER C 132 30.80 10.47 16.65
CA SER C 132 32.25 10.61 16.72
C SER C 132 32.70 10.89 18.15
N GLU C 133 33.69 10.14 18.61
CA GLU C 133 34.27 10.37 19.94
C GLU C 133 34.96 11.73 19.99
N ALA C 134 35.36 12.24 18.83
CA ALA C 134 35.89 13.59 18.73
C ALA C 134 34.83 14.62 19.08
N GLU C 135 33.62 14.43 18.56
CA GLU C 135 32.51 15.34 18.82
C GLU C 135 32.19 15.40 20.30
N ILE C 136 32.19 14.22 20.94
CA ILE C 136 31.83 14.09 22.34
C ILE C 136 32.83 14.79 23.25
N SER C 137 34.10 14.79 22.85
CA SER C 137 35.14 15.44 23.64
C SER C 137 35.15 16.94 23.43
N HIS C 138 34.72 17.38 22.26
CA HIS C 138 34.81 18.77 21.87
C HIS C 138 33.55 19.56 22.19
N THR C 139 32.39 18.92 22.05
CA THR C 139 31.12 19.62 22.18
C THR C 139 30.24 19.07 23.30
N GLN C 140 30.66 17.96 23.89
CA GLN C 140 29.89 17.26 24.92
C GLN C 140 28.50 16.90 24.41
N LYS C 141 28.40 16.70 23.10
CA LYS C 141 27.15 16.28 22.46
C LYS C 141 27.43 15.12 21.51
N ALA C 142 26.41 14.30 21.26
CA ALA C 142 26.58 13.12 20.42
C ALA C 142 25.54 13.07 19.31
N THR C 143 26.01 13.01 18.07
CA THR C 143 25.11 13.00 16.92
C THR C 143 25.10 11.66 16.19
N LEU C 144 23.95 10.99 16.24
CA LEU C 144 23.72 9.81 15.43
C LEU C 144 23.21 10.23 14.06
N VAL C 145 23.68 9.57 13.00
CA VAL C 145 23.18 9.84 11.66
C VAL C 145 22.53 8.59 11.08
N CYS C 146 21.38 8.77 10.43
CA CYS C 146 20.69 7.67 9.78
C CYS C 146 20.53 7.93 8.28
N LEU C 147 20.94 6.97 7.47
CA LEU C 147 20.79 7.08 6.03
C LEU C 147 19.75 6.10 5.50
N ALA C 148 18.85 6.59 4.66
CA ALA C 148 17.94 5.75 3.92
C ALA C 148 18.21 5.95 2.44
N THR C 149 18.75 4.92 1.78
CA THR C 149 19.20 5.07 0.41
C THR C 149 18.59 4.05 -0.54
N GLY C 150 18.63 4.37 -1.83
CA GLY C 150 18.21 3.45 -2.88
C GLY C 150 16.71 3.26 -3.06
N PHE C 151 15.89 4.07 -2.42
CA PHE C 151 14.44 3.86 -2.49
C PHE C 151 13.77 4.64 -3.63
N TYR C 152 12.62 4.15 -4.05
CA TYR C 152 11.84 4.73 -5.15
C TYR C 152 10.45 4.11 -5.14
N PRO C 153 9.40 4.95 -5.25
CA PRO C 153 9.49 6.41 -5.32
C PRO C 153 9.68 7.05 -3.94
N ASP C 154 9.59 8.38 -3.89
CA ASP C 154 9.73 9.12 -2.63
C ASP C 154 8.49 8.96 -1.77
N HIS C 155 8.30 7.76 -1.23
CA HIS C 155 7.17 7.44 -0.37
C HIS C 155 7.64 6.94 0.99
N VAL C 156 8.45 7.74 1.67
CA VAL C 156 9.04 7.32 2.93
C VAL C 156 8.69 8.23 4.10
N GLU C 157 8.79 7.68 5.30
CA GLU C 157 8.56 8.42 6.54
C GLU C 157 9.60 8.00 7.57
N LEU C 158 10.56 8.89 7.82
CA LEU C 158 11.64 8.60 8.76
C LEU C 158 11.27 9.08 10.16
N SER C 159 11.65 8.29 11.16
CA SER C 159 11.40 8.63 12.56
C SER C 159 12.46 7.99 13.47
N TRP C 160 12.80 8.70 14.54
CA TRP C 160 13.76 8.19 15.51
C TRP C 160 13.03 7.63 16.72
N TRP C 161 13.52 6.51 17.23
CA TRP C 161 12.94 5.88 18.41
C TRP C 161 13.98 5.70 19.50
N VAL C 162 13.76 6.36 20.63
CA VAL C 162 14.67 6.27 21.77
C VAL C 162 13.98 5.55 22.93
N ASN C 163 14.56 4.42 23.32
CA ASN C 163 14.02 3.58 24.39
C ASN C 163 12.55 3.21 24.17
N GLY C 164 12.22 2.87 22.93
CA GLY C 164 10.90 2.38 22.60
C GLY C 164 9.87 3.44 22.24
N LYS C 165 10.16 4.69 22.61
CA LYS C 165 9.24 5.79 22.33
C LYS C 165 9.80 6.74 21.27
N GLU C 166 8.90 7.26 20.44
CA GLU C 166 9.31 8.15 19.35
C GLU C 166 9.71 9.52 19.86
N VAL C 167 10.75 10.10 19.26
CA VAL C 167 11.24 11.41 19.65
C VAL C 167 11.25 12.38 18.48
N HIS C 168 11.28 13.67 18.79
CA HIS C 168 11.28 14.73 17.78
C HIS C 168 12.32 15.79 18.12
N SER C 169 12.56 15.98 19.41
CA SER C 169 13.57 16.93 19.86
C SER C 169 14.97 16.46 19.52
N GLY C 170 15.77 17.35 18.95
CA GLY C 170 17.13 17.01 18.58
C GLY C 170 17.20 16.30 17.24
N VAL C 171 16.06 16.22 16.56
CA VAL C 171 15.98 15.52 15.28
C VAL C 171 15.88 16.50 14.11
N CYS C 172 16.73 16.29 13.11
CA CYS C 172 16.60 16.99 11.84
C CYS C 172 16.65 16.00 10.69
N THR C 173 15.59 15.96 9.89
CA THR C 173 15.53 15.11 8.72
C THR C 173 15.41 15.98 7.47
N ASP C 174 16.12 15.62 6.41
CA ASP C 174 16.08 16.35 5.15
C ASP C 174 14.65 16.56 4.69
N PRO C 175 14.28 17.81 4.45
CA PRO C 175 12.92 18.15 4.00
C PRO C 175 12.63 17.58 2.60
N GLN C 176 13.62 17.53 1.72
CA GLN C 176 13.52 16.91 0.39
C GLN C 176 14.55 15.78 0.28
N PRO C 177 14.23 14.69 -0.43
CA PRO C 177 15.21 13.62 -0.65
C PRO C 177 16.27 13.96 -1.72
N LEU C 178 17.33 13.16 -1.77
CA LEU C 178 18.44 13.40 -2.69
C LEU C 178 18.43 12.40 -3.84
N LYS C 179 18.48 12.90 -5.07
CA LYS C 179 18.60 12.04 -6.24
C LYS C 179 20.04 11.53 -6.36
N GLU C 180 20.19 10.21 -6.31
CA GLU C 180 21.52 9.60 -6.35
C GLU C 180 22.14 9.70 -7.75
N GLN C 181 21.29 9.67 -8.77
CA GLN C 181 21.74 9.86 -10.14
C GLN C 181 20.86 10.89 -10.83
N PRO C 182 21.10 12.17 -10.53
CA PRO C 182 20.24 13.31 -10.92
C PRO C 182 19.99 13.43 -12.42
N ALA C 183 20.88 12.88 -13.23
CA ALA C 183 20.76 12.96 -14.67
C ALA C 183 19.56 12.18 -15.17
N LEU C 184 19.13 11.21 -14.36
CA LEU C 184 18.17 10.19 -14.78
C LEU C 184 16.76 10.52 -14.27
N ASN C 185 15.76 10.13 -15.06
CA ASN C 185 14.35 10.33 -14.70
C ASN C 185 13.92 9.28 -13.69
N ASP C 186 14.61 8.16 -13.72
CA ASP C 186 14.29 6.97 -12.97
C ASP C 186 14.94 6.99 -11.59
N SER C 187 15.68 8.06 -11.30
CA SER C 187 16.69 8.05 -10.22
C SER C 187 16.12 7.70 -8.86
N ARG C 188 16.80 6.81 -8.15
CA ARG C 188 16.39 6.45 -6.80
C ARG C 188 16.85 7.52 -5.83
N TYR C 189 16.25 7.55 -4.65
CA TYR C 189 16.47 8.64 -3.72
C TYR C 189 17.28 8.24 -2.50
N ALA C 190 17.81 9.25 -1.81
CA ALA C 190 18.47 9.06 -0.53
C ALA C 190 18.00 10.15 0.43
N LEU C 191 17.96 9.82 1.72
CA LEU C 191 17.47 10.75 2.72
C LEU C 191 18.22 10.60 4.03
N SER C 192 18.85 11.68 4.49
CA SER C 192 19.60 11.61 5.75
C SER C 192 18.81 12.23 6.89
N SER C 193 19.16 11.83 8.11
CA SER C 193 18.54 12.39 9.30
C SER C 193 19.51 12.29 10.47
N ARG C 194 19.40 13.22 11.42
CA ARG C 194 20.25 13.16 12.62
C ARG C 194 19.44 13.19 13.89
N LEU C 195 19.99 12.52 14.90
CA LEU C 195 19.52 12.64 16.28
C LEU C 195 20.70 13.10 17.10
N ARG C 196 20.56 14.27 17.75
CA ARG C 196 21.64 14.79 18.57
C ARG C 196 21.25 14.83 20.03
N VAL C 197 22.03 14.16 20.86
CA VAL C 197 21.75 14.06 22.28
C VAL C 197 22.93 14.52 23.12
N SER C 198 22.66 14.79 24.39
CA SER C 198 23.71 15.09 25.35
C SER C 198 24.71 13.93 25.41
N ALA C 199 25.98 14.24 25.61
CA ALA C 199 27.01 13.20 25.70
C ALA C 199 26.73 12.24 26.86
N THR C 200 26.20 12.78 27.96
CA THR C 200 25.90 11.97 29.13
C THR C 200 24.70 11.04 28.88
N PHE C 201 23.94 11.31 27.82
CA PHE C 201 22.83 10.44 27.46
C PHE C 201 23.32 9.28 26.62
N TRP C 202 24.22 9.57 25.67
CA TRP C 202 24.78 8.56 24.80
C TRP C 202 25.72 7.62 25.57
N GLN C 203 26.35 8.14 26.62
CA GLN C 203 27.34 7.37 27.37
C GLN C 203 26.70 6.40 28.36
N ASN C 204 25.38 6.43 28.45
CA ASN C 204 24.64 5.44 29.22
C ASN C 204 24.42 4.19 28.37
N PRO C 205 24.86 3.03 28.85
CA PRO C 205 24.89 1.84 28.01
C PRO C 205 23.54 1.14 27.82
N ARG C 206 22.53 1.51 28.60
CA ARG C 206 21.24 0.85 28.48
C ARG C 206 20.22 1.68 27.69
N ASN C 207 20.70 2.74 27.04
CA ASN C 207 19.84 3.53 26.17
C ASN C 207 19.82 2.97 24.75
N HIS C 208 18.62 2.86 24.18
CA HIS C 208 18.46 2.27 22.85
C HIS C 208 18.02 3.30 21.83
N PHE C 209 18.74 3.36 20.71
CA PHE C 209 18.44 4.27 19.63
C PHE C 209 18.04 3.50 18.38
N ARG C 210 16.99 3.95 17.71
CA ARG C 210 16.51 3.26 16.52
C ARG C 210 15.96 4.22 15.47
N CYS C 211 16.49 4.11 14.26
CA CYS C 211 15.98 4.88 13.12
C CYS C 211 15.06 4.01 12.27
N GLN C 212 13.79 4.40 12.18
CA GLN C 212 12.79 3.63 11.45
C GLN C 212 12.32 4.37 10.21
N VAL C 213 12.27 3.66 9.09
CA VAL C 213 11.74 4.25 7.86
C VAL C 213 10.57 3.42 7.34
N GLN C 214 9.38 4.02 7.40
CA GLN C 214 8.18 3.41 6.84
C GLN C 214 8.13 3.69 5.34
N PHE C 215 8.05 2.63 4.55
CA PHE C 215 8.03 2.76 3.10
C PHE C 215 6.72 2.28 2.52
N TYR C 216 6.17 3.05 1.59
CA TYR C 216 4.92 2.69 0.95
C TYR C 216 5.17 2.29 -0.50
N GLY C 217 5.02 1.00 -0.78
CA GLY C 217 5.23 0.49 -2.11
C GLY C 217 4.09 -0.41 -2.52
N LEU C 218 4.41 -1.53 -3.15
CA LEU C 218 3.40 -2.42 -3.70
C LEU C 218 2.52 -3.04 -2.62
N SER C 219 1.32 -3.46 -3.02
CA SER C 219 0.42 -4.18 -2.14
C SER C 219 0.29 -5.63 -2.61
N GLU C 220 -0.55 -6.40 -1.92
CA GLU C 220 -0.75 -7.80 -2.21
C GLU C 220 -1.21 -8.05 -3.65
N ASN C 221 -2.05 -7.17 -4.17
CA ASN C 221 -2.65 -7.38 -5.48
C ASN C 221 -1.83 -6.86 -6.65
N ASP C 222 -0.66 -6.28 -6.37
CA ASP C 222 0.23 -5.84 -7.43
C ASP C 222 1.05 -7.00 -7.96
N GLU C 223 1.14 -7.10 -9.27
CA GLU C 223 1.88 -8.19 -9.90
C GLU C 223 3.38 -7.97 -9.78
N TRP C 224 4.12 -9.04 -9.55
CA TRP C 224 5.58 -8.94 -9.42
C TRP C 224 6.27 -10.10 -10.13
N THR C 225 7.14 -9.77 -11.08
CA THR C 225 7.82 -10.77 -11.89
C THR C 225 9.33 -10.69 -11.79
N GLN C 226 9.83 -9.64 -11.15
CA GLN C 226 11.27 -9.47 -11.00
C GLN C 226 11.84 -10.52 -10.05
N ASP C 227 13.14 -10.80 -10.20
CA ASP C 227 13.78 -11.86 -9.45
C ASP C 227 14.22 -11.43 -8.04
N ARG C 228 14.04 -10.15 -7.73
CA ARG C 228 14.34 -9.66 -6.38
C ARG C 228 13.06 -9.65 -5.55
N ALA C 229 13.19 -9.38 -4.26
CA ALA C 229 12.06 -9.34 -3.35
C ALA C 229 11.04 -8.28 -3.75
N LYS C 230 9.77 -8.64 -3.64
CA LYS C 230 8.67 -7.73 -3.96
C LYS C 230 8.66 -6.54 -3.00
N PRO C 231 8.86 -5.33 -3.53
CA PRO C 231 8.99 -4.10 -2.74
C PRO C 231 7.67 -3.64 -2.15
N VAL C 232 7.07 -4.49 -1.33
CA VAL C 232 5.80 -4.17 -0.69
C VAL C 232 5.97 -3.06 0.35
N THR C 233 4.85 -2.57 0.87
CA THR C 233 4.87 -1.67 2.02
C THR C 233 5.57 -2.35 3.19
N GLN C 234 6.58 -1.69 3.74
CA GLN C 234 7.39 -2.30 4.79
C GLN C 234 8.12 -1.27 5.66
N ILE C 235 8.42 -1.68 6.88
CA ILE C 235 9.25 -0.88 7.77
C ILE C 235 10.67 -1.45 7.78
N VAL C 236 11.66 -0.57 7.63
CA VAL C 236 13.06 -0.96 7.65
C VAL C 236 13.81 -0.14 8.68
N SER C 237 14.50 -0.82 9.59
CA SER C 237 15.12 -0.14 10.73
C SER C 237 16.63 -0.41 10.85
N ALA C 238 17.25 0.35 11.74
CA ALA C 238 18.65 0.16 12.11
C ALA C 238 18.84 0.79 13.49
N GLU C 239 19.74 0.22 14.29
CA GLU C 239 19.79 0.60 15.70
C GLU C 239 21.17 0.75 16.30
N ALA C 240 21.21 1.40 17.47
CA ALA C 240 22.44 1.56 18.23
C ALA C 240 22.15 1.56 19.73
N TRP C 241 23.18 1.17 20.48
CA TRP C 241 23.21 1.27 21.94
C TRP C 241 24.30 2.27 22.33
N GLY C 242 24.19 2.86 23.52
CA GLY C 242 25.22 3.74 24.03
C GLY C 242 26.53 3.02 24.30
N ARG C 243 27.65 3.69 24.06
CA ARG C 243 28.97 3.15 24.39
C ARG C 243 29.28 3.43 25.86
N ALA C 244 30.39 2.89 26.33
CA ALA C 244 30.82 2.91 27.73
C ALA C 244 30.62 4.25 28.46
N ILE D 2 -48.62 38.85 7.85
CA ILE D 2 -49.40 39.85 7.13
C ILE D 2 -49.50 39.50 5.64
N GLN D 3 -50.71 39.30 5.16
CA GLN D 3 -50.95 38.98 3.76
C GLN D 3 -51.54 40.18 3.02
N ARG D 4 -51.03 40.43 1.81
CA ARG D 4 -51.47 41.57 1.03
C ARG D 4 -52.31 41.13 -0.17
N THR D 5 -53.48 41.75 -0.31
CA THR D 5 -54.38 41.45 -1.41
C THR D 5 -53.84 42.00 -2.73
N PRO D 6 -54.19 41.36 -3.86
CA PRO D 6 -53.70 41.86 -5.15
C PRO D 6 -54.39 43.16 -5.59
N LYS D 7 -53.67 43.97 -6.35
CA LYS D 7 -54.27 45.13 -7.00
C LYS D 7 -54.52 44.79 -8.46
N ILE D 8 -55.75 44.97 -8.91
CA ILE D 8 -56.15 44.54 -10.25
C ILE D 8 -56.53 45.72 -11.13
N GLN D 9 -55.77 45.91 -12.21
CA GLN D 9 -56.04 46.98 -13.16
C GLN D 9 -56.17 46.42 -14.57
N VAL D 10 -57.23 46.82 -15.26
CA VAL D 10 -57.49 46.34 -16.61
C VAL D 10 -57.50 47.50 -17.59
N TYR D 11 -56.68 47.40 -18.63
CA TYR D 11 -56.49 48.51 -19.55
C TYR D 11 -56.01 48.00 -20.91
N SER D 12 -56.04 48.88 -21.90
CA SER D 12 -55.57 48.51 -23.24
C SER D 12 -54.15 49.02 -23.47
N ARG D 13 -53.42 48.35 -24.35
CA ARG D 13 -52.04 48.75 -24.67
C ARG D 13 -52.04 50.13 -25.31
N HIS D 14 -52.87 50.30 -26.32
CA HIS D 14 -53.02 51.59 -26.98
C HIS D 14 -54.40 52.14 -26.67
N PRO D 15 -54.57 53.47 -26.80
CA PRO D 15 -55.92 54.05 -26.68
C PRO D 15 -56.90 53.34 -27.58
N ALA D 16 -57.89 52.69 -26.99
CA ALA D 16 -58.78 51.79 -27.72
C ALA D 16 -59.74 52.53 -28.65
N GLU D 17 -59.98 51.93 -29.80
CA GLU D 17 -60.97 52.40 -30.75
C GLU D 17 -61.70 51.21 -31.36
N ASN D 18 -63.02 51.29 -31.45
CA ASN D 18 -63.81 50.21 -32.00
C ASN D 18 -63.47 49.95 -33.47
N GLY D 19 -62.94 48.76 -33.74
CA GLY D 19 -62.56 48.38 -35.09
C GLY D 19 -61.06 48.18 -35.25
N LYS D 20 -60.29 48.80 -34.37
CA LYS D 20 -58.83 48.73 -34.45
C LYS D 20 -58.26 47.68 -33.51
N SER D 21 -57.32 46.89 -34.01
CA SER D 21 -56.70 45.82 -33.23
C SER D 21 -55.93 46.38 -32.05
N ASN D 22 -55.92 45.65 -30.94
CA ASN D 22 -55.28 46.11 -29.72
C ASN D 22 -54.86 44.97 -28.79
N PHE D 23 -54.37 45.33 -27.61
CA PHE D 23 -54.03 44.35 -26.60
C PHE D 23 -54.70 44.70 -25.27
N LEU D 24 -55.34 43.73 -24.65
CA LEU D 24 -55.97 43.94 -23.34
C LEU D 24 -55.04 43.47 -22.23
N ASN D 25 -54.64 44.39 -21.37
CA ASN D 25 -53.74 44.04 -20.28
C ASN D 25 -54.46 43.91 -18.95
N CYS D 26 -54.06 42.93 -18.16
CA CYS D 26 -54.49 42.81 -16.78
C CYS D 26 -53.26 42.76 -15.89
N TYR D 27 -53.04 43.84 -15.16
CA TYR D 27 -51.86 43.97 -14.30
C TYR D 27 -52.25 43.64 -12.87
N VAL D 28 -51.59 42.65 -12.29
CA VAL D 28 -51.86 42.23 -10.93
C VAL D 28 -50.61 42.46 -10.07
N SER D 29 -50.72 43.33 -9.07
CA SER D 29 -49.55 43.73 -8.31
C SER D 29 -49.82 43.91 -6.82
N GLY D 30 -48.73 43.92 -6.04
CA GLY D 30 -48.80 44.23 -4.62
C GLY D 30 -49.36 43.11 -3.76
N PHE D 31 -49.30 41.88 -4.25
CA PHE D 31 -49.84 40.76 -3.47
C PHE D 31 -48.75 39.88 -2.86
N HIS D 32 -49.13 39.17 -1.80
CA HIS D 32 -48.24 38.26 -1.09
C HIS D 32 -49.09 37.31 -0.26
N PRO D 33 -48.83 35.99 -0.35
CA PRO D 33 -47.78 35.30 -1.12
C PRO D 33 -48.02 35.27 -2.62
N SER D 34 -47.15 34.55 -3.33
CA SER D 34 -47.08 34.59 -4.79
C SER D 34 -48.11 33.70 -5.48
N ASP D 35 -48.77 32.83 -4.72
CA ASP D 35 -49.74 31.90 -5.28
C ASP D 35 -50.93 32.65 -5.89
N ILE D 36 -51.11 32.53 -7.19
CA ILE D 36 -52.15 33.28 -7.88
C ILE D 36 -52.57 32.65 -9.21
N GLU D 37 -53.80 32.91 -9.64
CA GLU D 37 -54.28 32.48 -10.95
C GLU D 37 -55.11 33.60 -11.60
N VAL D 38 -54.82 33.89 -12.86
CA VAL D 38 -55.43 35.01 -13.56
C VAL D 38 -55.89 34.66 -14.98
N ASP D 39 -57.18 34.84 -15.26
CA ASP D 39 -57.69 34.62 -16.60
C ASP D 39 -58.60 35.78 -17.04
N LEU D 40 -58.59 36.08 -18.34
CA LEU D 40 -59.37 37.19 -18.88
C LEU D 40 -60.75 36.77 -19.36
N LEU D 41 -61.70 37.69 -19.29
CA LEU D 41 -63.11 37.40 -19.60
C LEU D 41 -63.64 38.15 -20.81
N LYS D 42 -64.13 37.41 -21.79
CA LYS D 42 -64.88 38.01 -22.89
C LYS D 42 -66.37 37.89 -22.61
N ASN D 43 -66.93 38.90 -21.94
CA ASN D 43 -68.34 38.91 -21.55
C ASN D 43 -68.77 37.67 -20.78
N GLY D 44 -68.01 37.32 -19.75
CA GLY D 44 -68.38 36.22 -18.87
C GLY D 44 -67.57 34.96 -19.05
N GLU D 45 -67.28 34.61 -20.30
CA GLU D 45 -66.54 33.38 -20.59
C GLU D 45 -65.03 33.64 -20.67
N ARG D 46 -64.25 32.63 -20.28
CA ARG D 46 -62.79 32.69 -20.30
C ARG D 46 -62.16 32.81 -21.67
N ILE D 47 -61.16 33.68 -21.77
CA ILE D 47 -60.22 33.57 -22.89
C ILE D 47 -59.02 32.67 -22.54
N GLU D 48 -58.72 31.82 -23.51
CA GLU D 48 -57.82 30.71 -23.45
C GLU D 48 -56.47 31.05 -24.10
N LYS D 49 -56.55 31.94 -25.07
CA LYS D 49 -55.38 32.41 -25.83
C LYS D 49 -54.83 33.65 -25.14
N VAL D 50 -54.39 33.46 -23.90
CA VAL D 50 -53.94 34.56 -23.07
C VAL D 50 -52.51 34.34 -22.61
N GLU D 51 -51.65 35.29 -22.96
CA GLU D 51 -50.24 35.24 -22.59
C GLU D 51 -49.98 35.95 -21.27
N HIS D 52 -48.82 35.70 -20.69
CA HIS D 52 -48.45 36.33 -19.42
C HIS D 52 -46.95 36.34 -19.21
N SER D 53 -46.48 37.38 -18.52
CA SER D 53 -45.07 37.48 -18.17
C SER D 53 -44.75 36.52 -17.03
N ASP D 54 -43.47 36.35 -16.74
CA ASP D 54 -43.06 35.56 -15.58
C ASP D 54 -43.36 36.35 -14.31
N LEU D 55 -43.46 35.64 -13.18
CA LEU D 55 -43.67 36.31 -11.90
C LEU D 55 -42.52 37.27 -11.65
N SER D 56 -42.83 38.41 -11.04
CA SER D 56 -41.82 39.43 -10.84
C SER D 56 -41.79 39.92 -9.40
N PHE D 57 -40.73 40.64 -9.04
CA PHE D 57 -40.50 41.00 -7.64
C PHE D 57 -40.37 42.50 -7.44
N SER D 58 -40.91 42.99 -6.32
CA SER D 58 -40.81 44.41 -5.98
C SER D 58 -39.99 44.63 -4.71
N LYS D 59 -39.48 45.85 -4.54
CA LYS D 59 -38.66 46.22 -3.39
C LYS D 59 -39.39 46.07 -2.06
N ASP D 60 -40.71 46.22 -2.08
CA ASP D 60 -41.52 46.08 -0.87
C ASP D 60 -41.92 44.63 -0.64
N TRP D 61 -41.22 43.73 -1.33
CA TRP D 61 -41.38 42.27 -1.20
C TRP D 61 -42.66 41.75 -1.84
N SER D 62 -43.39 42.61 -2.52
CA SER D 62 -44.60 42.18 -3.20
C SER D 62 -44.27 41.63 -4.60
N PHE D 63 -45.23 40.90 -5.18
CA PHE D 63 -45.04 40.34 -6.51
C PHE D 63 -46.00 40.97 -7.51
N TYR D 64 -45.63 40.94 -8.80
CA TYR D 64 -46.56 41.41 -9.83
C TYR D 64 -46.52 40.55 -11.10
N LEU D 65 -47.55 40.70 -11.92
CA LEU D 65 -47.75 39.90 -13.11
C LEU D 65 -48.51 40.67 -14.19
N LEU D 66 -48.22 40.37 -15.45
CA LEU D 66 -48.96 40.98 -16.55
C LEU D 66 -49.59 39.93 -17.45
N TYR D 67 -50.92 39.94 -17.51
CA TYR D 67 -51.66 39.05 -18.40
C TYR D 67 -52.24 39.85 -19.57
N TYR D 68 -52.18 39.30 -20.77
CA TYR D 68 -52.62 40.05 -21.95
C TYR D 68 -53.03 39.18 -23.13
N THR D 69 -54.02 39.67 -23.88
CA THR D 69 -54.47 39.04 -25.12
C THR D 69 -54.47 40.03 -26.27
N GLU D 70 -54.61 39.51 -27.48
CA GLU D 70 -54.79 40.35 -28.66
C GLU D 70 -56.26 40.37 -29.05
N PHE D 71 -56.79 41.56 -29.30
CA PHE D 71 -58.23 41.69 -29.57
C PHE D 71 -58.59 42.96 -30.34
N THR D 72 -59.79 42.96 -30.90
CA THR D 72 -60.36 44.16 -31.50
C THR D 72 -61.64 44.54 -30.75
N PRO D 73 -61.57 45.63 -29.98
CA PRO D 73 -62.71 46.10 -29.17
C PRO D 73 -63.92 46.46 -30.02
N THR D 74 -65.11 46.16 -29.52
CA THR D 74 -66.35 46.47 -30.23
C THR D 74 -67.37 47.10 -29.28
N GLU D 75 -68.45 47.64 -29.85
CA GLU D 75 -69.52 48.20 -29.04
C GLU D 75 -70.21 47.11 -28.23
N LYS D 76 -70.35 45.94 -28.83
CA LYS D 76 -71.05 44.83 -28.21
C LYS D 76 -70.31 44.27 -26.99
N ASP D 77 -69.02 43.96 -27.17
CA ASP D 77 -68.25 43.25 -26.16
C ASP D 77 -67.92 44.07 -24.91
N GLU D 78 -67.79 43.37 -23.78
CA GLU D 78 -67.33 43.97 -22.54
C GLU D 78 -66.39 43.00 -21.83
N TYR D 79 -65.21 43.47 -21.44
CA TYR D 79 -64.18 42.58 -20.92
C TYR D 79 -63.94 42.72 -19.42
N ALA D 80 -63.37 41.69 -18.82
CA ALA D 80 -63.07 41.67 -17.41
C ALA D 80 -61.85 40.81 -17.10
N CYS D 81 -61.36 40.88 -15.88
CA CYS D 81 -60.24 40.06 -15.44
C CYS D 81 -60.56 39.46 -14.08
N ARG D 82 -60.54 38.13 -13.99
CA ARG D 82 -60.90 37.49 -12.74
C ARG D 82 -59.67 36.88 -12.06
N VAL D 83 -59.50 37.23 -10.79
CA VAL D 83 -58.30 36.91 -10.04
C VAL D 83 -58.65 36.19 -8.75
N ASN D 84 -57.91 35.14 -8.41
CA ASN D 84 -58.11 34.45 -7.15
C ASN D 84 -56.82 34.40 -6.34
N HIS D 85 -56.92 34.74 -5.06
CA HIS D 85 -55.77 34.80 -4.18
C HIS D 85 -56.14 34.29 -2.79
N VAL D 86 -55.14 34.04 -1.95
CA VAL D 86 -55.36 33.55 -0.60
C VAL D 86 -56.12 34.58 0.24
N THR D 87 -55.96 35.85 -0.10
CA THR D 87 -56.61 36.94 0.63
C THR D 87 -58.04 37.19 0.15
N LEU D 88 -58.45 36.48 -0.90
CA LEU D 88 -59.79 36.60 -1.43
C LEU D 88 -60.58 35.31 -1.17
N SER D 89 -61.80 35.46 -0.66
CA SER D 89 -62.66 34.30 -0.43
C SER D 89 -63.38 33.89 -1.72
N GLN D 90 -63.87 34.88 -2.45
CA GLN D 90 -64.48 34.63 -3.76
C GLN D 90 -63.67 35.31 -4.86
N PRO D 91 -63.63 34.69 -6.05
CA PRO D 91 -62.90 35.25 -7.20
C PRO D 91 -63.32 36.69 -7.50
N LYS D 92 -62.37 37.61 -7.40
CA LYS D 92 -62.63 39.03 -7.65
C LYS D 92 -62.61 39.34 -9.15
N ILE D 93 -63.66 39.98 -9.63
CA ILE D 93 -63.77 40.32 -11.05
C ILE D 93 -63.70 41.82 -11.27
N VAL D 94 -62.73 42.25 -12.07
CA VAL D 94 -62.57 43.66 -12.41
C VAL D 94 -62.80 43.88 -13.90
N LYS D 95 -63.87 44.59 -14.24
CA LYS D 95 -64.24 44.80 -15.63
C LYS D 95 -63.41 45.89 -16.28
N TRP D 96 -63.25 45.79 -17.60
CA TRP D 96 -62.52 46.79 -18.38
C TRP D 96 -63.36 48.07 -18.55
N ASP D 97 -62.78 49.22 -18.25
CA ASP D 97 -63.48 50.50 -18.45
C ASP D 97 -62.99 51.20 -19.72
N ARG D 98 -63.72 52.22 -20.13
CA ARG D 98 -63.30 53.01 -21.28
C ARG D 98 -63.84 54.42 -21.15
N MET E 1 10.65 -1.60 28.40
CA MET E 1 10.95 -2.00 27.04
C MET E 1 11.14 -3.51 26.94
N ARG E 2 10.03 -4.26 27.05
CA ARG E 2 10.15 -5.71 27.02
C ARG E 2 10.28 -6.24 25.60
N THR E 3 11.49 -6.14 25.09
CA THR E 3 11.91 -6.77 23.84
C THR E 3 12.20 -8.23 24.10
N HIS E 4 11.68 -9.11 23.25
CA HIS E 4 12.03 -10.52 23.34
C HIS E 4 12.91 -10.92 22.16
N SER E 5 13.87 -11.80 22.41
CA SER E 5 14.79 -12.21 21.36
C SER E 5 15.00 -13.72 21.33
N LEU E 6 15.10 -14.25 20.12
CA LEU E 6 15.48 -15.64 19.91
C LEU E 6 16.87 -15.61 19.26
N ARG E 7 17.77 -16.46 19.73
CA ARG E 7 19.16 -16.36 19.30
C ARG E 7 19.86 -17.72 19.35
N TYR E 8 20.38 -18.15 18.21
CA TYR E 8 21.10 -19.42 18.12
C TYR E 8 22.55 -19.21 17.73
N PHE E 9 23.44 -19.76 18.55
CA PHE E 9 24.88 -19.70 18.29
C PHE E 9 25.42 -21.06 17.88
N ARG E 10 26.48 -21.05 17.08
CA ARG E 10 27.19 -22.27 16.73
C ARG E 10 28.68 -21.99 16.78
N LEU E 11 29.42 -22.87 17.44
CA LEU E 11 30.86 -22.69 17.61
C LEU E 11 31.63 -23.88 17.07
N GLY E 12 32.57 -23.61 16.16
CA GLY E 12 33.42 -24.65 15.63
C GLY E 12 34.87 -24.38 16.02
N VAL E 13 35.50 -25.36 16.66
CA VAL E 13 36.90 -25.22 17.05
C VAL E 13 37.73 -26.28 16.34
N SER E 14 38.75 -25.83 15.60
CA SER E 14 39.69 -26.76 14.98
C SER E 14 40.79 -27.11 15.97
N ASP E 15 41.37 -28.30 15.80
CA ASP E 15 42.42 -28.80 16.68
C ASP E 15 42.14 -28.59 18.16
N PRO E 16 40.98 -29.05 18.66
CA PRO E 16 40.61 -28.75 20.05
C PRO E 16 41.37 -29.59 21.08
N ILE E 17 41.68 -28.98 22.22
CA ILE E 17 42.38 -29.66 23.30
C ILE E 17 41.39 -30.14 24.35
N VAL E 20 37.69 -29.85 25.41
CA VAL E 20 36.95 -28.89 24.59
C VAL E 20 36.37 -29.57 23.35
N PRO E 21 35.05 -29.43 23.14
CA PRO E 21 34.40 -30.01 21.95
C PRO E 21 34.85 -29.30 20.68
N GLU E 22 34.67 -29.93 19.53
CA GLU E 22 35.01 -29.29 18.26
C GLU E 22 33.81 -28.52 17.70
N PHE E 23 32.64 -28.79 18.26
CA PHE E 23 31.42 -28.15 17.80
C PHE E 23 30.42 -28.00 18.95
N ILE E 24 29.81 -26.82 19.05
CA ILE E 24 28.80 -26.53 20.07
C ILE E 24 27.70 -25.66 19.48
N SER E 25 26.44 -26.04 19.74
CA SER E 25 25.31 -25.24 19.30
C SER E 25 24.33 -25.02 20.45
N VAL E 26 24.06 -23.76 20.76
CA VAL E 26 23.13 -23.40 21.83
C VAL E 26 22.13 -22.36 21.34
N GLY E 27 20.88 -22.52 21.76
CA GLY E 27 19.85 -21.54 21.44
C GLY E 27 19.34 -20.82 22.69
N TYR E 28 19.05 -19.54 22.54
CA TYR E 28 18.55 -18.73 23.65
C TYR E 28 17.23 -18.05 23.33
N VAL E 29 16.31 -18.08 24.30
CA VAL E 29 15.18 -17.17 24.29
C VAL E 29 15.45 -16.12 25.37
N ASP E 30 15.62 -14.88 24.94
CA ASP E 30 16.13 -13.81 25.80
C ASP E 30 17.48 -14.21 26.37
N SER E 31 17.59 -14.26 27.70
CA SER E 31 18.83 -14.64 28.35
C SER E 31 18.79 -16.08 28.84
N HIS E 32 17.72 -16.79 28.51
CA HIS E 32 17.58 -18.18 28.93
C HIS E 32 18.01 -19.16 27.85
N PRO E 33 18.94 -20.06 28.20
CA PRO E 33 19.28 -21.16 27.28
C PRO E 33 18.11 -22.14 27.16
N ILE E 34 17.86 -22.65 25.95
CA ILE E 34 16.73 -23.55 25.76
C ILE E 34 17.13 -24.89 25.16
N THR E 35 18.11 -24.88 24.26
CA THR E 35 18.57 -26.10 23.60
C THR E 35 20.08 -26.11 23.48
N THR E 36 20.68 -27.30 23.59
CA THR E 36 22.13 -27.41 23.50
C THR E 36 22.57 -28.68 22.76
N TYR E 37 23.73 -28.59 22.12
CA TYR E 37 24.31 -29.70 21.37
C TYR E 37 25.82 -29.51 21.28
N ASP E 38 26.57 -30.58 21.49
CA ASP E 38 28.00 -30.56 21.22
C ASP E 38 28.45 -31.86 20.57
N SER E 39 29.67 -31.85 20.02
CA SER E 39 30.20 -32.97 19.27
C SER E 39 30.52 -34.17 20.16
N VAL E 40 30.39 -34.00 21.46
CA VAL E 40 30.65 -35.08 22.41
C VAL E 40 29.41 -35.92 22.65
N THR E 41 28.28 -35.26 22.89
CA THR E 41 27.00 -35.96 23.09
C THR E 41 26.37 -36.38 21.77
N ARG E 42 26.51 -35.52 20.76
CA ARG E 42 25.89 -35.72 19.45
C ARG E 42 24.38 -35.86 19.57
N GLN E 43 23.81 -35.25 20.61
CA GLN E 43 22.38 -35.25 20.87
C GLN E 43 21.90 -33.82 21.14
N LYS E 44 20.75 -33.46 20.59
CA LYS E 44 20.16 -32.16 20.92
C LYS E 44 19.30 -32.28 22.16
N GLU E 45 19.67 -31.55 23.21
CA GLU E 45 19.00 -31.65 24.50
C GLU E 45 18.40 -30.31 24.93
N PRO E 46 17.32 -30.36 25.73
CA PRO E 46 16.75 -29.13 26.29
C PRO E 46 17.61 -28.54 27.40
N ARG E 47 17.54 -27.22 27.55
N ARG E 47 17.55 -27.21 27.54
CA ARG E 47 18.25 -26.55 28.64
CA ARG E 47 18.25 -26.52 28.62
C ARG E 47 17.25 -25.80 29.52
C ARG E 47 17.24 -25.85 29.54
N ALA E 48 15.97 -25.99 29.21
CA ALA E 48 14.89 -25.40 30.00
C ALA E 48 13.77 -26.42 30.14
N PRO E 49 13.20 -26.53 31.35
CA PRO E 49 12.15 -27.53 31.61
C PRO E 49 10.91 -27.33 30.73
N TRP E 50 10.58 -26.07 30.43
CA TRP E 50 9.39 -25.79 29.63
C TRP E 50 9.61 -26.04 28.14
N MET E 51 10.85 -26.37 27.78
CA MET E 51 11.16 -26.76 26.40
C MET E 51 10.94 -28.25 26.21
N ALA E 52 11.47 -29.04 27.15
CA ALA E 52 11.33 -30.49 27.10
C ALA E 52 9.85 -30.91 27.19
N GLU E 53 9.10 -30.20 28.03
CA GLU E 53 7.71 -30.54 28.29
C GLU E 53 6.80 -30.27 27.08
N ASN E 54 7.19 -29.34 26.23
CA ASN E 54 6.33 -28.92 25.13
C ASN E 54 6.78 -29.38 23.74
N LEU E 55 7.96 -30.00 23.66
CA LEU E 55 8.46 -30.48 22.38
C LEU E 55 8.58 -31.99 22.36
N ALA E 56 7.83 -32.63 21.46
CA ALA E 56 7.82 -34.08 21.31
C ALA E 56 9.21 -34.60 20.92
N PRO E 57 9.49 -35.88 21.23
CA PRO E 57 10.78 -36.50 20.88
C PRO E 57 11.14 -36.36 19.41
N ASP E 58 10.14 -36.37 18.53
CA ASP E 58 10.33 -36.20 17.10
C ASP E 58 11.14 -34.94 16.80
N HIS E 59 10.89 -33.89 17.58
CA HIS E 59 11.59 -32.62 17.44
C HIS E 59 13.07 -32.79 17.72
N TRP E 60 13.37 -33.41 18.86
CA TRP E 60 14.75 -33.59 19.31
C TRP E 60 15.51 -34.54 18.40
N GLU E 61 14.81 -35.54 17.89
CA GLU E 61 15.42 -36.49 16.98
C GLU E 61 15.73 -35.81 15.64
N ARG E 62 14.83 -34.96 15.19
CA ARG E 62 15.01 -34.27 13.91
C ARG E 62 16.17 -33.29 13.94
N TYR E 63 16.26 -32.49 15.00
CA TYR E 63 17.29 -31.47 15.04
C TYR E 63 18.65 -32.00 15.47
N THR E 64 18.65 -33.19 16.08
CA THR E 64 19.90 -33.90 16.32
C THR E 64 20.55 -34.25 14.98
N GLN E 65 19.74 -34.74 14.05
CA GLN E 65 20.21 -35.09 12.71
C GLN E 65 20.82 -33.88 12.00
N LEU E 66 20.13 -32.74 12.07
CA LEU E 66 20.59 -31.54 11.40
C LEU E 66 21.88 -31.01 12.02
N LEU E 67 21.99 -31.10 13.34
CA LEU E 67 23.17 -30.61 14.04
C LEU E 67 24.39 -31.49 13.79
N ARG E 68 24.17 -32.78 13.55
CA ARG E 68 25.26 -33.67 13.17
C ARG E 68 25.75 -33.30 11.78
N GLY E 69 24.82 -32.87 10.93
CA GLY E 69 25.17 -32.38 9.61
C GLY E 69 25.97 -31.09 9.72
N TRP E 70 25.57 -30.23 10.64
CA TRP E 70 26.24 -28.94 10.79
C TRP E 70 27.62 -29.08 11.38
N GLN E 71 27.77 -30.04 12.31
CA GLN E 71 29.07 -30.34 12.89
C GLN E 71 30.06 -30.72 11.78
N GLN E 72 29.57 -31.46 10.80
CA GLN E 72 30.37 -31.82 9.64
C GLN E 72 30.73 -30.60 8.79
N MET E 73 29.70 -29.84 8.42
CA MET E 73 29.88 -28.73 7.49
C MET E 73 30.74 -27.61 8.06
N PHE E 74 30.74 -27.45 9.38
CA PHE E 74 31.58 -26.41 9.98
C PHE E 74 33.04 -26.87 10.03
N LYS E 75 33.25 -28.17 10.17
CA LYS E 75 34.60 -28.71 10.17
C LYS E 75 35.32 -28.42 8.85
N VAL E 76 34.60 -28.51 7.74
CA VAL E 76 35.24 -28.38 6.43
C VAL E 76 35.49 -26.93 5.99
N GLU E 77 34.56 -26.01 6.26
CA GLU E 77 34.76 -24.63 5.84
C GLU E 77 35.82 -23.98 6.73
N LEU E 78 35.91 -24.45 7.97
CA LEU E 78 36.95 -24.01 8.88
C LEU E 78 38.32 -24.39 8.32
N LYS E 79 38.39 -25.54 7.66
CA LYS E 79 39.62 -25.93 6.96
C LYS E 79 39.81 -25.07 5.72
N ARG E 80 38.72 -24.71 5.06
CA ARG E 80 38.80 -23.82 3.91
C ARG E 80 39.18 -22.41 4.34
N LEU E 81 38.66 -21.97 5.48
CA LEU E 81 38.99 -20.66 6.01
C LEU E 81 40.46 -20.57 6.41
N GLN E 82 40.92 -21.58 7.15
CA GLN E 82 42.34 -21.63 7.52
C GLN E 82 43.21 -21.69 6.28
N ARG E 83 42.71 -22.34 5.23
CA ARG E 83 43.45 -22.43 3.97
C ARG E 83 43.53 -21.07 3.28
N HIS E 84 42.46 -20.30 3.37
CA HIS E 84 42.42 -18.96 2.79
C HIS E 84 43.42 -18.03 3.47
N TYR E 85 43.46 -18.08 4.80
CA TYR E 85 44.33 -17.21 5.59
C TYR E 85 45.73 -17.78 5.76
N ASN E 86 45.94 -19.01 5.29
CA ASN E 86 47.17 -19.75 5.54
C ASN E 86 47.42 -19.87 7.05
N HIS E 87 46.40 -20.31 7.78
CA HIS E 87 46.46 -20.44 9.22
C HIS E 87 46.57 -21.89 9.65
N SER E 88 47.61 -22.19 10.42
CA SER E 88 47.76 -23.51 11.03
C SER E 88 47.56 -23.37 12.52
N GLY E 89 47.30 -24.49 13.19
CA GLY E 89 47.01 -24.48 14.61
C GLY E 89 45.51 -24.49 14.84
N SER E 90 45.08 -24.00 16.00
CA SER E 90 43.67 -24.02 16.36
C SER E 90 43.00 -22.67 16.13
N HIS E 91 41.81 -22.70 15.54
CA HIS E 91 41.06 -21.48 15.29
C HIS E 91 39.58 -21.74 15.54
N THR E 92 38.79 -20.66 15.59
CA THR E 92 37.37 -20.75 15.88
C THR E 92 36.52 -20.21 14.74
N TYR E 93 35.29 -20.73 14.64
CA TYR E 93 34.34 -20.31 13.64
C TYR E 93 32.97 -20.25 14.27
N GLN E 94 32.35 -19.07 14.26
CA GLN E 94 31.09 -18.88 14.97
C GLN E 94 29.98 -18.38 14.05
N ARG E 95 28.75 -18.70 14.43
CA ARG E 95 27.57 -18.26 13.70
C ARG E 95 26.50 -17.81 14.68
N MET E 96 25.85 -16.69 14.39
CA MET E 96 24.72 -16.23 15.19
C MET E 96 23.54 -15.89 14.30
N ILE E 97 22.40 -16.49 14.60
CA ILE E 97 21.18 -16.22 13.87
C ILE E 97 20.07 -15.96 14.88
N GLY E 98 19.08 -15.17 14.48
CA GLY E 98 17.94 -14.91 15.33
C GLY E 98 17.18 -13.64 15.02
N CYS E 99 16.17 -13.37 15.84
CA CYS E 99 15.26 -12.27 15.60
C CYS E 99 14.82 -11.65 16.91
N GLU E 100 14.38 -10.39 16.85
CA GLU E 100 13.87 -9.70 18.02
C GLU E 100 12.44 -9.25 17.79
N LEU E 101 11.66 -9.27 18.86
CA LEU E 101 10.30 -8.74 18.84
C LEU E 101 10.22 -7.60 19.84
N LEU E 102 10.41 -6.38 19.34
CA LEU E 102 10.45 -5.21 20.20
C LEU E 102 9.04 -4.87 20.71
N GLU E 103 9.00 -4.17 21.84
CA GLU E 103 7.72 -3.82 22.48
C GLU E 103 6.86 -2.94 21.58
N ASP E 104 7.49 -1.98 20.92
CA ASP E 104 6.77 -1.02 20.08
C ASP E 104 6.12 -1.66 18.84
N GLY E 105 6.40 -2.92 18.59
CA GLY E 105 5.79 -3.64 17.49
C GLY E 105 6.74 -4.01 16.37
N SER E 106 7.87 -3.29 16.29
CA SER E 106 8.86 -3.56 15.26
C SER E 106 9.63 -4.85 15.53
N THR E 107 10.37 -5.31 14.52
CA THR E 107 11.18 -6.53 14.65
C THR E 107 12.57 -6.34 14.05
N THR E 108 13.50 -7.20 14.45
CA THR E 108 14.81 -7.27 13.81
C THR E 108 15.09 -8.69 13.38
N GLY E 109 15.98 -8.86 12.42
CA GLY E 109 16.46 -10.16 12.01
C GLY E 109 17.95 -10.04 11.79
N PHE E 110 18.70 -11.10 12.08
CA PHE E 110 20.15 -11.04 11.94
C PHE E 110 20.79 -12.40 11.73
N LEU E 111 21.83 -12.40 10.90
CA LEU E 111 22.62 -13.59 10.64
C LEU E 111 24.07 -13.16 10.44
N GLN E 112 24.94 -13.61 11.35
CA GLN E 112 26.34 -13.19 11.32
C GLN E 112 27.29 -14.36 11.48
N TYR E 113 28.43 -14.28 10.80
CA TYR E 113 29.48 -15.28 10.92
C TYR E 113 30.74 -14.63 11.46
N ALA E 114 31.48 -15.37 12.28
CA ALA E 114 32.72 -14.84 12.85
C ALA E 114 33.89 -15.80 12.66
N TYR E 115 35.07 -15.24 12.47
CA TYR E 115 36.29 -16.03 12.39
C TYR E 115 37.30 -15.52 13.42
N ASP E 116 37.75 -16.43 14.28
CA ASP E 116 38.63 -16.09 15.40
C ASP E 116 38.02 -15.04 16.32
N GLY E 117 36.68 -15.05 16.40
CA GLY E 117 35.96 -14.17 17.29
C GLY E 117 35.81 -12.75 16.78
N GLN E 118 35.98 -12.56 15.48
CA GLN E 118 35.83 -11.24 14.87
C GLN E 118 34.76 -11.29 13.79
N ASP E 119 34.09 -10.15 13.56
CA ASP E 119 33.10 -10.05 12.48
C ASP E 119 33.70 -10.49 11.15
N PHE E 120 32.98 -11.31 10.41
CA PHE E 120 33.49 -11.88 9.18
C PHE E 120 32.52 -11.68 8.02
N LEU E 121 31.29 -12.15 8.20
CA LEU E 121 30.24 -11.98 7.21
C LEU E 121 28.94 -11.62 7.90
N ILE E 122 28.30 -10.55 7.45
CA ILE E 122 27.09 -10.06 8.07
C ILE E 122 25.97 -9.93 7.04
N PHE E 123 24.83 -10.54 7.33
CA PHE E 123 23.73 -10.57 6.39
C PHE E 123 22.76 -9.43 6.60
N ASN E 124 22.40 -8.77 5.50
CA ASN E 124 21.38 -7.73 5.54
C ASN E 124 20.12 -8.21 4.82
N LYS E 125 19.11 -8.59 5.61
CA LYS E 125 17.87 -9.14 5.05
C LYS E 125 17.07 -8.13 4.26
N ASP E 126 17.38 -6.85 4.41
CA ASP E 126 16.62 -5.79 3.76
C ASP E 126 17.22 -5.42 2.41
N THR E 127 18.47 -5.84 2.16
CA THR E 127 19.11 -5.61 0.88
C THR E 127 19.47 -6.94 0.20
N LEU E 128 19.20 -8.04 0.88
CA LEU E 128 19.56 -9.38 0.43
C LEU E 128 21.02 -9.48 0.00
N SER E 129 21.91 -8.97 0.86
CA SER E 129 23.33 -8.97 0.54
C SER E 129 24.18 -9.35 1.75
N TRP E 130 25.39 -9.82 1.48
CA TRP E 130 26.33 -10.15 2.54
C TRP E 130 27.43 -9.10 2.63
N LEU E 131 27.65 -8.57 3.83
CA LEU E 131 28.74 -7.63 4.05
C LEU E 131 30.01 -8.37 4.49
N ALA E 132 31.11 -8.14 3.79
CA ALA E 132 32.37 -8.82 4.08
C ALA E 132 33.37 -7.86 4.71
N VAL E 133 34.17 -8.38 5.64
CA VAL E 133 35.13 -7.53 6.33
C VAL E 133 36.52 -7.54 5.67
N ASP E 134 36.81 -8.56 4.88
CA ASP E 134 38.07 -8.60 4.15
C ASP E 134 37.95 -9.35 2.82
N ASN E 135 39.08 -9.46 2.12
CA ASN E 135 39.13 -10.09 0.79
C ASN E 135 38.75 -11.56 0.81
N VAL E 136 39.08 -12.25 1.90
CA VAL E 136 38.71 -13.66 2.04
C VAL E 136 37.20 -13.79 2.15
N ALA E 137 36.59 -12.99 3.00
CA ALA E 137 35.15 -13.00 3.19
C ALA E 137 34.41 -12.57 1.92
N HIS E 138 35.05 -11.68 1.16
CA HIS E 138 34.46 -11.21 -0.10
C HIS E 138 34.33 -12.36 -1.10
N THR E 139 35.27 -13.30 -1.04
CA THR E 139 35.24 -14.48 -1.90
C THR E 139 34.02 -15.34 -1.58
N ILE E 140 33.76 -15.55 -0.30
CA ILE E 140 32.59 -16.30 0.15
C ILE E 140 31.31 -15.56 -0.26
N LYS E 141 31.29 -14.27 0.04
CA LYS E 141 30.17 -13.38 -0.28
C LYS E 141 29.74 -13.50 -1.74
N GLN E 142 30.70 -13.45 -2.66
CA GLN E 142 30.40 -13.51 -4.08
C GLN E 142 29.68 -14.80 -4.47
N ALA E 143 30.04 -15.89 -3.80
CA ALA E 143 29.42 -17.17 -4.07
C ALA E 143 28.00 -17.19 -3.52
N TRP E 144 27.83 -16.68 -2.31
CA TRP E 144 26.55 -16.70 -1.62
C TRP E 144 25.52 -15.80 -2.31
N GLU E 145 25.97 -14.69 -2.88
CA GLU E 145 25.06 -13.73 -3.52
C GLU E 145 24.65 -14.16 -4.93
N ALA E 146 25.31 -15.20 -5.45
CA ALA E 146 24.97 -15.72 -6.77
C ALA E 146 23.81 -16.71 -6.66
N ASN E 147 23.51 -17.14 -5.44
CA ASN E 147 22.36 -18.00 -5.19
C ASN E 147 21.18 -17.17 -4.68
N GLN E 148 20.41 -16.61 -5.63
CA GLN E 148 19.32 -15.70 -5.30
C GLN E 148 18.20 -16.37 -4.50
N HIS E 149 17.98 -17.66 -4.74
CA HIS E 149 16.95 -18.40 -4.02
C HIS E 149 17.29 -18.55 -2.53
N GLU E 150 18.57 -18.70 -2.23
CA GLU E 150 19.02 -18.83 -0.85
C GLU E 150 18.80 -17.54 -0.08
N LEU E 151 19.16 -16.42 -0.72
CA LEU E 151 18.97 -15.10 -0.13
C LEU E 151 17.50 -14.83 0.16
N LEU E 152 16.65 -15.22 -0.77
CA LEU E 152 15.20 -15.12 -0.59
C LEU E 152 14.75 -15.97 0.59
N TYR E 153 15.25 -17.21 0.63
CA TYR E 153 14.95 -18.12 1.74
C TYR E 153 15.34 -17.50 3.07
N GLN E 154 16.55 -16.96 3.13
CA GLN E 154 17.10 -16.45 4.38
C GLN E 154 16.29 -15.28 4.90
N LYS E 155 15.88 -14.41 3.99
CA LYS E 155 15.04 -13.27 4.33
C LYS E 155 13.72 -13.75 4.93
N ASN E 156 13.11 -14.72 4.26
CA ASN E 156 11.81 -15.21 4.69
C ASN E 156 11.89 -15.83 6.08
N TRP E 157 12.94 -16.59 6.32
CA TRP E 157 13.10 -17.27 7.60
C TRP E 157 13.27 -16.28 8.75
N LEU E 158 14.10 -15.26 8.53
CA LEU E 158 14.34 -14.25 9.54
C LEU E 158 13.09 -13.42 9.86
N GLU E 159 12.26 -13.21 8.85
CA GLU E 159 11.12 -12.31 8.99
C GLU E 159 9.82 -12.99 9.38
N GLU E 160 9.69 -14.28 9.04
CA GLU E 160 8.44 -14.99 9.32
C GLU E 160 8.66 -16.19 10.26
N GLU E 161 9.54 -17.09 9.85
CA GLU E 161 9.75 -18.33 10.59
C GLU E 161 10.37 -18.11 11.96
N CYS E 162 11.41 -17.30 12.03
CA CYS E 162 12.07 -17.01 13.30
C CYS E 162 11.11 -16.38 14.29
N ILE E 163 10.40 -15.34 13.85
CA ILE E 163 9.43 -14.65 14.68
C ILE E 163 8.38 -15.64 15.21
N ALA E 164 7.94 -16.54 14.35
CA ALA E 164 6.97 -17.55 14.73
C ALA E 164 7.53 -18.48 15.80
N TRP E 165 8.79 -18.90 15.64
CA TRP E 165 9.47 -19.71 16.65
C TRP E 165 9.52 -18.99 18.00
N LEU E 166 9.84 -17.71 17.95
CA LEU E 166 9.95 -16.89 19.16
C LEU E 166 8.63 -16.81 19.91
N LYS E 167 7.55 -16.56 19.18
CA LYS E 167 6.22 -16.48 19.79
C LYS E 167 5.82 -17.82 20.36
N ARG E 168 6.20 -18.88 19.66
CA ARG E 168 5.93 -20.25 20.10
C ARG E 168 6.62 -20.53 21.43
N PHE E 169 7.87 -20.12 21.54
CA PHE E 169 8.67 -20.34 22.74
C PHE E 169 8.25 -19.44 23.89
N LEU E 170 7.81 -18.22 23.55
CA LEU E 170 7.32 -17.29 24.56
C LEU E 170 6.10 -17.85 25.26
N GLU E 171 5.29 -18.61 24.52
CA GLU E 171 4.12 -19.25 25.11
C GLU E 171 4.53 -20.44 25.99
N TYR E 172 5.58 -21.14 25.58
CA TYR E 172 6.07 -22.29 26.34
C TYR E 172 6.65 -21.85 27.68
N GLY E 173 7.47 -20.81 27.66
CA GLY E 173 8.12 -20.32 28.86
C GLY E 173 7.41 -19.16 29.50
N LYS E 174 6.14 -19.00 29.15
CA LYS E 174 5.30 -17.86 29.54
C LYS E 174 5.46 -17.44 31.00
N ASP E 175 5.35 -18.42 31.91
CA ASP E 175 5.41 -18.14 33.34
C ASP E 175 6.80 -17.70 33.79
N THR E 176 7.79 -17.88 32.92
CA THR E 176 9.16 -17.52 33.26
C THR E 176 9.60 -16.26 32.51
N LEU E 177 9.43 -16.28 31.20
CA LEU E 177 9.92 -15.22 30.33
C LEU E 177 9.15 -13.92 30.44
N GLN E 178 7.89 -14.01 30.85
CA GLN E 178 7.00 -12.85 30.86
C GLN E 178 6.63 -12.37 32.26
N ARG E 179 7.31 -12.89 33.27
CA ARG E 179 7.07 -12.48 34.65
C ARG E 179 7.80 -11.18 34.96
N THR E 180 7.36 -10.47 35.99
CA THR E 180 8.05 -9.25 36.38
C THR E 180 8.40 -9.29 37.86
N GLU E 181 9.68 -9.08 38.15
CA GLU E 181 10.12 -8.93 39.53
C GLU E 181 10.76 -7.57 39.68
N PRO E 182 10.10 -6.65 40.40
CA PRO E 182 10.59 -5.30 40.60
C PRO E 182 11.93 -5.26 41.32
N PRO E 183 12.75 -4.24 41.04
CA PRO E 183 14.08 -4.14 41.66
C PRO E 183 14.03 -3.58 43.07
N LEU E 184 14.93 -4.05 43.93
CA LEU E 184 15.12 -3.44 45.24
C LEU E 184 16.29 -2.46 45.15
N VAL E 185 15.99 -1.18 45.32
CA VAL E 185 16.98 -0.15 45.11
C VAL E 185 17.34 0.60 46.38
N ARG E 186 18.63 0.75 46.63
CA ARG E 186 19.12 1.52 47.76
C ARG E 186 20.22 2.47 47.33
N VAL E 187 20.46 3.49 48.15
CA VAL E 187 21.57 4.41 47.90
C VAL E 187 22.55 4.42 49.06
N ASN E 188 23.79 4.04 48.79
CA ASN E 188 24.85 4.15 49.78
C ASN E 188 25.56 5.49 49.65
N ARG E 189 25.91 6.07 50.79
CA ARG E 189 26.71 7.29 50.82
C ARG E 189 27.93 7.07 51.68
N LYS E 190 29.10 7.45 51.19
CA LYS E 190 30.30 7.22 51.98
C LYS E 190 31.39 8.26 51.86
N GLU E 191 32.06 8.47 52.99
CA GLU E 191 33.17 9.38 53.09
C GLU E 191 34.41 8.60 52.73
N THR E 192 34.55 8.22 51.46
CA THR E 192 35.64 7.37 51.01
C THR E 192 36.97 7.98 51.41
N PHE E 193 37.13 9.24 51.05
CA PHE E 193 38.41 9.86 51.00
C PHE E 193 38.11 11.27 51.47
N PRO E 194 38.99 11.89 52.30
CA PRO E 194 38.59 13.17 52.86
C PRO E 194 38.16 14.21 51.82
N GLY E 195 36.99 14.81 52.04
CA GLY E 195 36.41 15.77 51.11
C GLY E 195 35.74 15.10 49.91
N VAL E 196 35.64 13.77 49.96
CA VAL E 196 35.04 13.04 48.86
C VAL E 196 33.85 12.21 49.33
N THR E 197 32.74 12.31 48.61
CA THR E 197 31.57 11.50 48.88
C THR E 197 31.19 10.71 47.63
N ALA E 198 31.24 9.39 47.75
CA ALA E 198 30.84 8.52 46.66
C ALA E 198 29.45 7.97 46.91
N LEU E 199 28.54 8.20 45.97
CA LEU E 199 27.18 7.71 46.10
C LEU E 199 26.95 6.51 45.19
N PHE E 200 26.57 5.39 45.78
CA PHE E 200 26.25 4.20 45.00
C PHE E 200 24.77 3.92 44.99
N CYS E 201 24.20 3.85 43.79
CA CYS E 201 22.80 3.45 43.62
C CYS E 201 22.77 2.00 43.19
N LYS E 202 22.29 1.12 44.06
CA LYS E 202 22.35 -0.32 43.79
C LYS E 202 20.97 -0.97 43.70
N ALA E 203 20.78 -1.78 42.67
CA ALA E 203 19.52 -2.50 42.48
C ALA E 203 19.76 -4.00 42.39
N HIS E 204 18.84 -4.78 42.94
CA HIS E 204 18.96 -6.22 42.89
C HIS E 204 17.61 -6.92 43.06
N GLY E 205 17.50 -8.14 42.55
CA GLY E 205 16.31 -8.94 42.72
C GLY E 205 15.30 -8.75 41.61
N PHE E 206 15.77 -8.27 40.46
CA PHE E 206 14.83 -7.93 39.39
C PHE E 206 14.94 -8.80 38.15
N TYR E 207 13.79 -8.98 37.49
CA TYR E 207 13.69 -9.61 36.19
C TYR E 207 12.58 -8.92 35.41
N PRO E 208 12.78 -8.70 34.09
CA PRO E 208 13.93 -9.07 33.25
C PRO E 208 15.16 -8.22 33.56
N PRO E 209 16.35 -8.64 33.07
CA PRO E 209 17.58 -7.90 33.38
C PRO E 209 17.63 -6.50 32.80
N GLU E 210 16.75 -6.17 31.86
CA GLU E 210 16.72 -4.84 31.27
C GLU E 210 16.29 -3.79 32.29
N ILE E 211 17.20 -2.88 32.62
CA ILE E 211 16.94 -1.87 33.64
C ILE E 211 17.69 -0.57 33.33
N TYR E 212 17.07 0.57 33.62
CA TYR E 212 17.68 1.87 33.37
C TYR E 212 18.01 2.59 34.68
N MET E 213 19.28 2.97 34.84
CA MET E 213 19.72 3.68 36.04
C MET E 213 20.56 4.89 35.65
N THR E 214 20.35 5.99 36.35
CA THR E 214 21.11 7.21 36.08
C THR E 214 21.06 8.14 37.28
N TRP E 215 22.00 9.08 37.34
CA TRP E 215 22.03 10.08 38.39
C TRP E 215 21.71 11.47 37.84
N MET E 216 20.87 12.22 38.54
CA MET E 216 20.49 13.56 38.10
C MET E 216 20.68 14.59 39.22
N LYS E 217 21.20 15.75 38.85
CA LYS E 217 21.47 16.83 39.81
C LYS E 217 20.41 17.90 39.72
N ASN E 218 19.86 18.28 40.88
CA ASN E 218 18.88 19.36 40.98
C ASN E 218 17.62 19.11 40.16
N GLY E 219 17.37 17.84 39.81
CA GLY E 219 16.13 17.47 39.14
C GLY E 219 16.18 17.53 37.62
N GLU E 220 17.18 18.20 37.08
CA GLU E 220 17.26 18.40 35.64
C GLU E 220 18.46 17.69 34.99
N GLU E 221 19.65 18.26 35.16
CA GLU E 221 20.85 17.75 34.51
C GLU E 221 21.19 16.33 34.93
N ILE E 222 21.79 15.57 34.01
CA ILE E 222 22.40 14.28 34.35
C ILE E 222 23.82 14.53 34.82
N VAL E 223 24.22 13.88 35.90
CA VAL E 223 25.58 14.01 36.42
C VAL E 223 26.61 13.62 35.37
N GLN E 224 27.76 14.29 35.39
CA GLN E 224 28.71 14.25 34.28
C GLN E 224 29.49 12.94 34.11
N GLU E 225 30.00 12.39 35.20
CA GLU E 225 30.77 11.14 35.11
C GLU E 225 30.20 10.03 35.97
N ILE E 226 29.14 9.41 35.46
CA ILE E 226 28.52 8.28 36.12
C ILE E 226 29.27 6.99 35.77
N ASP E 227 29.54 6.17 36.78
CA ASP E 227 30.15 4.86 36.53
C ASP E 227 29.09 3.78 36.62
N TYR E 228 28.96 2.98 35.55
CA TYR E 228 27.90 1.99 35.48
C TYR E 228 28.41 0.57 35.71
N GLY E 229 27.78 -0.12 36.65
CA GLY E 229 28.08 -1.52 36.90
C GLY E 229 27.35 -2.42 35.92
N ASP E 230 27.94 -3.57 35.61
CA ASP E 230 27.32 -4.55 34.73
C ASP E 230 26.06 -5.10 35.34
N ILE E 231 25.12 -5.53 34.49
CA ILE E 231 23.95 -6.25 34.94
C ILE E 231 24.33 -7.72 35.11
N LEU E 232 24.32 -8.19 36.35
CA LEU E 232 24.88 -9.50 36.67
C LEU E 232 23.83 -10.49 37.16
N PRO E 233 23.94 -11.75 36.71
CA PRO E 233 23.04 -12.80 37.19
C PRO E 233 23.29 -13.10 38.66
N SER E 234 22.22 -13.12 39.46
CA SER E 234 22.36 -13.41 40.88
C SER E 234 22.39 -14.91 41.14
N GLY E 235 21.87 -15.68 40.19
CA GLY E 235 21.84 -17.13 40.31
C GLY E 235 20.47 -17.69 40.63
N ASP E 236 19.57 -16.82 41.09
CA ASP E 236 18.23 -17.23 41.45
C ASP E 236 17.19 -16.77 40.43
N GLY E 237 17.65 -16.48 39.21
CA GLY E 237 16.75 -16.04 38.16
C GLY E 237 16.59 -14.54 38.10
N THR E 238 17.10 -13.85 39.12
CA THR E 238 17.05 -12.39 39.16
C THR E 238 18.43 -11.78 38.91
N TYR E 239 18.47 -10.47 38.71
CA TYR E 239 19.71 -9.79 38.36
C TYR E 239 20.01 -8.62 39.29
N GLN E 240 21.15 -7.96 39.06
CA GLN E 240 21.58 -6.87 39.91
C GLN E 240 22.51 -5.93 39.17
N ALA E 241 22.45 -4.65 39.53
CA ALA E 241 23.29 -3.64 38.89
C ALA E 241 23.46 -2.42 39.79
N TRP E 242 24.34 -1.51 39.39
CA TRP E 242 24.55 -0.28 40.14
C TRP E 242 25.10 0.84 39.27
N ALA E 243 25.02 2.06 39.78
CA ALA E 243 25.62 3.23 39.12
C ALA E 243 26.08 4.20 40.19
N SER E 244 27.25 4.80 39.99
CA SER E 244 27.82 5.65 41.03
C SER E 244 28.36 6.98 40.51
N ILE E 245 28.40 7.97 41.39
CA ILE E 245 28.96 9.28 41.11
C ILE E 245 29.74 9.81 42.31
N GLU E 246 30.61 10.79 42.09
CA GLU E 246 31.35 11.43 43.16
C GLU E 246 30.86 12.86 43.40
N LEU E 247 30.74 13.24 44.66
CA LEU E 247 30.36 14.61 45.01
C LEU E 247 31.60 15.48 45.21
N LEU E 254 21.75 18.96 45.44
CA LEU E 254 20.70 17.96 45.62
C LEU E 254 20.75 16.89 44.52
N TYR E 255 21.19 15.69 44.87
CA TYR E 255 21.33 14.60 43.89
C TYR E 255 20.26 13.53 44.07
N SER E 256 19.85 12.92 42.97
CA SER E 256 18.83 11.87 43.00
C SER E 256 19.14 10.75 42.03
N CYS E 257 18.86 9.52 42.46
CA CYS E 257 19.04 8.35 41.60
C CYS E 257 17.73 8.01 40.90
N HIS E 258 17.79 7.87 39.57
CA HIS E 258 16.59 7.55 38.80
C HIS E 258 16.69 6.15 38.20
N VAL E 259 15.69 5.33 38.52
CA VAL E 259 15.66 3.96 38.05
C VAL E 259 14.35 3.66 37.32
N GLU E 260 14.44 3.08 36.14
CA GLU E 260 13.24 2.61 35.45
C GLU E 260 13.33 1.12 35.14
N HIS E 261 12.21 0.42 35.31
CA HIS E 261 12.17 -1.02 35.12
C HIS E 261 10.74 -1.50 34.85
N SER E 262 10.54 -2.12 33.70
CA SER E 262 9.24 -2.67 33.31
C SER E 262 8.11 -1.64 33.42
N GLY E 263 8.33 -0.46 32.87
CA GLY E 263 7.30 0.57 32.83
C GLY E 263 7.08 1.30 34.14
N VAL E 264 7.92 1.04 35.14
CA VAL E 264 7.80 1.74 36.42
C VAL E 264 9.02 2.59 36.70
N HIS E 265 8.78 3.87 36.97
N HIS E 265 8.80 3.88 36.95
CA HIS E 265 9.86 4.82 37.23
CA HIS E 265 9.89 4.79 37.23
C HIS E 265 10.09 4.98 38.73
C HIS E 265 10.08 4.97 38.72
N MET E 266 11.35 5.05 39.14
CA MET E 266 11.69 5.16 40.55
C MET E 266 12.71 6.28 40.80
N VAL E 267 12.56 6.98 41.91
CA VAL E 267 13.47 8.06 42.26
C VAL E 267 13.92 7.96 43.71
N LEU E 268 15.22 8.01 43.92
CA LEU E 268 15.79 7.99 45.26
C LEU E 268 16.64 9.23 45.46
N GLN E 269 16.21 10.12 46.34
CA GLN E 269 16.95 11.35 46.61
C GLN E 269 17.89 11.19 47.79
N VAL E 270 18.86 12.10 47.89
CA VAL E 270 19.86 12.06 48.96
C VAL E 270 19.77 13.29 49.84
N GLY F 1 4.69 -29.96 8.51
CA GLY F 1 3.29 -29.64 8.31
C GLY F 1 2.45 -30.89 8.16
N GLN F 2 1.28 -30.74 7.53
CA GLN F 2 0.33 -31.86 7.48
C GLN F 2 -0.22 -32.18 6.09
N ASN F 3 -0.51 -31.17 5.28
CA ASN F 3 -1.18 -31.45 4.01
C ASN F 3 -0.86 -30.53 2.84
N ILE F 4 -0.76 -31.13 1.66
CA ILE F 4 -0.54 -30.40 0.40
C ILE F 4 -1.55 -30.89 -0.64
N ASP F 5 -2.30 -29.95 -1.24
CA ASP F 5 -3.32 -30.32 -2.21
C ASP F 5 -3.03 -29.81 -3.62
N GLN F 6 -3.09 -30.73 -4.58
CA GLN F 6 -3.05 -30.38 -5.99
C GLN F 6 -4.00 -31.34 -6.72
N PRO F 7 -4.63 -30.88 -7.81
CA PRO F 7 -5.58 -31.75 -8.51
C PRO F 7 -4.94 -33.04 -9.02
N THR F 8 -5.73 -34.09 -9.14
CA THR F 8 -5.26 -35.37 -9.65
C THR F 8 -4.86 -35.29 -11.12
N GLU F 9 -5.73 -34.66 -11.91
CA GLU F 9 -5.65 -34.74 -13.35
C GLU F 9 -6.09 -33.43 -14.00
N MET F 10 -5.37 -32.98 -15.02
CA MET F 10 -5.76 -31.79 -15.76
C MET F 10 -5.57 -32.00 -17.26
N THR F 11 -6.59 -31.64 -18.03
CA THR F 11 -6.53 -31.78 -19.47
C THR F 11 -6.65 -30.42 -20.14
N ALA F 12 -5.69 -30.10 -21.00
CA ALA F 12 -5.70 -28.85 -21.74
C ALA F 12 -5.28 -29.08 -23.19
N THR F 13 -5.54 -28.10 -24.05
CA THR F 13 -5.29 -28.24 -25.47
C THR F 13 -3.89 -27.73 -25.87
N GLU F 14 -3.33 -28.35 -26.90
CA GLU F 14 -2.03 -27.95 -27.43
C GLU F 14 -2.04 -26.51 -27.92
N GLY F 15 -1.07 -25.72 -27.47
CA GLY F 15 -0.98 -24.32 -27.84
C GLY F 15 -1.60 -23.40 -26.80
N ALA F 16 -2.38 -23.98 -25.90
CA ALA F 16 -3.07 -23.21 -24.87
C ALA F 16 -2.17 -22.94 -23.68
N ILE F 17 -2.78 -22.49 -22.59
CA ILE F 17 -2.08 -22.36 -21.32
C ILE F 17 -2.83 -23.15 -20.26
N VAL F 18 -2.10 -23.68 -19.29
CA VAL F 18 -2.73 -24.36 -18.17
C VAL F 18 -2.08 -23.90 -16.87
N GLN F 19 -2.89 -23.80 -15.82
CA GLN F 19 -2.42 -23.35 -14.53
C GLN F 19 -2.69 -24.42 -13.47
N ILE F 20 -1.63 -25.10 -13.05
CA ILE F 20 -1.75 -26.17 -12.09
C ILE F 20 -1.58 -25.65 -10.67
N ASN F 21 -2.63 -25.79 -9.87
CA ASN F 21 -2.65 -25.20 -8.54
C ASN F 21 -2.16 -26.12 -7.44
N CYS F 22 -1.49 -25.53 -6.45
CA CYS F 22 -1.03 -26.27 -5.28
C CYS F 22 -1.27 -25.48 -4.01
N THR F 23 -2.25 -25.91 -3.21
CA THR F 23 -2.51 -25.27 -1.93
C THR F 23 -1.89 -26.07 -0.79
N TYR F 24 -1.19 -25.37 0.11
CA TYR F 24 -0.51 -26.04 1.20
C TYR F 24 -1.00 -25.57 2.58
N GLN F 25 -1.16 -26.53 3.48
CA GLN F 25 -1.49 -26.24 4.87
C GLN F 25 -0.43 -26.88 5.76
N THR F 26 0.63 -26.13 6.04
CA THR F 26 1.77 -26.69 6.78
C THR F 26 2.09 -25.90 8.04
N SER F 27 2.74 -26.57 8.98
CA SER F 27 3.26 -25.92 10.17
C SER F 27 4.60 -25.27 9.83
N GLY F 28 4.56 -23.97 9.52
CA GLY F 28 5.74 -23.27 9.07
C GLY F 28 5.91 -23.42 7.57
N PHE F 29 6.71 -22.53 6.97
CA PHE F 29 6.93 -22.54 5.53
C PHE F 29 8.34 -22.08 5.20
N ASN F 30 9.04 -22.89 4.42
CA ASN F 30 10.42 -22.58 4.05
C ASN F 30 10.66 -22.73 2.55
N GLY F 31 9.58 -22.69 1.78
CA GLY F 31 9.70 -22.76 0.33
C GLY F 31 8.77 -23.75 -0.34
N LEU F 32 8.48 -23.51 -1.62
CA LEU F 32 7.66 -24.43 -2.40
C LEU F 32 8.42 -24.87 -3.66
N PHE F 33 8.48 -26.17 -3.88
CA PHE F 33 9.16 -26.75 -5.04
C PHE F 33 8.19 -27.35 -6.04
N TRP F 34 8.46 -27.13 -7.32
CA TRP F 34 7.72 -27.80 -8.39
C TRP F 34 8.65 -28.76 -9.13
N TYR F 35 8.17 -29.97 -9.36
CA TYR F 35 8.95 -30.97 -10.08
C TYR F 35 8.19 -31.50 -11.28
N GLN F 36 8.90 -31.77 -12.37
CA GLN F 36 8.32 -32.43 -13.53
C GLN F 36 8.73 -33.89 -13.57
N GLN F 37 7.77 -34.78 -13.77
CA GLN F 37 8.06 -36.19 -13.94
C GLN F 37 7.34 -36.76 -15.15
N HIS F 38 8.09 -37.12 -16.18
CA HIS F 38 7.54 -37.85 -17.31
C HIS F 38 7.28 -39.28 -16.89
N ALA F 39 6.24 -39.89 -17.45
CA ALA F 39 5.88 -41.26 -17.12
C ALA F 39 7.06 -42.21 -17.30
N GLY F 40 7.39 -42.95 -16.23
CA GLY F 40 8.48 -43.89 -16.28
C GLY F 40 9.83 -43.24 -16.07
N GLU F 41 9.84 -41.94 -15.78
CA GLU F 41 11.09 -41.21 -15.60
C GLU F 41 11.26 -40.72 -14.18
N ALA F 42 12.41 -40.10 -13.92
CA ALA F 42 12.68 -39.51 -12.60
C ALA F 42 12.15 -38.08 -12.54
N PRO F 43 11.78 -37.63 -11.34
CA PRO F 43 11.35 -36.23 -11.17
C PRO F 43 12.53 -35.27 -11.33
N THR F 44 12.28 -34.13 -11.96
CA THR F 44 13.33 -33.12 -12.15
C THR F 44 12.88 -31.75 -11.64
N PHE F 45 13.81 -31.00 -11.06
CA PHE F 45 13.52 -29.70 -10.49
C PHE F 45 13.09 -28.68 -11.54
N LEU F 46 11.94 -28.04 -11.32
CA LEU F 46 11.43 -27.04 -12.24
C LEU F 46 11.58 -25.63 -11.69
N SER F 47 11.18 -25.45 -10.43
CA SER F 47 11.13 -24.11 -9.87
C SER F 47 11.06 -24.07 -8.34
N TYR F 48 11.23 -22.87 -7.80
CA TYR F 48 11.22 -22.67 -6.36
C TYR F 48 10.75 -21.27 -5.97
N ASN F 49 9.88 -21.19 -4.97
CA ASN F 49 9.38 -19.92 -4.47
C ASN F 49 9.37 -19.86 -2.94
N VAL F 50 9.72 -18.69 -2.39
CA VAL F 50 9.58 -18.45 -0.95
C VAL F 50 8.77 -17.22 -0.68
N LEU F 51 9.07 -16.18 -1.45
CA LEU F 51 8.42 -14.89 -1.30
C LEU F 51 7.34 -14.72 -2.35
N ASP F 52 6.42 -13.80 -2.10
CA ASP F 52 5.32 -13.54 -3.01
C ASP F 52 5.83 -13.03 -4.35
N GLY F 53 5.24 -13.52 -5.43
CA GLY F 53 5.63 -13.09 -6.76
C GLY F 53 5.54 -14.18 -7.80
N LEU F 54 5.85 -13.82 -9.04
CA LEU F 54 5.87 -14.77 -10.15
C LEU F 54 7.28 -14.87 -10.72
N GLU F 55 7.79 -16.09 -10.84
CA GLU F 55 9.13 -16.30 -11.38
C GLU F 55 9.04 -17.03 -12.71
N GLU F 56 9.60 -16.43 -13.76
CA GLU F 56 9.49 -16.98 -15.10
C GLU F 56 10.78 -17.64 -15.56
N LYS F 57 10.64 -18.84 -16.12
CA LYS F 57 11.77 -19.55 -16.72
C LYS F 57 11.33 -20.20 -18.02
N GLY F 58 11.59 -19.53 -19.13
CA GLY F 58 11.15 -19.99 -20.44
C GLY F 58 9.64 -19.97 -20.55
N ARG F 59 9.06 -21.08 -21.01
CA ARG F 59 7.61 -21.19 -21.13
C ARG F 59 6.94 -21.45 -19.79
N PHE F 60 7.76 -21.73 -18.77
CA PHE F 60 7.23 -22.07 -17.45
C PHE F 60 7.32 -20.90 -16.48
N SER F 61 6.30 -20.74 -15.65
CA SER F 61 6.30 -19.69 -14.63
C SER F 61 5.74 -20.21 -13.32
N SER F 62 6.24 -19.69 -12.22
CA SER F 62 5.80 -20.13 -10.90
C SER F 62 5.39 -18.97 -10.02
N PHE F 63 4.21 -19.08 -9.43
CA PHE F 63 3.66 -18.01 -8.61
C PHE F 63 3.52 -18.46 -7.18
N LEU F 64 3.72 -17.55 -6.24
CA LEU F 64 3.52 -17.87 -4.84
C LEU F 64 2.74 -16.79 -4.10
N SER F 65 1.77 -17.22 -3.31
CA SER F 65 1.04 -16.33 -2.42
C SER F 65 1.12 -16.89 -0.99
N ARG F 66 1.95 -16.28 -0.17
N ARG F 66 1.96 -16.27 -0.18
CA ARG F 66 2.13 -16.76 1.20
CA ARG F 66 2.17 -16.67 1.20
C ARG F 66 0.88 -16.54 2.05
C ARG F 66 0.91 -16.53 2.03
N SER F 67 0.24 -15.38 1.88
CA SER F 67 -0.95 -15.07 2.66
C SER F 67 -2.11 -16.00 2.31
N LYS F 68 -2.30 -16.23 1.01
CA LYS F 68 -3.40 -17.09 0.56
C LYS F 68 -2.97 -18.56 0.48
N GLY F 69 -1.71 -18.82 0.81
CA GLY F 69 -1.21 -20.18 0.96
C GLY F 69 -1.44 -21.09 -0.22
N TYR F 70 -1.10 -20.61 -1.42
CA TYR F 70 -1.16 -21.45 -2.60
C TYR F 70 -0.12 -21.03 -3.62
N SER F 71 0.09 -21.88 -4.61
CA SER F 71 1.05 -21.61 -5.66
C SER F 71 0.54 -22.23 -6.95
N TYR F 72 0.97 -21.72 -8.09
CA TYR F 72 0.65 -22.39 -9.33
C TYR F 72 1.84 -22.43 -10.27
N LEU F 73 1.88 -23.50 -11.05
CA LEU F 73 2.84 -23.63 -12.12
C LEU F 73 2.11 -23.34 -13.42
N LEU F 74 2.62 -22.36 -14.17
CA LEU F 74 1.93 -21.92 -15.38
C LEU F 74 2.73 -22.35 -16.61
N LEU F 75 2.05 -23.01 -17.54
CA LEU F 75 2.68 -23.46 -18.76
C LEU F 75 2.08 -22.76 -19.97
N LYS F 76 2.88 -21.92 -20.63
CA LYS F 76 2.43 -21.22 -21.83
C LYS F 76 2.79 -22.00 -23.09
N GLU F 77 2.00 -21.80 -24.14
CA GLU F 77 2.20 -22.49 -25.43
C GLU F 77 2.41 -23.99 -25.25
N LEU F 78 1.39 -24.67 -24.75
CA LEU F 78 1.48 -26.10 -24.46
C LEU F 78 1.89 -26.93 -25.67
N GLN F 79 2.78 -27.88 -25.42
CA GLN F 79 3.20 -28.84 -26.45
C GLN F 79 2.91 -30.24 -25.94
N MET F 80 2.94 -31.22 -26.84
CA MET F 80 2.68 -32.60 -26.45
C MET F 80 3.71 -33.07 -25.42
N LYS F 81 4.96 -32.64 -25.58
CA LYS F 81 6.03 -33.07 -24.69
C LYS F 81 5.82 -32.57 -23.26
N ASP F 82 4.90 -31.63 -23.09
CA ASP F 82 4.55 -31.14 -21.77
C ASP F 82 3.70 -32.15 -21.03
N SER F 83 3.21 -33.17 -21.74
CA SER F 83 2.48 -34.26 -21.11
C SER F 83 3.36 -34.95 -20.08
N ALA F 84 3.06 -34.71 -18.81
CA ALA F 84 3.84 -35.25 -17.72
C ALA F 84 3.07 -35.13 -16.42
N SER F 85 3.71 -35.54 -15.32
CA SER F 85 3.14 -35.30 -14.00
C SER F 85 3.93 -34.17 -13.32
N TYR F 86 3.23 -33.35 -12.55
CA TYR F 86 3.88 -32.21 -11.91
C TYR F 86 3.66 -32.27 -10.41
N LEU F 87 4.76 -32.41 -9.68
CA LEU F 87 4.71 -32.64 -8.25
C LEU F 87 4.99 -31.35 -7.49
N CYS F 88 4.13 -31.06 -6.52
CA CYS F 88 4.32 -29.91 -5.65
C CYS F 88 4.91 -30.37 -4.32
N ALA F 89 5.87 -29.62 -3.80
CA ALA F 89 6.50 -29.98 -2.53
C ALA F 89 6.85 -28.75 -1.70
N VAL F 90 6.39 -28.74 -0.45
CA VAL F 90 6.68 -27.64 0.47
C VAL F 90 7.63 -28.09 1.58
N LYS F 91 8.60 -27.25 1.89
CA LYS F 91 9.48 -27.47 3.03
C LYS F 91 8.87 -26.85 4.28
N ASP F 92 8.61 -27.66 5.30
CA ASP F 92 7.94 -27.16 6.51
C ASP F 92 8.90 -26.44 7.44
N SER F 93 8.47 -26.19 8.67
CA SER F 93 9.28 -25.44 9.64
C SER F 93 10.52 -26.23 10.08
N ASN F 94 10.47 -27.55 9.96
CA ASN F 94 11.61 -28.38 10.32
C ASN F 94 12.42 -28.76 9.09
N TYR F 95 12.22 -28.01 8.02
CA TYR F 95 12.95 -28.15 6.76
C TYR F 95 12.69 -29.51 6.11
N GLN F 96 11.54 -30.09 6.39
CA GLN F 96 11.17 -31.37 5.81
C GLN F 96 10.23 -31.21 4.61
N LEU F 97 10.46 -32.02 3.58
CA LEU F 97 9.63 -31.98 2.39
C LEU F 97 8.30 -32.70 2.57
N ILE F 98 7.22 -31.98 2.29
CA ILE F 98 5.90 -32.60 2.21
C ILE F 98 5.49 -32.66 0.75
N TRP F 99 5.14 -33.85 0.28
CA TRP F 99 4.88 -34.06 -1.13
C TRP F 99 3.39 -34.14 -1.45
N GLY F 100 2.97 -33.41 -2.47
CA GLY F 100 1.63 -33.54 -3.00
C GLY F 100 1.53 -34.81 -3.80
N ALA F 101 0.32 -35.33 -4.00
CA ALA F 101 0.12 -36.60 -4.70
C ALA F 101 0.42 -36.50 -6.19
N GLY F 102 0.73 -35.30 -6.65
CA GLY F 102 1.06 -35.07 -8.05
C GLY F 102 -0.14 -34.74 -8.90
N THR F 103 0.11 -34.08 -10.03
CA THR F 103 -0.94 -33.76 -11.00
C THR F 103 -0.52 -34.22 -12.39
N LYS F 104 -1.36 -35.06 -13.02
CA LYS F 104 -1.08 -35.54 -14.35
C LYS F 104 -1.62 -34.59 -15.41
N LEU F 105 -0.73 -34.10 -16.27
CA LEU F 105 -1.13 -33.18 -17.33
C LEU F 105 -1.33 -33.91 -18.65
N ILE F 106 -2.57 -33.93 -19.12
CA ILE F 106 -2.89 -34.50 -20.42
C ILE F 106 -3.06 -33.40 -21.46
N ILE F 107 -2.40 -33.54 -22.59
CA ILE F 107 -2.47 -32.55 -23.66
C ILE F 107 -3.27 -33.07 -24.85
N LYS F 108 -4.29 -32.32 -25.23
CA LYS F 108 -5.08 -32.65 -26.41
C LYS F 108 -4.43 -32.05 -27.65
N PRO F 109 -4.14 -32.89 -28.65
CA PRO F 109 -3.60 -32.36 -29.91
C PRO F 109 -4.70 -31.65 -30.68
N ASP F 110 -4.39 -30.49 -31.25
CA ASP F 110 -5.34 -29.80 -32.09
C ASP F 110 -5.32 -30.46 -33.46
N ILE F 111 -6.35 -31.21 -33.83
CA ILE F 111 -6.35 -31.80 -35.17
C ILE F 111 -7.13 -31.00 -36.24
N GLN F 112 -6.35 -30.27 -37.01
CA GLN F 112 -6.60 -29.83 -38.39
C GLN F 112 -7.84 -30.29 -39.09
N ASN F 113 -7.70 -31.57 -39.46
CA ASN F 113 -8.45 -32.23 -40.50
C ASN F 113 -8.75 -33.61 -39.99
N PRO F 114 -9.75 -33.74 -39.12
CA PRO F 114 -10.09 -35.05 -38.58
C PRO F 114 -10.56 -35.96 -39.69
N ASP F 115 -10.39 -37.26 -39.50
CA ASP F 115 -10.81 -38.24 -40.49
C ASP F 115 -11.00 -39.59 -39.82
N PRO F 116 -11.98 -39.66 -38.89
CA PRO F 116 -12.16 -40.83 -38.03
C PRO F 116 -12.43 -42.10 -38.84
N ALA F 117 -11.76 -43.19 -38.48
CA ALA F 117 -11.92 -44.45 -39.19
C ALA F 117 -11.45 -45.62 -38.33
N VAL F 118 -12.03 -46.78 -38.60
CA VAL F 118 -11.65 -48.00 -37.91
C VAL F 118 -11.12 -49.00 -38.93
N TYR F 119 -9.83 -49.32 -38.84
CA TYR F 119 -9.19 -50.20 -39.80
C TYR F 119 -8.84 -51.56 -39.19
N GLN F 120 -9.15 -52.63 -39.91
CA GLN F 120 -8.75 -53.97 -39.51
C GLN F 120 -7.34 -54.27 -40.01
N LEU F 121 -6.46 -54.62 -39.08
CA LEU F 121 -5.08 -54.94 -39.43
C LEU F 121 -4.85 -56.44 -39.44
N ARG F 122 -4.32 -56.95 -40.55
CA ARG F 122 -3.98 -58.36 -40.63
C ARG F 122 -2.73 -58.63 -39.82
N ASP F 123 -2.66 -59.81 -39.21
CA ASP F 123 -1.43 -60.21 -38.55
C ASP F 123 -0.32 -60.44 -39.58
N SER F 124 0.88 -59.99 -39.27
CA SER F 124 2.03 -60.11 -40.16
C SER F 124 2.51 -61.54 -40.36
N LYS F 125 2.74 -62.24 -39.25
CA LYS F 125 3.39 -63.55 -39.31
C LYS F 125 2.63 -64.63 -38.54
N SER F 126 1.48 -65.11 -39.03
CA SER F 126 0.68 -64.56 -40.13
C SER F 126 -0.71 -65.18 -40.02
N SER F 127 -1.13 -65.48 -38.80
CA SER F 127 -2.42 -66.15 -38.57
C SER F 127 -3.64 -65.32 -38.98
N ASP F 128 -4.82 -65.88 -38.77
CA ASP F 128 -6.06 -65.15 -38.94
C ASP F 128 -6.25 -64.13 -37.82
N LYS F 129 -5.41 -64.24 -36.78
CA LYS F 129 -5.48 -63.35 -35.61
C LYS F 129 -5.36 -61.89 -36.05
N SER F 130 -6.16 -61.03 -35.45
CA SER F 130 -6.33 -59.69 -35.99
C SER F 130 -6.50 -58.60 -34.92
N VAL F 131 -6.41 -57.36 -35.38
CA VAL F 131 -6.40 -56.18 -34.53
C VAL F 131 -7.12 -55.01 -35.19
N CYS F 132 -8.00 -54.34 -34.46
CA CYS F 132 -8.73 -53.19 -35.00
C CYS F 132 -8.14 -51.87 -34.53
N LEU F 133 -8.04 -50.91 -35.44
CA LEU F 133 -7.41 -49.62 -35.16
C LEU F 133 -8.36 -48.43 -35.37
N PHE F 134 -8.75 -47.79 -34.27
CA PHE F 134 -9.49 -46.55 -34.32
C PHE F 134 -8.48 -45.40 -34.41
N THR F 135 -8.60 -44.55 -35.41
CA THR F 135 -7.57 -43.54 -35.66
C THR F 135 -8.06 -42.29 -36.37
N ASP F 136 -7.22 -41.26 -36.34
CA ASP F 136 -7.45 -39.99 -37.03
C ASP F 136 -8.74 -39.29 -36.64
N PHE F 137 -9.19 -39.52 -35.40
CA PHE F 137 -10.37 -38.83 -34.89
C PHE F 137 -9.93 -37.57 -34.15
N ASP F 138 -10.90 -36.72 -33.80
CA ASP F 138 -10.55 -35.45 -33.22
C ASP F 138 -10.56 -35.56 -31.68
N SER F 139 -9.81 -34.67 -31.04
CA SER F 139 -9.41 -34.81 -29.64
C SER F 139 -10.56 -34.88 -28.64
N GLN F 140 -11.75 -34.41 -29.01
CA GLN F 140 -12.85 -34.44 -28.06
C GLN F 140 -13.41 -35.84 -27.92
N THR F 141 -13.06 -36.70 -28.86
CA THR F 141 -13.52 -38.08 -28.84
C THR F 141 -12.89 -38.84 -27.66
N ASN F 142 -13.75 -39.50 -26.89
CA ASN F 142 -13.28 -40.28 -25.74
C ASN F 142 -13.47 -41.76 -25.97
N VAL F 143 -12.41 -42.53 -25.72
CA VAL F 143 -12.46 -43.98 -25.83
C VAL F 143 -12.68 -44.58 -24.45
N SER F 144 -13.53 -45.60 -24.37
CA SER F 144 -13.78 -46.24 -23.08
C SER F 144 -13.37 -47.71 -23.12
N GLN F 145 -13.13 -48.26 -21.93
CA GLN F 145 -12.83 -49.68 -21.80
C GLN F 145 -14.00 -50.54 -22.26
N SER F 146 -13.71 -51.80 -22.55
CA SER F 146 -14.76 -52.71 -22.97
C SER F 146 -15.48 -53.25 -21.75
N LYS F 147 -16.79 -53.41 -21.87
CA LYS F 147 -17.48 -54.40 -21.07
C LYS F 147 -17.36 -55.71 -21.82
N ASP F 148 -18.00 -56.75 -21.28
CA ASP F 148 -18.15 -58.03 -21.96
C ASP F 148 -16.83 -58.63 -22.45
N SER F 149 -15.86 -58.94 -21.55
CA SER F 149 -14.45 -59.00 -22.04
C SER F 149 -13.21 -59.13 -21.10
N ASP F 150 -12.06 -59.62 -21.61
CA ASP F 150 -11.75 -60.29 -22.92
C ASP F 150 -12.06 -59.57 -24.28
N VAL F 151 -11.84 -58.27 -24.33
CA VAL F 151 -11.73 -57.46 -25.55
C VAL F 151 -10.92 -56.36 -24.99
N TYR F 152 -9.78 -56.12 -25.59
CA TYR F 152 -8.81 -55.27 -24.98
C TYR F 152 -8.84 -54.00 -25.78
N ILE F 153 -9.19 -52.92 -25.10
CA ILE F 153 -9.22 -51.62 -25.70
C ILE F 153 -8.23 -50.75 -24.95
N THR F 154 -7.27 -50.21 -25.69
CA THR F 154 -6.26 -49.35 -25.11
C THR F 154 -6.75 -47.91 -25.09
N ASP F 155 -6.24 -47.14 -24.15
CA ASP F 155 -6.55 -45.72 -24.09
C ASP F 155 -5.93 -45.04 -25.31
N LYS F 156 -6.53 -43.94 -25.76
CA LYS F 156 -6.04 -43.25 -26.94
C LYS F 156 -4.65 -42.68 -26.72
N CYS F 157 -3.87 -42.60 -27.80
CA CYS F 157 -2.51 -42.11 -27.74
C CYS F 157 -2.21 -41.24 -28.95
N VAL F 158 -1.26 -40.31 -28.80
CA VAL F 158 -0.92 -39.38 -29.87
C VAL F 158 0.47 -39.62 -30.45
N LEU F 159 0.52 -39.94 -31.74
CA LEU F 159 1.79 -40.06 -32.46
C LEU F 159 2.02 -38.80 -33.29
N ASP F 160 3.27 -38.48 -33.53
CA ASP F 160 3.60 -37.25 -34.24
C ASP F 160 4.69 -37.46 -35.30
N MET F 161 4.29 -37.40 -36.56
CA MET F 161 5.21 -37.55 -37.69
C MET F 161 5.89 -36.21 -37.97
N ARG F 162 7.11 -36.06 -37.46
CA ARG F 162 7.77 -34.75 -37.41
C ARG F 162 8.24 -34.20 -38.76
N SER F 163 8.32 -35.04 -39.78
CA SER F 163 8.77 -34.60 -41.09
C SER F 163 7.61 -34.24 -42.00
N MET F 164 6.39 -34.34 -41.47
CA MET F 164 5.19 -33.99 -42.22
C MET F 164 4.33 -33.03 -41.42
N ASP F 165 4.75 -32.72 -40.20
CA ASP F 165 3.94 -31.98 -39.22
C ASP F 165 2.56 -32.61 -39.22
N PHE F 166 2.45 -33.76 -38.57
CA PHE F 166 1.18 -34.47 -38.53
C PHE F 166 1.00 -35.15 -37.19
N LYS F 167 -0.07 -34.80 -36.50
CA LYS F 167 -0.44 -35.45 -35.27
C LYS F 167 -1.77 -36.16 -35.43
N SER F 168 -1.85 -37.37 -34.90
CA SER F 168 -3.09 -38.15 -34.96
C SER F 168 -3.32 -38.93 -33.68
N ASN F 169 -4.58 -39.02 -33.28
CA ASN F 169 -4.98 -39.89 -32.18
C ASN F 169 -5.16 -41.31 -32.68
N SER F 170 -5.11 -42.26 -31.76
CA SER F 170 -5.33 -43.66 -32.11
C SER F 170 -5.58 -44.52 -30.87
N ALA F 171 -6.53 -45.44 -31.00
CA ALA F 171 -6.81 -46.42 -29.97
C ALA F 171 -6.85 -47.80 -30.62
N VAL F 172 -6.42 -48.82 -29.88
CA VAL F 172 -6.33 -50.17 -30.43
C VAL F 172 -7.26 -51.14 -29.69
N ALA F 173 -7.97 -51.97 -30.46
CA ALA F 173 -8.84 -52.98 -29.88
C ALA F 173 -8.54 -54.36 -30.46
N TRP F 174 -8.56 -55.37 -29.60
CA TRP F 174 -8.38 -56.75 -30.05
C TRP F 174 -9.04 -57.71 -29.08
N SER F 175 -9.29 -58.94 -29.56
CA SER F 175 -9.92 -59.98 -28.75
C SER F 175 -9.85 -61.34 -29.43
N ASN F 176 -10.17 -62.39 -28.68
CA ASN F 176 -10.18 -63.75 -29.22
C ASN F 176 -11.60 -64.29 -29.38
N LYS F 177 -12.57 -63.65 -28.71
CA LYS F 177 -13.98 -63.88 -28.98
C LYS F 177 -14.17 -63.96 -30.48
N SER F 178 -14.95 -64.92 -30.95
CA SER F 178 -14.97 -65.21 -32.39
C SER F 178 -15.84 -64.30 -33.26
N ASP F 179 -17.01 -63.82 -32.84
CA ASP F 179 -17.53 -62.66 -33.56
C ASP F 179 -17.24 -61.43 -32.75
N PHE F 180 -15.99 -61.03 -32.84
CA PHE F 180 -15.56 -59.69 -32.53
C PHE F 180 -15.20 -59.06 -33.87
N ALA F 181 -15.92 -58.00 -34.23
CA ALA F 181 -15.66 -57.32 -35.49
C ALA F 181 -15.29 -55.86 -35.26
N CYS F 182 -14.60 -55.26 -36.23
CA CYS F 182 -14.21 -53.87 -36.11
C CYS F 182 -15.43 -52.94 -36.15
N ALA F 183 -16.47 -53.39 -36.85
CA ALA F 183 -17.70 -52.62 -36.99
C ALA F 183 -18.31 -52.29 -35.63
N ASN F 184 -18.22 -53.24 -34.71
CA ASN F 184 -18.81 -53.08 -33.39
C ASN F 184 -17.79 -53.27 -32.27
N ALA F 185 -16.52 -53.04 -32.60
CA ALA F 185 -15.43 -53.15 -31.63
C ALA F 185 -15.47 -52.00 -30.63
N PHE F 186 -15.85 -50.83 -31.11
CA PHE F 186 -15.78 -49.62 -30.30
C PHE F 186 -17.16 -49.06 -29.91
N ASN F 187 -18.17 -49.92 -29.79
CA ASN F 187 -19.50 -49.47 -29.39
C ASN F 187 -19.51 -48.88 -27.98
N ASN F 188 -18.65 -49.41 -27.12
CA ASN F 188 -18.58 -48.99 -25.73
C ASN F 188 -18.26 -47.50 -25.59
N SER F 189 -17.77 -46.89 -26.67
CA SER F 189 -17.43 -45.48 -26.69
C SER F 189 -18.38 -44.69 -27.59
N ILE F 190 -18.38 -43.37 -27.42
CA ILE F 190 -19.16 -42.49 -28.28
C ILE F 190 -18.30 -42.01 -29.46
N ILE F 191 -18.46 -42.66 -30.60
CA ILE F 191 -17.62 -42.37 -31.76
C ILE F 191 -18.36 -41.48 -32.76
N PRO F 192 -17.61 -40.67 -33.53
CA PRO F 192 -18.18 -39.75 -34.52
C PRO F 192 -19.20 -40.38 -35.47
N GLU F 193 -20.20 -39.59 -35.84
CA GLU F 193 -21.24 -40.01 -36.79
C GLU F 193 -20.68 -40.54 -38.10
N ASP F 194 -19.63 -39.87 -38.58
CA ASP F 194 -19.10 -40.11 -39.91
C ASP F 194 -17.84 -40.97 -39.92
N THR F 195 -17.69 -41.81 -38.90
CA THR F 195 -16.52 -42.70 -38.82
C THR F 195 -16.51 -43.70 -39.98
N PHE F 196 -15.36 -43.78 -40.65
CA PHE F 196 -15.20 -44.62 -41.82
C PHE F 196 -14.95 -46.08 -41.45
N PHE F 197 -15.98 -46.92 -41.64
CA PHE F 197 -15.87 -48.36 -41.47
C PHE F 197 -15.81 -49.04 -42.83
N PRO F 198 -14.59 -49.35 -43.30
CA PRO F 198 -14.45 -50.02 -44.59
C PRO F 198 -14.97 -51.46 -44.58
N SER F 199 -15.71 -51.83 -45.61
CA SER F 199 -16.20 -53.20 -45.74
C SER F 199 -15.11 -54.10 -46.33
N PRO F 200 -14.64 -55.06 -45.53
CA PRO F 200 -13.56 -55.96 -45.98
C PRO F 200 -14.08 -57.13 -46.79
N ALA G 2 25.16 -38.31 -15.71
CA ALA G 2 25.76 -37.86 -14.46
C ALA G 2 24.72 -37.72 -13.36
N GLY G 3 25.08 -37.03 -12.28
CA GLY G 3 24.17 -36.77 -11.18
C GLY G 3 24.10 -37.89 -10.16
N VAL G 4 22.93 -38.53 -10.06
CA VAL G 4 22.72 -39.61 -9.11
C VAL G 4 22.49 -40.93 -9.83
N THR G 5 23.24 -41.95 -9.44
CA THR G 5 23.15 -43.26 -10.08
C THR G 5 22.65 -44.32 -9.10
N GLN G 6 21.58 -45.03 -9.47
CA GLN G 6 21.05 -46.08 -8.62
C GLN G 6 20.79 -47.36 -9.42
N THR G 7 21.00 -48.50 -8.78
CA THR G 7 20.85 -49.80 -9.41
C THR G 7 20.16 -50.77 -8.44
N PRO G 8 19.42 -51.75 -8.98
CA PRO G 8 19.12 -51.98 -10.39
C PRO G 8 17.90 -51.21 -10.86
N LYS G 9 17.66 -51.19 -12.18
CA LYS G 9 16.48 -50.52 -12.73
C LYS G 9 15.24 -51.39 -12.54
N PHE G 10 15.45 -52.71 -12.53
CA PHE G 10 14.36 -53.67 -12.33
C PHE G 10 14.82 -54.83 -11.44
N GLN G 11 13.86 -55.44 -10.75
CA GLN G 11 14.16 -56.55 -9.86
C GLN G 11 12.91 -57.30 -9.44
N VAL G 12 12.92 -58.62 -9.63
CA VAL G 12 11.83 -59.48 -9.16
C VAL G 12 12.31 -60.27 -7.95
N LEU G 13 11.45 -60.37 -6.92
CA LEU G 13 11.82 -61.07 -5.70
C LEU G 13 10.70 -61.98 -5.21
N LYS G 14 11.05 -63.12 -4.65
CA LYS G 14 10.08 -63.94 -3.92
C LYS G 14 9.95 -63.37 -2.52
N THR G 15 8.82 -63.64 -1.86
CA THR G 15 8.59 -63.16 -0.52
C THR G 15 9.59 -63.80 0.46
N GLY G 16 10.20 -62.96 1.29
CA GLY G 16 11.15 -63.44 2.29
C GLY G 16 12.60 -63.32 1.87
N GLN G 17 12.81 -62.90 0.63
CA GLN G 17 14.14 -62.77 0.06
C GLN G 17 14.76 -61.41 0.45
N SER G 18 16.09 -61.37 0.51
CA SER G 18 16.79 -60.13 0.83
C SER G 18 17.18 -59.38 -0.44
N MET G 19 17.31 -58.07 -0.32
CA MET G 19 17.62 -57.22 -1.46
C MET G 19 18.33 -55.94 -1.03
N THR G 20 19.32 -55.51 -1.79
CA THR G 20 20.02 -54.26 -1.51
C THR G 20 20.02 -53.33 -2.73
N LEU G 21 19.50 -52.13 -2.54
CA LEU G 21 19.47 -51.10 -3.59
C LEU G 21 20.63 -50.13 -3.44
N GLN G 22 21.40 -49.95 -4.50
CA GLN G 22 22.58 -49.11 -4.48
C GLN G 22 22.27 -47.69 -4.94
N CYS G 23 22.98 -46.72 -4.37
CA CYS G 23 22.88 -45.33 -4.82
C CYS G 23 24.19 -44.59 -4.61
N ALA G 24 24.61 -43.83 -5.63
CA ALA G 24 25.85 -43.07 -5.56
C ALA G 24 25.66 -41.69 -6.19
N GLN G 25 26.24 -40.68 -5.56
CA GLN G 25 26.17 -39.31 -6.08
C GLN G 25 27.56 -38.67 -6.17
N ASP G 26 27.83 -38.02 -7.28
CA ASP G 26 29.15 -37.45 -7.54
C ASP G 26 29.10 -35.91 -7.49
N MET G 27 28.10 -35.38 -6.78
CA MET G 27 27.90 -33.94 -6.72
C MET G 27 28.31 -33.33 -5.38
N ASN G 28 29.01 -34.12 -4.58
CA ASN G 28 29.53 -33.68 -3.28
C ASN G 28 28.44 -33.22 -2.32
N HIS G 29 27.25 -33.82 -2.45
CA HIS G 29 26.14 -33.47 -1.58
C HIS G 29 26.28 -34.11 -0.21
N ASN G 30 25.76 -33.44 0.82
CA ASN G 30 25.78 -33.99 2.17
C ASN G 30 24.60 -34.92 2.41
N SER G 31 23.43 -34.51 1.94
CA SER G 31 22.20 -35.22 2.25
C SER G 31 21.75 -36.15 1.13
N MET G 32 21.43 -37.39 1.49
CA MET G 32 20.87 -38.35 0.54
C MET G 32 19.56 -38.95 1.09
N TYR G 33 18.73 -39.45 0.20
CA TYR G 33 17.37 -39.87 0.57
C TYR G 33 16.96 -41.15 -0.15
N TRP G 34 16.02 -41.88 0.45
CA TRP G 34 15.39 -43.00 -0.22
C TRP G 34 13.87 -42.86 -0.19
N TYR G 35 13.29 -42.64 -1.37
CA TYR G 35 11.85 -42.50 -1.52
C TYR G 35 11.26 -43.72 -2.20
N ARG G 36 10.02 -44.06 -1.86
CA ARG G 36 9.24 -44.98 -2.68
C ARG G 36 8.03 -44.24 -3.24
N GLN G 37 7.73 -44.48 -4.51
CA GLN G 37 6.60 -43.84 -5.17
C GLN G 37 5.51 -44.85 -5.48
N ASP G 38 4.30 -44.56 -5.03
CA ASP G 38 3.17 -45.45 -5.24
C ASP G 38 2.00 -44.67 -5.83
N PRO G 39 1.22 -45.32 -6.70
CA PRO G 39 0.07 -44.70 -7.36
C PRO G 39 -0.91 -44.04 -6.40
N GLY G 40 -1.31 -42.81 -6.70
CA GLY G 40 -2.34 -42.13 -5.94
C GLY G 40 -1.85 -41.35 -4.74
N MET G 41 -0.57 -41.46 -4.43
CA MET G 41 -0.01 -40.76 -3.29
C MET G 41 1.32 -40.11 -3.63
N GLY G 42 1.67 -39.06 -2.89
CA GLY G 42 2.94 -38.39 -3.06
C GLY G 42 4.10 -39.26 -2.58
N LEU G 43 5.31 -38.86 -2.92
CA LEU G 43 6.51 -39.58 -2.49
C LEU G 43 6.52 -39.76 -0.97
N ARG G 44 7.08 -40.87 -0.52
CA ARG G 44 7.20 -41.12 0.91
C ARG G 44 8.63 -41.43 1.27
N LEU G 45 9.16 -40.72 2.26
CA LEU G 45 10.53 -40.92 2.69
C LEU G 45 10.64 -42.18 3.53
N ILE G 46 11.55 -43.08 3.14
CA ILE G 46 11.78 -44.31 3.87
C ILE G 46 12.84 -44.08 4.92
N TYR G 47 14.05 -43.77 4.46
CA TYR G 47 15.13 -43.30 5.31
C TYR G 47 15.84 -42.15 4.63
N TYR G 48 16.59 -41.36 5.40
CA TYR G 48 17.41 -40.31 4.83
C TYR G 48 18.72 -40.21 5.62
N SER G 49 19.70 -39.56 5.02
CA SER G 49 21.00 -39.36 5.65
C SER G 49 21.42 -37.91 5.50
N ALA G 50 21.32 -37.14 6.59
CA ALA G 50 21.61 -35.71 6.56
C ALA G 50 23.04 -35.41 6.10
N SER G 51 23.98 -36.24 6.55
CA SER G 51 25.37 -36.11 6.15
C SER G 51 26.09 -37.41 6.42
N GLU G 52 27.37 -37.46 6.10
CA GLU G 52 28.18 -38.63 6.39
C GLU G 52 28.15 -38.93 7.88
N GLY G 53 28.10 -40.22 8.22
CA GLY G 53 28.16 -40.64 9.61
C GLY G 53 26.83 -40.65 10.34
N THR G 54 25.75 -40.32 9.64
CA THR G 54 24.43 -40.32 10.28
C THR G 54 23.30 -40.64 9.30
N THR G 55 22.30 -41.37 9.80
CA THR G 55 21.08 -41.67 9.06
C THR G 55 19.90 -41.63 10.02
N ASP G 56 18.68 -41.59 9.49
CA ASP G 56 17.50 -41.59 10.34
C ASP G 56 16.24 -42.00 9.58
N LYS G 57 15.24 -42.49 10.32
CA LYS G 57 14.00 -42.98 9.74
C LYS G 57 13.19 -41.88 9.06
N GLY G 58 12.48 -42.23 8.00
CA GLY G 58 11.57 -41.32 7.35
C GLY G 58 10.16 -41.57 7.83
N GLU G 59 9.20 -41.60 6.91
CA GLU G 59 7.81 -41.83 7.27
C GLU G 59 7.49 -43.33 7.27
N VAL G 60 8.10 -44.08 6.35
CA VAL G 60 7.76 -45.49 6.19
C VAL G 60 8.98 -46.43 6.29
N PRO G 61 9.66 -46.45 7.45
CA PRO G 61 10.93 -47.18 7.54
C PRO G 61 10.80 -48.69 7.72
N ASN G 62 9.65 -49.18 8.15
CA ASN G 62 9.49 -50.61 8.47
C ASN G 62 9.76 -51.54 7.30
N GLY G 63 10.54 -52.58 7.56
CA GLY G 63 10.94 -53.53 6.52
C GLY G 63 12.14 -53.04 5.75
N TYR G 64 12.71 -51.93 6.18
CA TYR G 64 13.88 -51.36 5.52
C TYR G 64 14.95 -50.99 6.53
N ASN G 65 16.16 -50.82 6.02
CA ASN G 65 17.25 -50.19 6.76
C ASN G 65 18.27 -49.69 5.76
N VAL G 66 19.09 -48.74 6.18
CA VAL G 66 20.02 -48.10 5.24
C VAL G 66 21.41 -47.98 5.83
N SER G 67 22.39 -47.86 4.94
CA SER G 67 23.76 -47.63 5.36
C SER G 67 24.37 -46.49 4.55
N ARG G 68 24.74 -45.42 5.24
CA ARG G 68 25.51 -44.35 4.62
C ARG G 68 26.98 -44.77 4.61
N LEU G 69 27.38 -45.44 3.54
CA LEU G 69 28.72 -46.03 3.46
C LEU G 69 29.80 -44.95 3.49
N ASN G 70 29.58 -43.90 2.70
CA ASN G 70 30.48 -42.77 2.65
C ASN G 70 29.70 -41.54 2.22
N LYS G 71 30.40 -40.48 1.81
CA LYS G 71 29.69 -39.27 1.41
C LYS G 71 28.98 -39.46 0.08
N ARG G 72 29.41 -40.46 -0.69
CA ARG G 72 28.86 -40.71 -2.01
C ARG G 72 27.75 -41.76 -2.03
N GLU G 73 27.87 -42.75 -1.16
CA GLU G 73 27.02 -43.95 -1.28
C GLU G 73 26.00 -44.11 -0.15
N PHE G 74 24.78 -44.41 -0.55
CA PHE G 74 23.67 -44.59 0.38
C PHE G 74 22.80 -45.76 -0.09
N SER G 75 22.92 -46.89 0.57
CA SER G 75 22.22 -48.09 0.13
C SER G 75 20.96 -48.35 0.94
N LEU G 76 19.96 -48.91 0.28
CA LEU G 76 18.71 -49.31 0.93
C LEU G 76 18.62 -50.84 0.97
N ARG G 77 18.17 -51.38 2.10
CA ARG G 77 18.05 -52.83 2.23
C ARG G 77 16.62 -53.28 2.51
N LEU G 78 16.15 -54.24 1.72
CA LEU G 78 14.91 -54.92 2.04
C LEU G 78 15.24 -56.18 2.84
N GLU G 79 14.91 -56.14 4.13
CA GLU G 79 15.26 -57.21 5.07
C GLU G 79 14.68 -58.55 4.63
N SER G 80 13.36 -58.67 4.77
CA SER G 80 12.62 -59.80 4.23
C SER G 80 11.54 -59.28 3.29
N ALA G 81 11.71 -59.52 2.00
CA ALA G 81 10.83 -58.95 0.98
C ALA G 81 9.35 -59.26 1.23
N ALA G 82 8.51 -58.26 1.01
CA ALA G 82 7.07 -58.41 1.21
C ALA G 82 6.32 -57.77 0.04
N PRO G 83 5.20 -58.38 -0.37
CA PRO G 83 4.37 -57.90 -1.48
C PRO G 83 4.07 -56.40 -1.40
N SER G 84 3.86 -55.89 -0.19
CA SER G 84 3.58 -54.47 0.01
C SER G 84 4.75 -53.59 -0.43
N GLN G 85 5.94 -54.19 -0.48
CA GLN G 85 7.15 -53.45 -0.85
C GLN G 85 7.36 -53.41 -2.36
N THR G 86 6.44 -54.02 -3.10
CA THR G 86 6.38 -53.83 -4.54
C THR G 86 6.10 -52.35 -4.83
N SER G 87 7.05 -51.68 -5.48
CA SER G 87 6.98 -50.23 -5.69
C SER G 87 8.09 -49.72 -6.59
N VAL G 88 8.09 -48.42 -6.83
CA VAL G 88 9.20 -47.75 -7.50
C VAL G 88 10.03 -46.98 -6.47
N TYR G 89 11.33 -47.24 -6.44
CA TYR G 89 12.19 -46.64 -5.43
C TYR G 89 13.10 -45.58 -6.04
N PHE G 90 13.11 -44.41 -5.43
CA PHE G 90 13.96 -43.33 -5.91
C PHE G 90 14.99 -42.96 -4.87
N CYS G 91 16.24 -42.89 -5.30
CA CYS G 91 17.28 -42.27 -4.51
C CYS G 91 17.37 -40.80 -4.88
N ALA G 92 17.84 -39.97 -3.97
CA ALA G 92 17.97 -38.55 -4.23
C ALA G 92 19.04 -37.93 -3.35
N SER G 93 19.56 -36.79 -3.78
CA SER G 93 20.52 -36.07 -2.97
C SER G 93 20.36 -34.55 -3.13
N SER G 94 20.69 -33.83 -2.07
CA SER G 94 20.69 -32.38 -2.08
C SER G 94 21.90 -31.91 -1.30
N VAL G 95 22.32 -30.67 -1.53
CA VAL G 95 23.47 -30.11 -0.81
C VAL G 95 23.28 -30.19 0.70
N TRP G 96 22.07 -29.87 1.16
CA TRP G 96 21.77 -29.87 2.59
C TRP G 96 20.28 -30.02 2.85
N THR G 97 19.94 -30.92 3.77
CA THR G 97 18.55 -31.24 4.07
C THR G 97 17.87 -30.18 4.93
N GLY G 98 18.67 -29.41 5.66
CA GLY G 98 18.14 -28.42 6.58
C GLY G 98 17.86 -27.07 5.95
N GLU G 99 18.47 -26.03 6.52
CA GLU G 99 18.27 -24.66 6.05
C GLU G 99 18.72 -24.49 4.60
N GLY G 100 17.89 -23.83 3.80
CA GLY G 100 18.28 -23.49 2.45
C GLY G 100 17.22 -23.74 1.40
N SER G 101 17.57 -23.38 0.17
CA SER G 101 16.65 -23.43 -0.95
C SER G 101 16.94 -24.57 -1.92
N GLY G 102 17.89 -25.42 -1.53
CA GLY G 102 18.40 -26.47 -2.41
C GLY G 102 17.39 -27.54 -2.77
N GLU G 103 17.36 -27.89 -4.06
CA GLU G 103 16.41 -28.87 -4.56
C GLU G 103 16.98 -30.29 -4.55
N LEU G 104 16.13 -31.26 -4.85
CA LEU G 104 16.53 -32.66 -4.91
C LEU G 104 17.03 -33.05 -6.30
N PHE G 105 18.04 -33.90 -6.33
CA PHE G 105 18.48 -34.53 -7.56
C PHE G 105 18.17 -36.02 -7.48
N PHE G 106 17.25 -36.47 -8.32
CA PHE G 106 16.78 -37.85 -8.27
C PHE G 106 17.57 -38.79 -9.19
N GLY G 107 17.58 -40.08 -8.82
CA GLY G 107 18.14 -41.10 -9.67
C GLY G 107 17.06 -41.66 -10.58
N GLU G 108 17.46 -42.46 -11.57
CA GLU G 108 16.54 -42.93 -12.59
C GLU G 108 15.47 -43.90 -12.08
N GLY G 109 15.58 -44.31 -10.82
CA GLY G 109 14.55 -45.13 -10.20
C GLY G 109 14.80 -46.62 -10.26
N SER G 110 14.10 -47.37 -9.40
CA SER G 110 14.22 -48.82 -9.32
C SER G 110 12.85 -49.48 -9.15
N ARG G 111 12.50 -50.39 -10.05
CA ARG G 111 11.20 -51.06 -9.99
C ARG G 111 11.33 -52.45 -9.39
N LEU G 112 10.86 -52.59 -8.15
CA LEU G 112 10.90 -53.87 -7.45
C LEU G 112 9.52 -54.52 -7.42
N THR G 113 9.44 -55.75 -7.91
CA THR G 113 8.20 -56.53 -7.81
C THR G 113 8.41 -57.71 -6.89
N VAL G 114 7.58 -57.82 -5.86
CA VAL G 114 7.65 -58.92 -4.92
C VAL G 114 6.47 -59.85 -5.10
N LEU G 115 6.74 -61.13 -5.31
CA LEU G 115 5.71 -62.13 -5.57
C LEU G 115 5.78 -63.28 -4.57
N GLU G 116 4.66 -63.97 -4.36
CA GLU G 116 4.65 -65.15 -3.50
C GLU G 116 5.55 -66.22 -4.09
N ASP G 117 5.40 -66.49 -5.38
CA ASP G 117 6.32 -67.35 -6.10
C ASP G 117 6.46 -66.86 -7.55
N LEU G 118 7.45 -67.40 -8.24
CA LEU G 118 7.78 -66.94 -9.58
C LEU G 118 7.06 -67.73 -10.66
N LYS G 119 6.10 -68.55 -10.24
CA LYS G 119 5.40 -69.45 -11.16
C LYS G 119 4.53 -68.70 -12.17
N ASN G 120 4.28 -67.42 -11.92
CA ASN G 120 3.43 -66.63 -12.82
C ASN G 120 4.23 -65.62 -13.64
N VAL G 121 5.54 -65.63 -13.50
CA VAL G 121 6.39 -64.74 -14.28
C VAL G 121 6.48 -65.21 -15.73
N PHE G 122 6.07 -64.36 -16.65
CA PHE G 122 6.08 -64.68 -18.07
C PHE G 122 6.67 -63.55 -18.91
N PRO G 123 7.38 -63.89 -19.98
CA PRO G 123 7.83 -62.92 -20.98
C PRO G 123 6.67 -62.62 -21.93
N PRO G 124 6.77 -61.55 -22.71
CA PRO G 124 5.65 -61.22 -23.60
C PRO G 124 5.67 -62.01 -24.91
N GLU G 125 4.48 -62.35 -25.41
CA GLU G 125 4.35 -62.77 -26.80
C GLU G 125 4.19 -61.52 -27.64
N VAL G 126 5.06 -61.34 -28.63
CA VAL G 126 5.07 -60.12 -29.41
C VAL G 126 4.65 -60.37 -30.86
N ALA G 127 3.74 -59.54 -31.36
CA ALA G 127 3.30 -59.62 -32.74
C ALA G 127 3.32 -58.23 -33.40
N VAL G 128 3.56 -58.21 -34.71
CA VAL G 128 3.48 -56.99 -35.49
C VAL G 128 2.32 -57.12 -36.46
N PHE G 129 1.56 -56.04 -36.65
CA PHE G 129 0.39 -56.10 -37.51
C PHE G 129 0.49 -55.10 -38.66
N GLU G 130 0.48 -55.64 -39.88
CA GLU G 130 0.64 -54.85 -41.09
C GLU G 130 -0.53 -53.89 -41.30
N PRO G 131 -0.26 -52.71 -41.88
CA PRO G 131 -1.27 -51.68 -42.12
C PRO G 131 -2.45 -52.17 -42.97
N SER G 132 -3.63 -51.61 -42.71
CA SER G 132 -4.81 -51.92 -43.50
C SER G 132 -4.67 -51.38 -44.90
N GLU G 133 -5.11 -52.15 -45.90
CA GLU G 133 -5.12 -51.69 -47.27
C GLU G 133 -6.09 -50.52 -47.43
N ALA G 134 -7.08 -50.46 -46.54
CA ALA G 134 -8.05 -49.38 -46.54
C ALA G 134 -7.41 -48.06 -46.09
N GLU G 135 -6.54 -48.13 -45.10
CA GLU G 135 -5.89 -46.93 -44.58
C GLU G 135 -4.98 -46.29 -45.61
N ILE G 136 -4.29 -47.12 -46.37
CA ILE G 136 -3.35 -46.66 -47.38
C ILE G 136 -4.07 -45.94 -48.53
N SER G 137 -5.29 -46.37 -48.81
CA SER G 137 -6.07 -45.78 -49.90
C SER G 137 -6.87 -44.56 -49.45
N HIS G 138 -7.13 -44.45 -48.16
CA HIS G 138 -7.94 -43.36 -47.63
C HIS G 138 -7.09 -42.19 -47.15
N THR G 139 -5.93 -42.49 -46.58
CA THR G 139 -5.10 -41.46 -45.95
C THR G 139 -3.69 -41.36 -46.54
N GLN G 140 -3.36 -42.29 -47.43
CA GLN G 140 -2.00 -42.40 -47.97
C GLN G 140 -0.96 -42.46 -46.86
N LYS G 141 -1.33 -43.11 -45.75
CA LYS G 141 -0.42 -43.36 -44.64
C LYS G 141 -0.57 -44.80 -44.18
N ALA G 142 0.49 -45.35 -43.59
CA ALA G 142 0.48 -46.73 -43.13
C ALA G 142 0.81 -46.82 -41.64
N THR G 143 -0.05 -47.49 -40.89
CA THR G 143 0.15 -47.63 -39.45
C THR G 143 0.44 -49.07 -39.04
N LEU G 144 1.66 -49.30 -38.56
CA LEU G 144 2.02 -50.60 -38.01
C LEU G 144 1.67 -50.64 -36.52
N VAL G 145 1.12 -51.76 -36.08
CA VAL G 145 0.74 -51.91 -34.68
C VAL G 145 1.46 -53.10 -34.06
N CYS G 146 2.03 -52.88 -32.87
CA CYS G 146 2.71 -53.96 -32.17
C CYS G 146 2.01 -54.30 -30.86
N LEU G 147 1.76 -55.60 -30.65
CA LEU G 147 1.18 -56.08 -29.40
C LEU G 147 2.15 -56.94 -28.60
N ALA G 148 2.36 -56.59 -27.34
CA ALA G 148 3.09 -57.42 -26.41
C ALA G 148 2.12 -57.93 -25.36
N THR G 149 1.87 -59.23 -25.35
CA THR G 149 0.82 -59.79 -24.50
C THR G 149 1.27 -60.94 -23.60
N GLY G 150 0.55 -61.11 -22.50
CA GLY G 150 0.77 -62.23 -21.61
C GLY G 150 1.99 -62.14 -20.70
N PHE G 151 2.58 -60.96 -20.57
CA PHE G 151 3.78 -60.83 -19.77
C PHE G 151 3.47 -60.44 -18.32
N TYR G 152 4.40 -60.78 -17.43
CA TYR G 152 4.24 -60.55 -16.00
C TYR G 152 5.59 -60.71 -15.30
N PRO G 153 5.96 -59.75 -14.44
CA PRO G 153 5.20 -58.55 -14.07
C PRO G 153 5.33 -57.42 -15.09
N ASP G 154 4.82 -56.24 -14.75
CA ASP G 154 4.90 -55.08 -15.63
C ASP G 154 6.34 -54.54 -15.70
N HIS G 155 7.21 -55.27 -16.39
CA HIS G 155 8.61 -54.89 -16.51
C HIS G 155 9.07 -54.87 -17.96
N VAL G 156 8.45 -54.04 -18.78
CA VAL G 156 8.78 -54.01 -20.21
C VAL G 156 9.26 -52.65 -20.69
N GLU G 157 9.94 -52.67 -21.82
CA GLU G 157 10.36 -51.46 -22.52
C GLU G 157 10.28 -51.71 -24.03
N LEU G 158 9.34 -51.03 -24.69
CA LEU G 158 9.10 -51.24 -26.11
C LEU G 158 9.87 -50.23 -26.95
N SER G 159 10.29 -50.65 -28.14
CA SER G 159 10.99 -49.78 -29.07
C SER G 159 10.69 -50.19 -30.50
N TRP G 160 10.85 -49.26 -31.44
CA TRP G 160 10.66 -49.55 -32.84
C TRP G 160 11.98 -49.46 -33.60
N TRP G 161 12.20 -50.40 -34.51
CA TRP G 161 13.44 -50.44 -35.24
C TRP G 161 13.19 -50.55 -36.74
N VAL G 162 13.57 -49.51 -37.46
CA VAL G 162 13.43 -49.47 -38.91
C VAL G 162 14.79 -49.67 -39.58
N ASN G 163 14.92 -50.80 -40.25
CA ASN G 163 16.10 -51.08 -41.06
C ASN G 163 17.36 -51.11 -40.23
N GLY G 164 17.25 -51.64 -39.00
CA GLY G 164 18.40 -51.80 -38.14
C GLY G 164 18.51 -50.70 -37.10
N LYS G 165 17.98 -49.52 -37.43
CA LYS G 165 18.09 -48.36 -36.56
C LYS G 165 16.76 -48.05 -35.87
N GLU G 166 16.84 -47.46 -34.69
CA GLU G 166 15.65 -47.16 -33.90
C GLU G 166 15.04 -45.81 -34.29
N VAL G 167 13.71 -45.74 -34.26
CA VAL G 167 13.00 -44.51 -34.61
C VAL G 167 12.14 -44.01 -33.45
N HIS G 168 11.67 -42.77 -33.56
CA HIS G 168 10.80 -42.17 -32.56
C HIS G 168 9.63 -41.45 -33.21
N SER G 169 9.86 -40.91 -34.40
CA SER G 169 8.81 -40.22 -35.14
C SER G 169 7.74 -41.18 -35.63
N GLY G 170 6.49 -40.81 -35.44
CA GLY G 170 5.38 -41.65 -35.84
C GLY G 170 5.13 -42.78 -34.87
N VAL G 171 5.78 -42.71 -33.71
CA VAL G 171 5.65 -43.75 -32.71
C VAL G 171 4.79 -43.29 -31.54
N CYS G 172 3.87 -44.15 -31.11
CA CYS G 172 3.10 -43.93 -29.89
C CYS G 172 2.94 -45.24 -29.14
N THR G 173 3.37 -45.25 -27.88
CA THR G 173 3.28 -46.43 -27.04
C THR G 173 2.42 -46.14 -25.81
N ASP G 174 1.56 -47.08 -25.45
CA ASP G 174 0.73 -46.95 -24.25
C ASP G 174 1.61 -46.63 -23.05
N PRO G 175 1.25 -45.57 -22.30
CA PRO G 175 1.98 -45.17 -21.10
C PRO G 175 2.02 -46.29 -20.05
N GLN G 176 0.89 -46.96 -19.86
CA GLN G 176 0.81 -48.10 -18.95
C GLN G 176 0.08 -49.25 -19.64
N PRO G 177 0.51 -50.49 -19.36
CA PRO G 177 -0.10 -51.67 -19.99
C PRO G 177 -1.49 -51.95 -19.42
N LEU G 178 -2.31 -52.71 -20.15
CA LEU G 178 -3.64 -53.05 -19.67
C LEU G 178 -3.66 -54.47 -19.07
N LYS G 179 -4.52 -54.67 -18.08
CA LYS G 179 -4.66 -55.97 -17.45
C LYS G 179 -5.54 -56.88 -18.29
N GLU G 180 -5.01 -58.05 -18.63
CA GLU G 180 -5.75 -59.00 -19.47
C GLU G 180 -6.84 -59.69 -18.68
N GLN G 181 -6.64 -59.83 -17.37
CA GLN G 181 -7.66 -60.40 -16.49
C GLN G 181 -7.87 -59.48 -15.28
N PRO G 182 -8.51 -58.32 -15.49
CA PRO G 182 -8.61 -57.26 -14.50
C PRO G 182 -9.24 -57.67 -13.17
N ALA G 183 -9.96 -58.79 -13.14
CA ALA G 183 -10.57 -59.26 -11.90
C ALA G 183 -9.57 -60.05 -11.05
N LEU G 184 -8.40 -60.33 -11.62
CA LEU G 184 -7.36 -61.07 -10.93
C LEU G 184 -6.26 -60.15 -10.37
N ASN G 185 -5.72 -60.51 -9.22
CA ASN G 185 -4.65 -59.74 -8.60
C ASN G 185 -3.29 -60.08 -9.23
N ASP G 186 -3.18 -61.28 -9.78
CA ASP G 186 -1.97 -61.72 -10.45
C ASP G 186 -2.14 -61.64 -11.97
N SER G 187 -3.07 -60.80 -12.40
CA SER G 187 -3.38 -60.62 -13.81
C SER G 187 -2.15 -60.30 -14.64
N ARG G 188 -2.06 -60.91 -15.82
CA ARG G 188 -0.97 -60.62 -16.75
C ARG G 188 -1.30 -59.38 -17.57
N TYR G 189 -0.28 -58.86 -18.26
CA TYR G 189 -0.41 -57.56 -18.90
C TYR G 189 -0.27 -57.62 -20.41
N ALA G 190 -0.70 -56.54 -21.07
CA ALA G 190 -0.57 -56.39 -22.51
C ALA G 190 -0.30 -54.93 -22.86
N LEU G 191 0.49 -54.72 -23.91
CA LEU G 191 0.91 -53.38 -24.29
C LEU G 191 0.86 -53.20 -25.80
N SER G 192 0.31 -52.08 -26.26
CA SER G 192 0.24 -51.82 -27.68
C SER G 192 1.12 -50.63 -28.05
N SER G 193 1.58 -50.61 -29.30
CA SER G 193 2.36 -49.48 -29.80
C SER G 193 2.16 -49.33 -31.30
N ARG G 194 2.19 -48.09 -31.78
CA ARG G 194 1.95 -47.81 -33.18
C ARG G 194 3.14 -47.10 -33.83
N LEU G 195 3.51 -47.57 -35.02
CA LEU G 195 4.46 -46.85 -35.86
C LEU G 195 3.75 -46.42 -37.14
N ARG G 196 3.77 -45.13 -37.43
CA ARG G 196 3.14 -44.63 -38.64
C ARG G 196 4.17 -44.03 -39.59
N VAL G 197 4.09 -44.44 -40.86
CA VAL G 197 4.99 -43.93 -41.89
C VAL G 197 4.23 -43.58 -43.16
N SER G 198 4.95 -43.05 -44.15
CA SER G 198 4.36 -42.77 -45.44
C SER G 198 3.84 -44.06 -46.06
N ALA G 199 2.80 -43.94 -46.89
CA ALA G 199 2.25 -45.10 -47.58
C ALA G 199 3.29 -45.68 -48.52
N THR G 200 4.07 -44.79 -49.15
CA THR G 200 5.10 -45.21 -50.08
C THR G 200 6.33 -45.76 -49.38
N PHE G 201 6.43 -45.52 -48.07
CA PHE G 201 7.51 -46.06 -47.26
C PHE G 201 7.25 -47.54 -46.96
N TRP G 202 6.00 -47.84 -46.62
CA TRP G 202 5.61 -49.21 -46.29
C TRP G 202 5.54 -50.11 -47.51
N GLN G 203 5.11 -49.56 -48.63
CA GLN G 203 4.93 -50.37 -49.84
C GLN G 203 6.26 -50.81 -50.46
N ASN G 204 7.34 -50.22 -49.96
CA ASN G 204 8.69 -50.58 -50.37
C ASN G 204 9.13 -51.88 -49.71
N PRO G 205 9.56 -52.87 -50.52
CA PRO G 205 9.96 -54.17 -49.98
C PRO G 205 11.38 -54.20 -49.43
N ARG G 206 12.10 -53.09 -49.55
CA ARG G 206 13.46 -53.00 -49.05
C ARG G 206 13.50 -52.58 -47.58
N ASN G 207 12.42 -51.98 -47.10
CA ASN G 207 12.39 -51.47 -45.73
C ASN G 207 11.92 -52.50 -44.71
N HIS G 208 12.62 -52.54 -43.58
CA HIS G 208 12.45 -53.56 -42.56
C HIS G 208 11.95 -52.97 -41.24
N PHE G 209 10.91 -53.58 -40.68
CA PHE G 209 10.34 -53.10 -39.43
C PHE G 209 10.37 -54.18 -38.35
N ARG G 210 10.79 -53.79 -37.15
CA ARG G 210 10.87 -54.71 -36.03
C ARG G 210 10.39 -54.05 -34.75
N CYS G 211 9.42 -54.68 -34.09
CA CYS G 211 8.96 -54.19 -32.79
C CYS G 211 9.67 -54.96 -31.68
N GLN G 212 10.48 -54.25 -30.91
CA GLN G 212 11.32 -54.87 -29.89
C GLN G 212 10.82 -54.61 -28.47
N VAL G 213 10.69 -55.67 -27.69
CA VAL G 213 10.27 -55.55 -26.30
C VAL G 213 11.32 -56.13 -25.35
N GLN G 214 11.96 -55.25 -24.59
CA GLN G 214 12.89 -55.70 -23.55
C GLN G 214 12.10 -56.11 -22.33
N PHE G 215 12.25 -57.36 -21.91
CA PHE G 215 11.55 -57.85 -20.73
C PHE G 215 12.51 -58.06 -19.57
N TYR G 216 12.12 -57.62 -18.39
CA TYR G 216 12.91 -57.83 -17.18
C TYR G 216 12.20 -58.82 -16.27
N GLY G 217 12.80 -59.99 -16.10
CA GLY G 217 12.20 -61.04 -15.29
C GLY G 217 13.19 -61.64 -14.33
N LEU G 218 13.24 -62.97 -14.30
CA LEU G 218 14.12 -63.68 -13.39
C LEU G 218 15.59 -63.45 -13.73
N SER G 219 16.44 -63.51 -12.70
CA SER G 219 17.88 -63.39 -12.91
C SER G 219 18.50 -64.78 -13.06
N GLU G 220 19.82 -64.82 -13.16
CA GLU G 220 20.52 -66.08 -13.36
C GLU G 220 20.42 -67.01 -12.15
N ASN G 221 20.53 -66.46 -10.94
CA ASN G 221 20.65 -67.30 -9.75
C ASN G 221 19.33 -67.64 -9.08
N ASP G 222 18.21 -67.25 -9.69
CA ASP G 222 16.90 -67.65 -9.19
C ASP G 222 16.63 -69.09 -9.61
N GLU G 223 16.22 -69.92 -8.66
CA GLU G 223 15.95 -71.33 -8.95
C GLU G 223 14.69 -71.48 -9.80
N TRP G 224 14.75 -72.41 -10.75
CA TRP G 224 13.62 -72.66 -11.64
C TRP G 224 13.42 -74.17 -11.84
N THR G 225 12.31 -74.68 -11.34
CA THR G 225 12.04 -76.12 -11.42
C THR G 225 10.79 -76.43 -12.25
N GLN G 226 9.97 -75.41 -12.50
CA GLN G 226 8.87 -75.55 -13.45
C GLN G 226 9.47 -75.90 -14.81
N ASP G 227 8.85 -76.84 -15.51
CA ASP G 227 9.47 -77.41 -16.70
C ASP G 227 9.25 -76.59 -17.98
N ARG G 228 8.62 -75.43 -17.84
CA ARG G 228 8.55 -74.50 -18.96
C ARG G 228 9.79 -73.60 -18.93
N ALA G 229 10.07 -72.92 -20.03
CA ALA G 229 11.29 -72.12 -20.17
C ALA G 229 11.41 -71.04 -19.09
N LYS G 230 12.60 -70.91 -18.53
CA LYS G 230 12.88 -69.93 -17.48
C LYS G 230 12.67 -68.50 -17.98
N PRO G 231 11.71 -67.78 -17.37
CA PRO G 231 11.35 -66.42 -17.80
C PRO G 231 12.39 -65.38 -17.40
N VAL G 232 13.57 -65.47 -18.00
CA VAL G 232 14.67 -64.56 -17.69
C VAL G 232 14.50 -63.21 -18.37
N THR G 233 15.41 -62.29 -18.04
CA THR G 233 15.49 -61.01 -18.75
C THR G 233 15.88 -61.26 -20.20
N GLN G 234 15.10 -60.72 -21.13
CA GLN G 234 15.31 -61.02 -22.54
C GLN G 234 14.65 -60.00 -23.47
N ILE G 235 15.14 -59.96 -24.71
CA ILE G 235 14.50 -59.18 -25.77
C ILE G 235 13.63 -60.10 -26.62
N VAL G 236 12.39 -59.70 -26.86
CA VAL G 236 11.48 -60.46 -27.69
C VAL G 236 10.97 -59.59 -28.84
N SER G 237 11.13 -60.07 -30.07
CA SER G 237 10.79 -59.27 -31.24
C SER G 237 9.80 -59.94 -32.18
N ALA G 238 9.12 -59.11 -32.97
CA ALA G 238 8.31 -59.56 -34.08
C ALA G 238 8.59 -58.62 -35.25
N GLU G 239 8.45 -59.11 -36.47
CA GLU G 239 8.87 -58.32 -37.62
C GLU G 239 7.85 -58.29 -38.76
N ALA G 240 8.04 -57.35 -39.67
CA ALA G 240 7.25 -57.26 -40.89
C ALA G 240 8.11 -56.71 -42.01
N TRP G 241 7.83 -57.16 -43.24
CA TRP G 241 8.53 -56.64 -44.41
C TRP G 241 7.62 -55.77 -45.24
N GLY G 242 8.14 -54.65 -45.70
CA GLY G 242 7.38 -53.73 -46.52
C GLY G 242 7.11 -54.29 -47.90
N MET H 1 45.26 -12.97 14.90
CA MET H 1 44.23 -13.44 15.81
C MET H 1 44.20 -12.62 17.10
N ILE H 2 43.01 -12.18 17.49
CA ILE H 2 42.86 -11.39 18.70
C ILE H 2 42.24 -12.21 19.84
N GLN H 3 42.99 -12.30 20.94
CA GLN H 3 42.51 -13.01 22.12
C GLN H 3 42.04 -12.01 23.18
N ARG H 4 40.98 -12.37 23.90
CA ARG H 4 40.41 -11.48 24.91
C ARG H 4 40.45 -12.11 26.28
N THR H 5 41.12 -11.44 27.22
CA THR H 5 41.22 -11.93 28.58
C THR H 5 39.84 -11.91 29.25
N PRO H 6 39.61 -12.81 30.21
CA PRO H 6 38.30 -12.80 30.87
C PRO H 6 38.14 -11.65 31.85
N LYS H 7 36.89 -11.26 32.07
CA LYS H 7 36.56 -10.30 33.13
C LYS H 7 35.98 -11.08 34.29
N ILE H 8 36.53 -10.88 35.47
CA ILE H 8 36.17 -11.67 36.64
C ILE H 8 35.49 -10.83 37.70
N GLN H 9 34.22 -11.12 37.96
CA GLN H 9 33.44 -10.37 38.93
C GLN H 9 32.92 -11.29 40.02
N VAL H 10 33.26 -10.98 41.26
CA VAL H 10 32.91 -11.82 42.40
C VAL H 10 32.04 -11.09 43.41
N TYR H 11 30.83 -11.59 43.60
CA TYR H 11 29.81 -10.90 44.38
C TYR H 11 28.84 -11.90 44.99
N SER H 12 28.05 -11.45 45.95
CA SER H 12 27.06 -12.32 46.58
C SER H 12 25.68 -12.12 45.96
N ARG H 13 24.88 -13.18 45.99
CA ARG H 13 23.51 -13.14 45.44
C ARG H 13 22.66 -12.10 46.15
N HIS H 14 22.73 -12.09 47.47
CA HIS H 14 22.05 -11.10 48.29
C HIS H 14 23.08 -10.22 48.98
N PRO H 15 22.70 -8.99 49.35
CA PRO H 15 23.57 -8.13 50.17
C PRO H 15 24.06 -8.90 51.40
N ALA H 16 25.35 -9.21 51.42
CA ALA H 16 25.89 -10.10 52.44
C ALA H 16 26.20 -9.38 53.75
N GLU H 17 26.10 -10.14 54.83
CA GLU H 17 26.56 -9.72 56.13
C GLU H 17 26.92 -10.98 56.93
N ASN H 18 27.89 -10.84 57.84
CA ASN H 18 28.50 -12.01 58.48
C ASN H 18 27.55 -12.78 59.38
N GLY H 19 27.42 -14.07 59.11
CA GLY H 19 26.57 -14.94 59.92
C GLY H 19 25.34 -15.42 59.18
N LYS H 20 24.93 -14.68 58.15
CA LYS H 20 23.75 -15.03 57.38
C LYS H 20 24.12 -15.80 56.11
N SER H 21 23.37 -16.86 55.82
CA SER H 21 23.63 -17.70 54.66
C SER H 21 23.39 -16.96 53.35
N ASN H 22 24.20 -17.28 52.34
CA ASN H 22 24.15 -16.59 51.06
C ASN H 22 24.75 -17.45 49.95
N PHE H 23 24.84 -16.87 48.76
CA PHE H 23 25.54 -17.51 47.64
C PHE H 23 26.63 -16.60 47.11
N LEU H 24 27.82 -17.15 46.89
CA LEU H 24 28.91 -16.38 46.30
C LEU H 24 28.99 -16.66 44.80
N ASN H 25 28.85 -15.61 44.00
CA ASN H 25 28.93 -15.75 42.55
C ASN H 25 30.28 -15.32 42.02
N CYS H 26 30.72 -16.00 40.96
CA CYS H 26 31.88 -15.55 40.20
C CYS H 26 31.50 -15.49 38.73
N TYR H 27 31.27 -14.27 38.25
CA TYR H 27 30.89 -14.07 36.87
C TYR H 27 32.13 -13.86 36.00
N VAL H 28 32.36 -14.80 35.08
CA VAL H 28 33.50 -14.73 34.19
C VAL H 28 33.00 -14.50 32.78
N SER H 29 33.45 -13.42 32.13
CA SER H 29 32.88 -13.05 30.85
C SER H 29 33.88 -12.36 29.91
N GLY H 30 33.45 -12.19 28.67
CA GLY H 30 34.19 -11.42 27.69
C GLY H 30 35.48 -12.07 27.20
N PHE H 31 35.60 -13.38 27.35
CA PHE H 31 36.82 -14.05 26.95
C PHE H 31 36.69 -14.79 25.62
N HIS H 32 37.83 -15.02 24.98
CA HIS H 32 37.92 -15.73 23.72
C HIS H 32 39.37 -16.17 23.52
N PRO H 33 39.60 -17.45 23.14
CA PRO H 33 38.63 -18.51 22.86
C PRO H 33 37.96 -19.12 24.11
N SER H 34 37.25 -20.23 23.91
CA SER H 34 36.31 -20.73 24.91
C SER H 34 36.93 -21.50 26.08
N ASP H 35 38.07 -22.14 25.86
CA ASP H 35 38.71 -22.96 26.88
C ASP H 35 39.08 -22.15 28.12
N ILE H 36 38.36 -22.39 29.22
CA ILE H 36 38.55 -21.62 30.44
C ILE H 36 38.23 -22.48 31.67
N GLU H 37 39.02 -22.33 32.72
CA GLU H 37 38.79 -23.10 33.95
C GLU H 37 38.64 -22.18 35.16
N VAL H 38 37.62 -22.43 35.98
CA VAL H 38 37.26 -21.56 37.08
C VAL H 38 37.10 -22.33 38.40
N ASP H 39 37.69 -21.80 39.47
CA ASP H 39 37.55 -22.38 40.81
C ASP H 39 37.27 -21.32 41.87
N LEU H 40 36.47 -21.68 42.87
CA LEU H 40 36.21 -20.82 44.01
C LEU H 40 37.03 -21.25 45.21
N LEU H 41 37.53 -20.28 45.98
CA LEU H 41 38.45 -20.58 47.08
C LEU H 41 37.92 -20.12 48.44
N LYS H 42 37.89 -21.02 49.41
CA LYS H 42 37.69 -20.64 50.80
C LYS H 42 39.02 -20.66 51.54
N ASN H 43 39.53 -19.46 51.84
CA ASN H 43 40.82 -19.31 52.50
C ASN H 43 41.95 -20.04 51.79
N GLY H 44 41.97 -19.93 50.46
CA GLY H 44 43.04 -20.49 49.65
C GLY H 44 42.73 -21.84 49.04
N GLU H 45 41.86 -22.60 49.71
CA GLU H 45 41.57 -23.97 49.30
C GLU H 45 40.35 -24.01 48.39
N ARG H 46 40.35 -24.95 47.44
CA ARG H 46 39.24 -25.10 46.51
C ARG H 46 37.98 -25.60 47.22
N ILE H 47 36.84 -25.10 46.78
CA ILE H 47 35.54 -25.56 47.24
C ILE H 47 35.03 -26.59 46.23
N GLU H 48 34.28 -27.59 46.66
CA GLU H 48 33.87 -28.64 45.72
C GLU H 48 32.35 -28.67 45.43
N LYS H 49 31.53 -28.19 46.36
CA LYS H 49 30.11 -28.02 46.04
C LYS H 49 29.91 -26.70 45.32
N VAL H 50 30.44 -26.61 44.11
CA VAL H 50 30.32 -25.40 43.31
C VAL H 50 29.53 -25.68 42.04
N GLU H 51 28.39 -25.02 41.90
CA GLU H 51 27.59 -25.16 40.70
C GLU H 51 28.10 -24.23 39.61
N HIS H 52 27.71 -24.52 38.37
CA HIS H 52 28.11 -23.68 37.24
C HIS H 52 27.16 -23.83 36.07
N SER H 53 26.97 -22.74 35.34
CA SER H 53 26.20 -22.77 34.11
C SER H 53 27.05 -23.41 33.03
N ASP H 54 26.43 -23.77 31.91
CA ASP H 54 27.19 -24.18 30.74
C ASP H 54 27.87 -22.95 30.15
N LEU H 55 28.83 -23.16 29.27
CA LEU H 55 29.46 -22.05 28.57
C LEU H 55 28.39 -21.30 27.79
N SER H 56 28.44 -19.97 27.86
CA SER H 56 27.40 -19.17 27.23
C SER H 56 27.98 -18.25 26.14
N PHE H 57 27.11 -17.80 25.25
CA PHE H 57 27.53 -17.03 24.08
C PHE H 57 27.05 -15.59 24.11
N SER H 58 27.94 -14.67 23.73
CA SER H 58 27.59 -13.26 23.65
C SER H 58 27.54 -12.79 22.19
N LYS H 59 26.86 -11.67 21.96
CA LYS H 59 26.67 -11.13 20.61
C LYS H 59 27.98 -10.63 19.99
N ASP H 60 28.95 -10.30 20.84
CA ASP H 60 30.27 -9.87 20.36
C ASP H 60 31.23 -11.05 20.23
N TRP H 61 30.65 -12.26 20.16
CA TRP H 61 31.35 -13.52 19.91
C TRP H 61 32.15 -14.05 21.11
N SER H 62 32.21 -13.27 22.20
CA SER H 62 32.91 -13.72 23.39
C SER H 62 32.05 -14.68 24.21
N PHE H 63 32.62 -15.22 25.27
CA PHE H 63 31.92 -16.21 26.10
C PHE H 63 31.82 -15.78 27.55
N TYR H 64 30.83 -16.31 28.26
CA TYR H 64 30.68 -16.02 29.68
C TYR H 64 30.17 -17.22 30.47
N LEU H 65 30.49 -17.22 31.76
CA LEU H 65 30.13 -18.31 32.66
C LEU H 65 29.72 -17.77 34.03
N LEU H 66 28.95 -18.56 34.77
CA LEU H 66 28.63 -18.22 36.15
C LEU H 66 28.89 -19.41 37.08
N TYR H 67 29.87 -19.25 37.97
CA TYR H 67 30.19 -20.26 38.98
C TYR H 67 29.72 -19.79 40.36
N TYR H 68 29.09 -20.66 41.13
CA TYR H 68 28.61 -20.25 42.45
C TYR H 68 28.50 -21.37 43.48
N THR H 69 28.79 -21.02 44.73
CA THR H 69 28.57 -21.91 45.86
C THR H 69 27.55 -21.31 46.81
N GLU H 70 27.14 -22.10 47.80
CA GLU H 70 26.36 -21.60 48.91
C GLU H 70 27.32 -21.43 50.09
N PHE H 71 27.32 -20.25 50.70
CA PHE H 71 28.28 -19.98 51.77
C PHE H 71 27.74 -19.08 52.86
N THR H 72 28.42 -19.06 54.00
CA THR H 72 28.13 -18.12 55.07
C THR H 72 29.37 -17.27 55.33
N PRO H 73 29.31 -15.99 54.92
CA PRO H 73 30.43 -15.07 55.11
C PRO H 73 30.73 -14.82 56.58
N THR H 74 32.01 -14.75 56.92
CA THR H 74 32.43 -14.38 58.27
C THR H 74 33.52 -13.32 58.17
N GLU H 75 33.78 -12.64 59.29
CA GLU H 75 34.84 -11.64 59.33
C GLU H 75 36.20 -12.29 59.05
N LYS H 76 36.36 -13.51 59.54
CA LYS H 76 37.62 -14.24 59.40
C LYS H 76 37.87 -14.71 57.96
N ASP H 77 36.94 -15.48 57.42
CA ASP H 77 37.12 -16.13 56.12
C ASP H 77 37.38 -15.16 54.97
N GLU H 78 38.10 -15.65 53.95
CA GLU H 78 38.41 -14.88 52.75
C GLU H 78 38.08 -15.72 51.53
N TYR H 79 37.24 -15.18 50.65
CA TYR H 79 36.83 -15.91 49.47
C TYR H 79 37.44 -15.31 48.22
N ALA H 80 37.54 -16.13 47.17
CA ALA H 80 38.16 -15.68 45.93
C ALA H 80 37.68 -16.51 44.74
N CYS H 81 38.03 -16.06 43.55
CA CYS H 81 37.76 -16.82 42.34
C CYS H 81 39.05 -16.93 41.51
N ARG H 82 39.50 -18.15 41.31
CA ARG H 82 40.70 -18.40 40.52
C ARG H 82 40.32 -18.76 39.10
N VAL H 83 40.92 -18.07 38.14
CA VAL H 83 40.58 -18.27 36.73
C VAL H 83 41.83 -18.48 35.89
N ASN H 84 41.80 -19.50 35.04
CA ASN H 84 42.88 -19.72 34.10
C ASN H 84 42.37 -19.66 32.66
N HIS H 85 43.11 -18.95 31.81
CA HIS H 85 42.75 -18.80 30.41
C HIS H 85 44.01 -18.72 29.58
N VAL H 86 43.89 -18.99 28.28
CA VAL H 86 45.05 -18.98 27.38
C VAL H 86 45.75 -17.61 27.39
N THR H 87 45.00 -16.57 27.72
CA THR H 87 45.54 -15.22 27.81
C THR H 87 46.25 -15.03 29.15
N LEU H 88 46.20 -16.04 30.01
CA LEU H 88 46.84 -15.98 31.31
C LEU H 88 47.98 -17.00 31.43
N SER H 89 49.16 -16.53 31.83
CA SER H 89 50.30 -17.41 32.04
C SER H 89 50.14 -18.20 33.33
N GLN H 90 49.72 -17.50 34.39
CA GLN H 90 49.43 -18.12 35.66
C GLN H 90 47.98 -17.83 36.04
N PRO H 91 47.33 -18.77 36.76
CA PRO H 91 45.94 -18.61 37.18
C PRO H 91 45.72 -17.30 37.95
N LYS H 92 44.79 -16.48 37.49
CA LYS H 92 44.50 -15.23 38.17
C LYS H 92 43.53 -15.45 39.34
N ILE H 93 43.87 -14.87 40.49
CA ILE H 93 43.02 -14.98 41.67
C ILE H 93 42.39 -13.65 42.03
N VAL H 94 41.07 -13.59 41.93
CA VAL H 94 40.32 -12.39 42.27
C VAL H 94 39.58 -12.59 43.58
N LYS H 95 39.95 -11.82 44.59
CA LYS H 95 39.34 -11.96 45.91
C LYS H 95 38.06 -11.12 46.04
N TRP H 96 37.13 -11.64 46.83
CA TRP H 96 35.84 -10.99 47.07
C TRP H 96 35.99 -9.73 47.93
N ASP H 97 35.27 -8.67 47.57
CA ASP H 97 35.42 -7.40 48.28
C ASP H 97 34.40 -7.20 49.40
N ARG H 98 33.65 -8.26 49.71
CA ARG H 98 32.65 -8.23 50.79
C ARG H 98 31.60 -7.13 50.60
N ASP H 99 31.21 -6.90 49.34
CA ASP H 99 30.20 -5.91 48.98
C ASP H 99 30.47 -4.55 49.59
N MET H 100 31.63 -3.97 49.28
CA MET H 100 31.99 -2.66 49.81
C MET H 100 32.18 -1.65 48.69
#